data_5IBL
#
_entry.id   5IBL
#
_cell.length_a   54.130
_cell.length_b   104.720
_cell.length_c   116.660
_cell.angle_alpha   101.95
_cell.angle_beta   95.33
_cell.angle_gamma   98.36
#
_symmetry.space_group_name_H-M   'P 1'
#
loop_
_entity.id
_entity.type
_entity.pdbx_description
1 polymer Hemagglutinin
2 polymer Hemagglutinin
3 polymer '6639 Heavy Chain'
4 polymer '6639 Light Chain'
5 non-polymer 2-acetamido-2-deoxy-beta-D-glucopyranose
#
loop_
_entity_poly.entity_id
_entity_poly.type
_entity_poly.pdbx_seq_one_letter_code
_entity_poly.pdbx_strand_id
1 'polypeptide(L)'
;GLFGAIAGFIEGGWTGMVDGWYGYHHQNEQGSGYAADLKSTQNAIDEITNKVNSVIEKMNTQFTAVGKEFNHLEKRIENL
NKKVDDGFLDIWTYNAELLVLLENERTLDYHDSNVKNLYEKVRSQLKNNAKEIGNGCFEFYHKCDNTCMESVKNGTYDYP
KYSEEAKLNREEIDGV
;
A,E
2 'polypeptide(L)'
;ADTLCIGYHANNSTDTVDTVLEKNVTVTHSVNLLEDKHNGKLCKLRGVAPLHLGKCNIAGWILGNPECESLSTASSWSYI
VETPSSDNGTCYPGDFIDYEELREQLSSVSSFERFEIFPKTSSWPNHDSDKGVTAACPHAGAKSFYKNLIWLVKKGNSYP
KLSKSYINDKGKEVLVLWGIHHPSTSADQQSLYQNADAYVFVGSSRYSKTFKPEIAIRPKVRDREGRMNYYWTLVEPGDK
ITFEATGNLVVPRYAFAMERNAGSGIIISDTPVHDCNTTCQTPKGAINTSLPFQNIHPITIGKCPKYVKSTKLRLATGLR
NIPSIQSR
;
B,F
3 'polypeptide(L)'
;EVQLVQSGAEVKKPGESLTISCKGSGYSFSSYWIGWVRRMPGKGLEWMGIINPRDSDTRYSPSFQGQVTISADKSISTAY
LQWSSLKASDTAMYYCARVVADREGFGYYYGMDVWGQGTTVTVSSASTKGPSVFPLAPSSKSTSGGTAALGCLVKDYFPE
PVTVSWNSGALTSGVHTFPAVLQSSGLYSLSSVVTVPSSSLGTQTYICNVNHKPSNTKVDKRVEPKSCDK
;
C,H
4 'polypeptide(L)'
;EIVLTQSPGTLSLSPGEGATLSCRASQSVDSSSLAWYQQKPGQAPRLLIFAGSSRATGIPDRFSGKTSGTDFTLTISRLE
PEDFAVYYCQQCGNSPWTFGQGTKVEIKRTVAAPSVFIFPPSDEQLKSGTASVVCLLNNFYPREAKVQWKVDNALQSGNS
QESVTEQDSKDSTYSLSSTLTLSKADYEKHKVYACEVTHQGLSSPVTKSFNRGEC
;
D,L
#
loop_
_chem_comp.id
_chem_comp.type
_chem_comp.name
_chem_comp.formula
NAG D-saccharide, beta linking 2-acetamido-2-deoxy-beta-D-glucopyranose 'C8 H15 N O6'
#
# COMPACT_ATOMS: atom_id res chain seq x y z
N THR A 15 -34.03 15.70 8.69
CA THR A 15 -34.19 14.70 7.63
C THR A 15 -35.06 15.20 6.46
N GLY A 16 -36.17 15.85 6.78
CA GLY A 16 -37.11 16.37 5.80
C GLY A 16 -36.62 17.52 4.93
N MET A 17 -35.62 18.29 5.42
CA MET A 17 -35.07 19.46 4.70
C MET A 17 -34.30 19.06 3.45
N VAL A 18 -34.56 19.79 2.35
CA VAL A 18 -33.92 19.60 1.03
C VAL A 18 -33.38 20.93 0.45
N ASP A 19 -33.38 22.00 1.27
CA ASP A 19 -32.90 23.32 0.90
C ASP A 19 -31.73 23.76 1.78
N ALA A 36 -31.90 26.31 6.37
CA ALA A 36 -30.52 25.90 6.13
C ALA A 36 -29.65 27.10 5.75
N ASP A 37 -28.47 27.23 6.38
CA ASP A 37 -27.53 28.32 6.12
C ASP A 37 -26.79 28.05 4.81
N LEU A 38 -26.92 28.98 3.84
CA LEU A 38 -26.32 28.88 2.51
C LEU A 38 -24.79 28.96 2.51
N LYS A 39 -24.18 29.91 3.28
CA LYS A 39 -22.72 30.07 3.37
C LYS A 39 -22.01 28.82 3.89
N SER A 40 -22.62 28.11 4.86
CA SER A 40 -22.08 26.89 5.45
C SER A 40 -22.09 25.71 4.44
N THR A 41 -23.26 25.42 3.83
CA THR A 41 -23.39 24.36 2.85
C THR A 41 -22.64 24.68 1.55
N GLN A 42 -22.62 25.97 1.13
CA GLN A 42 -21.93 26.44 -0.08
C GLN A 42 -20.42 26.18 0.04
N ASN A 43 -19.82 26.51 1.21
CA ASN A 43 -18.39 26.28 1.49
C ASN A 43 -18.07 24.80 1.68
N ALA A 44 -19.10 23.99 2.06
CA ALA A 44 -18.97 22.55 2.23
C ALA A 44 -18.98 21.85 0.85
N ILE A 45 -20.00 22.16 -0.01
CA ILE A 45 -20.14 21.66 -1.38
C ILE A 45 -18.85 21.92 -2.17
N ASP A 46 -18.32 23.16 -2.08
CA ASP A 46 -17.09 23.62 -2.72
C ASP A 46 -15.87 22.82 -2.23
N GLU A 47 -15.71 22.68 -0.89
CA GLU A 47 -14.61 21.91 -0.27
C GLU A 47 -14.67 20.42 -0.61
N ILE A 48 -15.90 19.87 -0.78
CA ILE A 48 -16.11 18.47 -1.14
C ILE A 48 -15.69 18.24 -2.59
N THR A 49 -16.31 18.99 -3.54
CA THR A 49 -16.05 18.91 -4.99
C THR A 49 -14.57 19.12 -5.34
N ASN A 50 -13.86 19.95 -4.56
CA ASN A 50 -12.43 20.19 -4.74
C ASN A 50 -11.59 19.04 -4.18
N LYS A 51 -12.06 18.40 -3.07
CA LYS A 51 -11.45 17.25 -2.41
C LYS A 51 -11.60 15.99 -3.29
N VAL A 52 -12.71 15.94 -4.08
CA VAL A 52 -13.06 14.86 -5.02
C VAL A 52 -12.13 14.90 -6.25
N ASN A 53 -12.00 16.08 -6.89
CA ASN A 53 -11.13 16.28 -8.06
C ASN A 53 -9.65 16.08 -7.72
N SER A 54 -9.28 16.38 -6.46
CA SER A 54 -7.91 16.23 -5.96
C SER A 54 -7.56 14.79 -5.64
N VAL A 55 -8.54 14.00 -5.13
CA VAL A 55 -8.30 12.59 -4.80
C VAL A 55 -8.22 11.73 -6.08
N ILE A 56 -8.94 12.13 -7.15
CA ILE A 56 -8.91 11.46 -8.45
C ILE A 56 -7.51 11.73 -9.02
N GLU A 57 -7.03 12.99 -8.88
CA GLU A 57 -5.70 13.45 -9.30
C GLU A 57 -4.63 12.67 -8.52
N LYS A 58 -4.82 12.55 -7.18
CA LYS A 58 -3.91 11.85 -6.27
C LYS A 58 -3.80 10.36 -6.57
N MET A 59 -4.87 9.76 -7.13
CA MET A 59 -4.86 8.35 -7.52
C MET A 59 -4.19 8.19 -8.89
N ASN A 60 -4.54 9.08 -9.84
CA ASN A 60 -3.98 9.11 -11.20
C ASN A 60 -2.47 9.35 -11.16
N THR A 61 -2.00 10.24 -10.26
CA THR A 61 -0.57 10.51 -10.11
C THR A 61 0.10 9.34 -9.39
N GLN A 62 -0.66 8.61 -8.54
CA GLN A 62 -0.15 7.44 -7.81
C GLN A 62 -0.01 6.24 -8.71
N PHE A 63 -0.91 6.09 -9.71
CA PHE A 63 -0.83 5.00 -10.68
C PHE A 63 0.44 5.18 -11.52
N THR A 64 0.74 6.45 -11.89
CA THR A 64 1.91 6.88 -12.65
C THR A 64 3.16 6.66 -11.79
N ALA A 65 3.05 6.95 -10.47
CA ALA A 65 4.11 6.76 -9.48
C ALA A 65 4.42 5.26 -9.33
N VAL A 66 3.35 4.39 -9.40
CA VAL A 66 3.50 2.93 -9.38
C VAL A 66 3.89 2.47 -10.82
N GLY A 67 4.99 3.05 -11.29
CA GLY A 67 5.63 2.77 -12.57
C GLY A 67 6.88 1.99 -12.25
N LYS A 68 6.77 1.10 -11.25
CA LYS A 68 7.82 0.21 -10.74
C LYS A 68 7.86 -1.08 -11.55
N GLU A 69 8.49 -0.98 -12.75
CA GLU A 69 8.69 -2.04 -13.73
C GLU A 69 10.14 -2.06 -14.20
N LYS A 83 1.47 -12.86 -14.62
CA LYS A 83 2.15 -12.89 -13.32
C LYS A 83 3.15 -11.74 -13.17
N VAL A 84 3.82 -11.38 -14.29
CA VAL A 84 4.82 -10.31 -14.36
C VAL A 84 4.10 -8.97 -14.09
N ASP A 85 3.25 -8.52 -15.04
CA ASP A 85 2.45 -7.29 -14.93
C ASP A 85 1.38 -7.42 -13.83
N ASP A 86 0.95 -8.67 -13.51
CA ASP A 86 -0.04 -8.98 -12.47
C ASP A 86 0.48 -8.65 -11.07
N GLY A 87 1.80 -8.75 -10.88
CA GLY A 87 2.48 -8.41 -9.63
C GLY A 87 2.20 -6.96 -9.23
N PHE A 88 2.47 -6.02 -10.16
CA PHE A 88 2.20 -4.58 -10.02
C PHE A 88 0.70 -4.31 -9.88
N LEU A 89 -0.12 -4.99 -10.70
CA LEU A 89 -1.57 -4.84 -10.76
C LEU A 89 -2.21 -4.92 -9.38
N ASP A 90 -1.88 -5.98 -8.60
CA ASP A 90 -2.39 -6.20 -7.24
C ASP A 90 -2.00 -5.06 -6.28
N ILE A 91 -0.79 -4.48 -6.44
CA ILE A 91 -0.24 -3.40 -5.64
C ILE A 91 -1.07 -2.11 -5.77
N TRP A 92 -1.17 -1.57 -7.00
CA TRP A 92 -1.92 -0.35 -7.36
C TRP A 92 -3.39 -0.41 -6.97
N THR A 93 -4.07 -1.54 -7.25
CA THR A 93 -5.49 -1.77 -6.96
C THR A 93 -5.80 -1.64 -5.46
N TYR A 94 -4.85 -2.00 -4.58
CA TYR A 94 -5.03 -1.85 -3.14
C TYR A 94 -4.72 -0.40 -2.73
N ASN A 95 -3.71 0.23 -3.37
CA ASN A 95 -3.30 1.61 -3.11
C ASN A 95 -4.40 2.60 -3.54
N ALA A 96 -5.12 2.27 -4.63
CA ALA A 96 -6.23 3.08 -5.14
C ALA A 96 -7.43 2.94 -4.20
N GLU A 97 -7.68 1.71 -3.69
CA GLU A 97 -8.75 1.42 -2.75
C GLU A 97 -8.46 2.12 -1.42
N LEU A 98 -7.18 2.10 -0.99
CA LEU A 98 -6.66 2.72 0.23
C LEU A 98 -6.99 4.21 0.30
N LEU A 99 -6.73 4.97 -0.80
CA LEU A 99 -6.99 6.40 -0.90
C LEU A 99 -8.46 6.75 -0.76
N VAL A 100 -9.35 5.88 -1.29
CA VAL A 100 -10.80 6.03 -1.21
C VAL A 100 -11.27 5.84 0.24
N LEU A 101 -10.85 4.73 0.90
CA LEU A 101 -11.17 4.42 2.30
C LEU A 101 -10.64 5.49 3.25
N LEU A 102 -9.49 6.09 2.88
CA LEU A 102 -8.82 7.14 3.64
C LEU A 102 -9.49 8.51 3.45
N GLU A 103 -9.83 8.89 2.21
CA GLU A 103 -10.46 10.20 1.97
C GLU A 103 -11.93 10.21 2.40
N ASN A 104 -12.61 9.03 2.47
CA ASN A 104 -13.98 8.87 2.96
C ASN A 104 -14.01 9.06 4.48
N GLU A 105 -12.96 8.56 5.18
CA GLU A 105 -12.79 8.69 6.62
C GLU A 105 -12.62 10.18 6.95
N ARG A 106 -11.86 10.91 6.10
CA ARG A 106 -11.60 12.35 6.22
C ARG A 106 -12.82 13.22 5.86
N THR A 107 -13.69 12.75 4.93
CA THR A 107 -14.90 13.48 4.50
C THR A 107 -15.95 13.48 5.61
N LEU A 108 -16.27 12.28 6.16
CA LEU A 108 -17.25 12.10 7.23
C LEU A 108 -16.83 12.77 8.54
N ASP A 109 -15.52 12.84 8.79
CA ASP A 109 -14.97 13.50 9.97
C ASP A 109 -14.98 15.03 9.75
N TYR A 110 -14.94 15.49 8.47
CA TYR A 110 -14.99 16.91 8.09
C TYR A 110 -16.40 17.46 8.28
N HIS A 111 -17.44 16.70 7.86
CA HIS A 111 -18.85 17.06 7.99
C HIS A 111 -19.24 17.18 9.46
N ASP A 112 -18.80 16.19 10.27
CA ASP A 112 -19.00 16.08 11.72
C ASP A 112 -18.46 17.34 12.42
N SER A 113 -17.26 17.81 12.00
CA SER A 113 -16.59 18.99 12.53
C SER A 113 -17.33 20.28 12.18
N ASN A 114 -18.04 20.31 11.04
CA ASN A 114 -18.80 21.49 10.62
C ASN A 114 -20.11 21.63 11.38
N VAL A 115 -20.74 20.49 11.72
CA VAL A 115 -22.01 20.40 12.47
C VAL A 115 -21.81 21.02 13.87
N LYS A 116 -20.77 20.56 14.59
CA LYS A 116 -20.40 21.02 15.93
C LYS A 116 -20.04 22.50 15.94
N ASN A 117 -19.31 22.97 14.90
CA ASN A 117 -18.91 24.37 14.76
C ASN A 117 -20.08 25.30 14.42
N LEU A 118 -21.14 24.76 13.78
CA LEU A 118 -22.33 25.55 13.47
C LEU A 118 -23.16 25.75 14.75
N TYR A 119 -23.23 24.70 15.60
CA TYR A 119 -23.92 24.74 16.90
C TYR A 119 -23.15 25.67 17.85
N GLU A 120 -21.81 25.66 17.77
CA GLU A 120 -20.93 26.49 18.58
C GLU A 120 -20.98 27.98 18.17
N LYS A 121 -21.50 28.30 16.97
CA LYS A 121 -21.67 29.67 16.50
C LYS A 121 -22.92 30.27 17.17
N VAL A 122 -24.02 29.49 17.22
CA VAL A 122 -25.31 29.84 17.83
C VAL A 122 -25.18 29.92 19.36
N ARG A 123 -24.50 28.92 19.97
CA ARG A 123 -24.27 28.81 21.41
C ARG A 123 -23.37 29.96 21.95
N SER A 124 -22.42 30.46 21.12
CA SER A 124 -21.53 31.57 21.49
C SER A 124 -22.23 32.94 21.43
N GLN A 125 -23.32 33.03 20.64
CA GLN A 125 -24.12 34.25 20.48
C GLN A 125 -25.18 34.39 21.61
N LEU A 126 -25.49 33.28 22.31
CA LEU A 126 -26.48 33.23 23.38
C LEU A 126 -25.82 32.85 24.70
N CYS A 148 -36.01 38.66 13.62
CA CYS A 148 -36.08 38.00 14.92
C CYS A 148 -35.04 36.88 15.04
N MET A 149 -35.12 35.89 14.13
CA MET A 149 -34.24 34.71 14.07
C MET A 149 -32.98 34.97 13.24
N GLU A 150 -33.09 35.88 12.24
CA GLU A 150 -32.03 36.28 11.31
C GLU A 150 -30.80 36.92 11.97
N SER A 151 -30.94 37.46 13.21
CA SER A 151 -29.85 38.08 13.98
C SER A 151 -28.81 37.04 14.43
N VAL A 152 -29.26 35.82 14.80
CA VAL A 152 -28.43 34.69 15.22
C VAL A 152 -27.71 34.13 13.98
N LYS A 153 -28.45 33.99 12.86
CA LYS A 153 -27.96 33.50 11.57
C LYS A 153 -26.86 34.42 11.03
N ASN A 154 -27.04 35.75 11.13
CA ASN A 154 -26.08 36.77 10.68
C ASN A 154 -25.14 37.14 11.82
N TYR A 159 -27.59 38.88 21.90
CA TYR A 159 -27.92 38.64 23.30
C TYR A 159 -28.32 39.92 24.09
N PRO A 160 -27.67 41.12 23.95
CA PRO A 160 -28.09 42.28 24.77
C PRO A 160 -29.52 42.79 24.53
N LYS A 161 -30.13 42.49 23.37
CA LYS A 161 -31.50 42.89 23.04
C LYS A 161 -32.53 42.10 23.87
N TYR A 162 -32.22 40.83 24.17
CA TYR A 162 -33.09 39.91 24.93
C TYR A 162 -32.51 39.47 26.30
N SER A 163 -31.37 40.07 26.73
CA SER A 163 -30.68 39.76 27.99
C SER A 163 -31.53 40.05 29.23
N GLU A 164 -32.25 41.18 29.23
CA GLU A 164 -33.13 41.59 30.33
C GLU A 164 -34.38 40.71 30.45
N GLU A 165 -34.88 40.21 29.29
CA GLU A 165 -36.05 39.33 29.17
C GLU A 165 -35.75 37.95 29.78
N ALA A 166 -34.52 37.46 29.55
CA ALA A 166 -34.04 36.15 30.02
C ALA A 166 -33.94 36.06 31.54
N LYS A 167 -33.48 37.14 32.22
CA LYS A 167 -33.34 37.19 33.67
C LYS A 167 -34.68 37.07 34.40
N LEU A 168 -35.75 37.65 33.82
CA LEU A 168 -37.12 37.59 34.35
C LEU A 168 -37.65 36.16 34.28
N ASN A 169 -37.27 35.42 33.21
CA ASN A 169 -37.66 34.03 32.96
C ASN A 169 -36.76 33.01 33.68
N ARG A 170 -35.51 33.41 34.00
CA ARG A 170 -34.55 32.57 34.73
C ARG A 170 -34.86 32.57 36.24
N GLU A 171 -35.23 33.75 36.79
CA GLU A 171 -35.59 33.94 38.20
C GLU A 171 -36.90 33.24 38.58
N GLU A 172 -37.94 33.32 37.72
CA GLU A 172 -39.25 32.69 37.93
C GLU A 172 -39.21 31.15 37.80
N ILE A 173 -38.19 30.61 37.10
CA ILE A 173 -38.00 29.17 36.89
C ILE A 173 -37.09 28.57 38.00
N ASP A 174 -35.99 29.25 38.34
CA ASP A 174 -35.05 28.79 39.38
C ASP A 174 -35.57 29.07 40.79
N ASN B 11 -32.01 12.76 2.12
CA ASN B 11 -31.35 11.65 2.84
C ASN B 11 -31.76 10.28 2.29
N ASN B 12 -32.78 10.27 1.42
CA ASN B 12 -33.47 9.12 0.79
C ASN B 12 -32.58 8.02 0.19
N SER B 13 -31.39 8.37 -0.35
CA SER B 13 -30.51 7.41 -1.02
C SER B 13 -29.90 6.36 -0.10
N THR B 14 -29.96 5.08 -0.55
CA THR B 14 -29.43 3.90 0.15
C THR B 14 -27.93 3.65 -0.18
N ASP B 15 -27.29 4.58 -0.93
CA ASP B 15 -25.86 4.56 -1.35
C ASP B 15 -24.95 4.12 -0.21
N THR B 16 -23.94 3.28 -0.49
CA THR B 16 -23.05 2.82 0.58
C THR B 16 -21.56 3.05 0.26
N VAL B 17 -20.82 3.56 1.27
CA VAL B 17 -19.38 3.85 1.20
C VAL B 17 -18.62 3.00 2.22
N ASP B 18 -17.31 2.81 2.02
CA ASP B 18 -16.48 2.03 2.93
C ASP B 18 -15.26 2.81 3.41
N THR B 19 -14.83 2.54 4.66
CA THR B 19 -13.67 3.17 5.30
C THR B 19 -12.65 2.12 5.76
N VAL B 20 -11.49 2.58 6.26
CA VAL B 20 -10.39 1.74 6.74
C VAL B 20 -10.82 0.88 7.94
N LEU B 21 -11.59 1.46 8.87
CA LEU B 21 -12.06 0.80 10.09
C LEU B 21 -13.29 -0.12 9.86
N GLU B 22 -14.46 0.48 9.52
CA GLU B 22 -15.72 -0.25 9.28
C GLU B 22 -16.15 -0.26 7.81
N LYS B 23 -16.81 -1.35 7.39
CA LYS B 23 -17.28 -1.55 6.02
C LYS B 23 -18.80 -1.42 5.90
N ASN B 24 -19.28 -1.02 4.70
CA ASN B 24 -20.69 -0.82 4.30
C ASN B 24 -21.46 0.16 5.21
N VAL B 25 -21.21 1.48 5.00
CA VAL B 25 -21.85 2.56 5.74
C VAL B 25 -22.73 3.38 4.78
N THR B 26 -24.04 3.49 5.10
CA THR B 26 -25.01 4.23 4.27
C THR B 26 -24.67 5.73 4.25
N VAL B 27 -24.70 6.34 3.06
CA VAL B 27 -24.37 7.76 2.87
C VAL B 27 -25.36 8.45 1.89
N THR B 28 -25.69 9.71 2.21
CA THR B 28 -26.60 10.58 1.46
C THR B 28 -26.00 11.00 0.10
N HIS B 29 -25.01 11.92 0.11
CA HIS B 29 -24.33 12.44 -1.08
C HIS B 29 -23.02 11.72 -1.38
N SER B 30 -23.02 10.88 -2.42
CA SER B 30 -21.85 10.09 -2.83
C SER B 30 -21.79 9.85 -4.34
N VAL B 31 -20.57 9.85 -4.91
CA VAL B 31 -20.33 9.65 -6.33
C VAL B 31 -19.46 8.40 -6.59
N ASN B 32 -19.77 7.66 -7.67
CA ASN B 32 -19.02 6.46 -8.11
C ASN B 32 -17.74 6.88 -8.84
N LEU B 33 -16.80 5.94 -9.05
CA LEU B 33 -15.53 6.18 -9.75
C LEU B 33 -15.25 5.07 -10.75
N LEU B 34 -15.83 3.89 -10.50
CA LEU B 34 -15.64 2.68 -11.27
C LEU B 34 -16.74 2.42 -12.30
N GLU B 35 -16.33 1.98 -13.51
CA GLU B 35 -17.23 1.59 -14.59
C GLU B 35 -17.03 0.11 -14.87
N ASP B 36 -18.09 -0.68 -14.64
CA ASP B 36 -18.13 -2.13 -14.80
C ASP B 36 -18.88 -2.56 -16.06
N LYS B 37 -19.75 -1.67 -16.58
CA LYS B 37 -20.57 -1.94 -17.76
C LYS B 37 -19.83 -1.65 -19.08
N HIS B 38 -20.02 -2.54 -20.09
CA HIS B 38 -19.42 -2.46 -21.43
C HIS B 38 -20.17 -3.38 -22.42
N ASN B 39 -20.03 -3.09 -23.74
CA ASN B 39 -20.62 -3.89 -24.81
C ASN B 39 -19.57 -4.90 -25.28
N GLY B 40 -20.00 -6.03 -25.80
CA GLY B 40 -19.09 -7.05 -26.31
C GLY B 40 -18.45 -6.70 -27.64
N LYS B 41 -18.85 -5.55 -28.22
CA LYS B 41 -18.39 -5.05 -29.52
C LYS B 41 -17.05 -4.35 -29.45
N LEU B 42 -16.25 -4.46 -30.53
CA LEU B 42 -14.96 -3.78 -30.72
C LEU B 42 -15.23 -2.62 -31.70
N CYS B 43 -15.73 -1.51 -31.17
CA CYS B 43 -16.10 -0.32 -31.93
C CYS B 43 -14.90 0.41 -32.51
N LYS B 44 -15.13 1.18 -33.59
CA LYS B 44 -14.11 2.00 -34.26
C LYS B 44 -13.73 3.13 -33.33
N LEU B 45 -12.43 3.37 -33.14
CA LEU B 45 -11.98 4.45 -32.26
C LEU B 45 -12.10 5.79 -32.97
N ARG B 46 -12.76 6.77 -32.32
CA ARG B 46 -13.01 8.14 -32.77
C ARG B 46 -13.29 8.26 -34.29
N GLY B 47 -14.14 7.36 -34.79
CA GLY B 47 -14.50 7.34 -36.20
C GLY B 47 -13.71 6.38 -37.06
N VAL B 48 -12.35 6.41 -36.96
CA VAL B 48 -11.42 5.57 -37.73
C VAL B 48 -11.56 4.07 -37.37
N ALA B 49 -11.68 3.22 -38.40
CA ALA B 49 -11.87 1.78 -38.28
C ALA B 49 -10.58 1.00 -37.92
N PRO B 50 -10.65 -0.10 -37.12
CA PRO B 50 -9.43 -0.84 -36.80
C PRO B 50 -9.00 -1.80 -37.90
N LEU B 51 -7.76 -2.31 -37.81
CA LEU B 51 -7.18 -3.25 -38.77
C LEU B 51 -7.28 -4.67 -38.20
N HIS B 52 -8.28 -5.44 -38.65
CA HIS B 52 -8.48 -6.82 -38.20
C HIS B 52 -7.82 -7.81 -39.15
N LEU B 53 -6.97 -8.67 -38.59
CA LEU B 53 -6.23 -9.69 -39.31
C LEU B 53 -6.72 -11.08 -38.90
N GLY B 54 -7.83 -11.51 -39.47
CA GLY B 54 -8.39 -12.83 -39.22
C GLY B 54 -7.60 -13.87 -39.99
N LYS B 55 -7.39 -15.07 -39.39
CA LYS B 55 -6.61 -16.16 -40.00
C LYS B 55 -5.25 -15.66 -40.52
N CYS B 56 -4.63 -14.74 -39.75
CA CYS B 56 -3.35 -14.09 -40.01
C CYS B 56 -2.86 -13.38 -38.74
N ASN B 57 -1.54 -13.30 -38.55
CA ASN B 57 -0.95 -12.57 -37.42
C ASN B 57 -0.22 -11.34 -37.98
N ILE B 58 0.27 -10.43 -37.11
CA ILE B 58 1.02 -9.24 -37.56
C ILE B 58 2.19 -9.63 -38.48
N ALA B 59 2.99 -10.66 -38.08
CA ALA B 59 4.15 -11.16 -38.84
C ALA B 59 3.85 -11.52 -40.28
N GLY B 60 2.73 -12.22 -40.52
CA GLY B 60 2.30 -12.63 -41.85
C GLY B 60 1.91 -11.45 -42.70
N TRP B 61 1.20 -10.50 -42.08
CA TRP B 61 0.72 -9.28 -42.69
C TRP B 61 1.84 -8.31 -43.02
N ILE B 62 2.83 -8.19 -42.14
CA ILE B 62 3.94 -7.28 -42.32
C ILE B 62 5.00 -7.85 -43.30
N LEU B 63 5.20 -9.18 -43.35
CA LEU B 63 6.16 -9.83 -44.27
C LEU B 63 5.58 -9.94 -45.68
N GLY B 64 4.26 -10.10 -45.77
CA GLY B 64 3.55 -10.25 -47.02
C GLY B 64 3.28 -11.69 -47.37
N ASN B 65 2.95 -12.52 -46.35
CA ASN B 65 2.60 -13.94 -46.51
C ASN B 65 1.43 -14.05 -47.51
N PRO B 66 1.58 -14.83 -48.60
CA PRO B 66 0.53 -14.88 -49.63
C PRO B 66 -0.87 -15.31 -49.16
N GLU B 67 -0.96 -16.02 -48.01
CA GLU B 67 -2.21 -16.48 -47.39
C GLU B 67 -3.05 -15.28 -46.88
N CYS B 68 -2.42 -14.07 -46.79
CA CYS B 68 -2.99 -12.80 -46.34
C CYS B 68 -2.83 -11.74 -47.44
N ALA B 74 -4.91 -2.24 -46.25
CA ALA B 74 -5.49 -1.02 -45.67
C ALA B 74 -4.40 -0.13 -45.06
N SER B 75 -4.45 1.18 -45.40
CA SER B 75 -3.50 2.22 -44.97
C SER B 75 -3.80 2.86 -43.61
N SER B 76 -5.06 3.26 -43.38
CA SER B 76 -5.47 3.94 -42.15
C SER B 76 -6.22 3.05 -41.18
N TRP B 77 -5.83 3.12 -39.88
CA TRP B 77 -6.44 2.38 -38.79
C TRP B 77 -6.26 3.06 -37.44
N SER B 78 -7.13 2.70 -36.49
CA SER B 78 -7.17 3.22 -35.12
C SER B 78 -6.40 2.32 -34.15
N TYR B 79 -6.41 0.98 -34.40
CA TYR B 79 -5.75 -0.08 -33.63
C TYR B 79 -5.71 -1.41 -34.39
N ILE B 80 -4.73 -2.28 -34.08
CA ILE B 80 -4.62 -3.56 -34.77
C ILE B 80 -5.24 -4.67 -33.96
N VAL B 81 -6.12 -5.43 -34.60
CA VAL B 81 -6.79 -6.59 -33.99
C VAL B 81 -6.16 -7.86 -34.59
N GLU B 82 -6.02 -8.88 -33.76
CA GLU B 82 -5.49 -10.20 -34.13
C GLU B 82 -6.29 -11.27 -33.39
N THR B 83 -6.68 -12.31 -34.12
CA THR B 83 -7.39 -13.44 -33.54
C THR B 83 -6.33 -14.26 -32.78
N PRO B 84 -6.58 -14.72 -31.54
CA PRO B 84 -5.57 -15.54 -30.85
C PRO B 84 -5.29 -16.86 -31.58
N SER B 85 -6.35 -17.41 -32.20
CA SER B 85 -6.39 -18.64 -32.99
C SER B 85 -5.58 -18.54 -34.30
N SER B 86 -5.33 -17.31 -34.79
CA SER B 86 -4.57 -17.04 -36.02
C SER B 86 -3.09 -17.35 -35.86
N ASP B 87 -2.60 -18.31 -36.64
CA ASP B 87 -1.21 -18.77 -36.63
C ASP B 87 -0.50 -18.52 -37.97
N ASN B 88 -1.24 -17.99 -38.98
CA ASN B 88 -0.76 -17.71 -40.33
C ASN B 88 0.20 -16.49 -40.39
N GLY B 89 1.50 -16.81 -40.36
CA GLY B 89 2.60 -15.85 -40.38
C GLY B 89 3.75 -16.24 -41.27
N THR B 90 4.75 -16.94 -40.70
CA THR B 90 5.95 -17.37 -41.42
C THR B 90 5.70 -18.70 -42.14
N CYS B 91 5.36 -18.62 -43.44
CA CYS B 91 5.11 -19.78 -44.31
C CYS B 91 6.42 -20.56 -44.45
N TYR B 92 7.53 -19.85 -44.61
CA TYR B 92 8.85 -20.48 -44.66
C TYR B 92 9.30 -20.56 -43.20
N PRO B 93 9.75 -21.73 -42.70
CA PRO B 93 10.14 -21.83 -41.28
C PRO B 93 11.32 -20.95 -40.90
N GLY B 94 11.32 -20.44 -39.69
CA GLY B 94 12.41 -19.60 -39.20
C GLY B 94 12.16 -18.90 -37.90
N ASP B 95 12.94 -17.84 -37.64
CA ASP B 95 12.80 -17.05 -36.42
C ASP B 95 12.68 -15.58 -36.73
N PHE B 96 11.58 -14.95 -36.28
CA PHE B 96 11.35 -13.53 -36.46
C PHE B 96 12.03 -12.84 -35.29
N ILE B 97 13.12 -12.15 -35.60
CA ILE B 97 13.97 -11.47 -34.62
C ILE B 97 13.31 -10.18 -34.19
N ASP B 98 13.28 -9.95 -32.85
CA ASP B 98 12.67 -8.78 -32.22
C ASP B 98 11.20 -8.61 -32.69
N TYR B 99 10.49 -9.74 -32.85
CA TYR B 99 9.09 -9.72 -33.29
C TYR B 99 8.22 -9.02 -32.26
N GLU B 100 8.41 -9.38 -30.98
CA GLU B 100 7.69 -8.79 -29.85
C GLU B 100 8.00 -7.29 -29.82
N GLU B 101 9.29 -6.93 -30.05
CA GLU B 101 9.77 -5.56 -30.11
C GLU B 101 9.18 -4.80 -31.31
N LEU B 102 8.83 -5.53 -32.42
CA LEU B 102 8.19 -4.96 -33.61
C LEU B 102 6.74 -4.61 -33.32
N ARG B 103 6.04 -5.47 -32.52
CA ARG B 103 4.66 -5.25 -32.12
C ARG B 103 4.61 -3.96 -31.30
N GLU B 104 5.58 -3.79 -30.37
CA GLU B 104 5.72 -2.60 -29.51
C GLU B 104 5.85 -1.33 -30.37
N GLN B 105 6.62 -1.41 -31.48
CA GLN B 105 6.82 -0.29 -32.39
C GLN B 105 5.60 -0.06 -33.28
N LEU B 106 4.93 -1.14 -33.70
CA LEU B 106 3.75 -1.05 -34.55
C LEU B 106 2.47 -0.78 -33.74
N SER B 107 2.55 -0.73 -32.39
CA SER B 107 1.42 -0.45 -31.49
C SER B 107 0.79 0.87 -31.89
N SER B 108 1.59 1.95 -31.83
CA SER B 108 1.21 3.31 -32.16
C SER B 108 1.52 3.64 -33.65
N VAL B 109 0.54 3.41 -34.56
CA VAL B 109 0.67 3.68 -36.01
C VAL B 109 -0.60 4.34 -36.58
N SER B 110 -0.45 5.59 -37.08
CA SER B 110 -1.54 6.36 -37.69
C SER B 110 -1.56 6.05 -39.20
N SER B 111 -0.76 6.77 -40.02
CA SER B 111 -0.63 6.61 -41.48
C SER B 111 0.25 5.39 -41.82
N PHE B 112 0.29 5.01 -43.12
CA PHE B 112 1.06 3.87 -43.60
C PHE B 112 1.17 3.88 -45.13
N GLU B 113 2.40 3.95 -45.65
CA GLU B 113 2.67 3.88 -47.09
C GLU B 113 3.56 2.69 -47.38
N ARG B 114 3.05 1.75 -48.16
CA ARG B 114 3.81 0.58 -48.62
C ARG B 114 4.36 1.00 -49.97
N PHE B 115 5.69 0.92 -50.15
CA PHE B 115 6.34 1.32 -51.41
C PHE B 115 7.41 0.35 -51.85
N GLU B 116 7.62 0.24 -53.17
CA GLU B 116 8.67 -0.61 -53.73
C GLU B 116 10.01 0.07 -53.46
N ILE B 117 10.64 -0.30 -52.32
CA ILE B 117 11.93 0.25 -51.87
C ILE B 117 13.03 -0.10 -52.87
N PHE B 118 13.08 -1.39 -53.27
CA PHE B 118 14.01 -1.94 -54.24
C PHE B 118 13.16 -2.76 -55.22
N PRO B 119 12.60 -2.11 -56.27
CA PRO B 119 11.72 -2.83 -57.23
C PRO B 119 12.33 -4.04 -57.92
N LYS B 120 11.56 -5.15 -57.99
CA LYS B 120 11.95 -6.44 -58.59
C LYS B 120 12.50 -6.31 -60.02
N THR B 121 11.93 -5.38 -60.81
CA THR B 121 12.33 -5.09 -62.19
C THR B 121 13.82 -4.71 -62.29
N SER B 122 14.16 -3.47 -61.89
CA SER B 122 15.50 -2.89 -61.96
C SER B 122 16.49 -3.39 -60.89
N SER B 123 16.34 -2.92 -59.63
CA SER B 123 17.18 -3.12 -58.44
C SER B 123 18.15 -4.31 -58.42
N TRP B 124 17.71 -5.51 -58.82
CA TRP B 124 18.56 -6.71 -58.79
C TRP B 124 18.81 -7.23 -60.21
N PRO B 125 19.83 -6.71 -60.93
CA PRO B 125 20.06 -7.13 -62.32
C PRO B 125 21.06 -8.26 -62.54
N ASN B 126 22.04 -8.42 -61.63
CA ASN B 126 23.05 -9.48 -61.74
C ASN B 126 22.67 -10.70 -60.87
N HIS B 127 21.35 -10.83 -60.58
CA HIS B 127 20.78 -11.90 -59.75
C HIS B 127 19.41 -12.39 -60.25
N ASP B 128 19.06 -13.64 -59.90
CA ASP B 128 17.81 -14.27 -60.26
C ASP B 128 16.81 -13.99 -59.14
N SER B 129 15.78 -13.22 -59.47
CA SER B 129 14.72 -12.84 -58.54
C SER B 129 13.45 -13.71 -58.71
N ASP B 130 13.26 -14.24 -59.92
CA ASP B 130 12.10 -15.03 -60.31
C ASP B 130 12.09 -16.47 -59.77
N LYS B 131 13.26 -17.09 -59.49
CA LYS B 131 13.32 -18.46 -58.97
C LYS B 131 13.23 -18.55 -57.43
N GLY B 132 13.17 -17.39 -56.77
CA GLY B 132 13.05 -17.31 -55.31
C GLY B 132 11.68 -17.65 -54.74
N VAL B 133 11.10 -18.79 -55.16
CA VAL B 133 9.79 -19.29 -54.70
C VAL B 133 9.86 -20.73 -54.21
N THR B 134 9.06 -21.04 -53.19
CA THR B 134 9.05 -22.36 -52.57
C THR B 134 7.63 -22.87 -52.29
N ALA B 135 7.49 -24.19 -52.09
CA ALA B 135 6.23 -24.85 -51.79
C ALA B 135 5.78 -24.64 -50.35
N ALA B 136 6.73 -24.28 -49.45
CA ALA B 136 6.45 -23.98 -48.04
C ALA B 136 5.59 -22.73 -47.92
N CYS B 137 5.62 -21.90 -48.97
CA CYS B 137 4.87 -20.69 -49.04
C CYS B 137 3.89 -20.74 -50.22
N PRO B 138 2.74 -21.46 -50.11
CA PRO B 138 1.83 -21.55 -51.27
C PRO B 138 0.80 -20.43 -51.38
N HIS B 139 0.21 -20.31 -52.57
CA HIS B 139 -0.84 -19.35 -52.92
C HIS B 139 -1.51 -19.84 -54.18
N ALA B 140 -2.77 -20.31 -54.04
CA ALA B 140 -3.61 -20.86 -55.10
C ALA B 140 -2.99 -22.11 -55.73
N GLY B 141 -2.30 -22.90 -54.90
CA GLY B 141 -1.62 -24.13 -55.31
C GLY B 141 -0.19 -23.92 -55.75
N ALA B 142 0.08 -22.74 -56.35
CA ALA B 142 1.38 -22.31 -56.88
C ALA B 142 2.43 -22.10 -55.80
N LYS B 143 3.70 -22.38 -56.14
CA LYS B 143 4.82 -22.13 -55.24
C LYS B 143 4.97 -20.60 -55.23
N SER B 144 4.67 -19.98 -54.09
CA SER B 144 4.75 -18.53 -53.96
C SER B 144 5.84 -18.13 -52.95
N PHE B 145 5.76 -16.90 -52.43
CA PHE B 145 6.70 -16.33 -51.47
C PHE B 145 6.09 -15.07 -50.86
N TYR B 146 6.78 -14.41 -49.91
CA TYR B 146 6.32 -13.17 -49.28
C TYR B 146 6.40 -12.03 -50.30
N LYS B 147 5.29 -11.29 -50.47
CA LYS B 147 5.17 -10.22 -51.45
C LYS B 147 6.13 -9.06 -51.21
N ASN B 148 6.39 -8.72 -49.95
CA ASN B 148 7.23 -7.59 -49.57
C ASN B 148 8.75 -7.82 -49.65
N LEU B 149 9.24 -9.08 -49.83
CA LEU B 149 10.69 -9.33 -49.94
C LEU B 149 11.03 -10.42 -50.98
N ILE B 150 12.11 -10.18 -51.76
CA ILE B 150 12.59 -11.06 -52.83
C ILE B 150 13.69 -12.02 -52.33
N TRP B 151 13.54 -13.33 -52.64
CA TRP B 151 14.55 -14.35 -52.33
C TRP B 151 15.55 -14.33 -53.48
N LEU B 152 16.71 -13.67 -53.26
CA LEU B 152 17.73 -13.55 -54.29
C LEU B 152 18.69 -14.74 -54.37
N VAL B 153 18.72 -15.37 -55.56
CA VAL B 153 19.56 -16.51 -55.91
C VAL B 153 20.50 -16.17 -57.11
N LYS B 154 21.56 -16.97 -57.32
CA LYS B 154 22.59 -16.77 -58.36
C LYS B 154 22.04 -16.76 -59.80
N LYS B 155 22.51 -15.79 -60.60
CA LYS B 155 22.13 -15.62 -62.00
C LYS B 155 23.04 -16.50 -62.88
N GLY B 156 22.67 -17.77 -62.99
CA GLY B 156 23.39 -18.78 -63.77
C GLY B 156 24.85 -18.93 -63.39
N ASN B 157 25.11 -19.62 -62.26
CA ASN B 157 26.41 -19.92 -61.64
C ASN B 157 27.36 -18.68 -61.55
N SER B 158 26.81 -17.53 -61.03
CA SER B 158 27.52 -16.26 -60.82
C SER B 158 26.73 -15.30 -59.93
N TYR B 159 27.06 -15.29 -58.62
CA TYR B 159 26.45 -14.42 -57.61
C TYR B 159 27.49 -13.36 -57.17
N PRO B 160 27.56 -12.19 -57.85
CA PRO B 160 28.54 -11.17 -57.42
C PRO B 160 28.07 -10.40 -56.20
N LYS B 161 29.00 -9.72 -55.49
CA LYS B 161 28.69 -8.93 -54.30
C LYS B 161 27.71 -7.79 -54.63
N LEU B 162 26.46 -7.91 -54.14
CA LEU B 162 25.42 -6.89 -54.33
C LEU B 162 25.53 -5.84 -53.22
N SER B 163 25.23 -4.57 -53.55
CA SER B 163 25.31 -3.50 -52.56
C SER B 163 24.33 -2.36 -52.84
N LYS B 164 23.02 -2.66 -52.76
CA LYS B 164 22.01 -1.64 -52.97
C LYS B 164 21.82 -0.84 -51.68
N SER B 165 21.52 0.47 -51.82
CA SER B 165 21.37 1.39 -50.69
C SER B 165 20.16 2.31 -50.87
N TYR B 166 19.30 2.40 -49.85
CA TYR B 166 18.13 3.27 -49.87
C TYR B 166 18.34 4.48 -48.98
N ILE B 167 18.01 5.66 -49.49
CA ILE B 167 18.12 6.92 -48.76
C ILE B 167 16.71 7.37 -48.47
N ASN B 168 16.38 7.58 -47.19
CA ASN B 168 15.04 7.97 -46.75
C ASN B 168 14.64 9.39 -47.16
N ASP B 169 13.75 9.47 -48.16
CA ASP B 169 13.22 10.73 -48.70
C ASP B 169 11.76 10.97 -48.28
N LYS B 170 11.10 9.91 -47.74
CA LYS B 170 9.70 9.90 -47.33
C LYS B 170 9.34 10.86 -46.17
N GLY B 171 10.34 11.25 -45.38
CA GLY B 171 10.15 12.15 -44.24
C GLY B 171 9.64 11.45 -43.00
N LYS B 172 9.04 10.27 -43.20
CA LYS B 172 8.46 9.39 -42.18
C LYS B 172 9.48 8.29 -41.83
N GLU B 173 9.22 7.55 -40.73
CA GLU B 173 10.07 6.44 -40.29
C GLU B 173 9.83 5.28 -41.25
N VAL B 174 10.89 4.80 -41.91
CA VAL B 174 10.73 3.74 -42.90
C VAL B 174 11.11 2.36 -42.30
N LEU B 175 10.11 1.46 -42.18
CA LEU B 175 10.30 0.10 -41.69
C LEU B 175 10.77 -0.77 -42.86
N VAL B 176 11.93 -1.42 -42.69
CA VAL B 176 12.53 -2.27 -43.72
C VAL B 176 12.69 -3.69 -43.17
N LEU B 177 12.13 -4.68 -43.87
CA LEU B 177 12.24 -6.09 -43.46
C LEU B 177 13.04 -6.86 -44.49
N TRP B 178 13.84 -7.83 -44.02
CA TRP B 178 14.67 -8.69 -44.87
C TRP B 178 14.90 -10.02 -44.19
N GLY B 179 15.22 -11.02 -44.98
CA GLY B 179 15.49 -12.36 -44.48
C GLY B 179 16.91 -12.82 -44.71
N ILE B 180 17.32 -13.84 -43.95
CA ILE B 180 18.63 -14.50 -44.06
C ILE B 180 18.31 -15.99 -44.18
N HIS B 181 18.58 -16.58 -45.35
CA HIS B 181 18.33 -17.99 -45.63
C HIS B 181 19.49 -18.85 -45.14
N HIS B 182 19.20 -19.88 -44.33
CA HIS B 182 20.20 -20.80 -43.82
C HIS B 182 19.98 -22.19 -44.49
N PRO B 183 20.74 -22.51 -45.58
CA PRO B 183 20.54 -23.78 -46.27
C PRO B 183 20.91 -24.99 -45.44
N SER B 184 20.12 -26.08 -45.52
CA SER B 184 20.34 -27.32 -44.77
C SER B 184 21.68 -28.02 -45.07
N THR B 185 21.98 -28.27 -46.36
CA THR B 185 23.24 -28.90 -46.78
C THR B 185 24.21 -27.87 -47.35
N SER B 186 25.51 -28.18 -47.31
CA SER B 186 26.56 -27.32 -47.86
C SER B 186 26.36 -27.15 -49.37
N ALA B 187 25.88 -28.22 -50.03
CA ALA B 187 25.58 -28.31 -51.46
C ALA B 187 24.48 -27.33 -51.85
N ASP B 188 23.49 -27.14 -50.97
CA ASP B 188 22.37 -26.22 -51.20
C ASP B 188 22.88 -24.77 -51.30
N GLN B 189 23.86 -24.40 -50.45
CA GLN B 189 24.49 -23.08 -50.45
C GLN B 189 25.19 -22.86 -51.79
N GLN B 190 25.90 -23.90 -52.24
CA GLN B 190 26.67 -23.92 -53.48
C GLN B 190 25.79 -23.94 -54.74
N SER B 191 24.51 -24.33 -54.62
CA SER B 191 23.57 -24.38 -55.73
C SER B 191 22.66 -23.13 -55.82
N LEU B 192 22.46 -22.45 -54.68
CA LEU B 192 21.60 -21.25 -54.61
C LEU B 192 22.41 -19.97 -54.70
N TYR B 193 23.60 -19.94 -54.09
CA TYR B 193 24.42 -18.74 -54.03
C TYR B 193 25.87 -18.98 -54.51
N GLN B 194 26.27 -20.27 -54.64
CA GLN B 194 27.58 -20.82 -55.07
C GLN B 194 28.75 -20.44 -54.15
N ASN B 195 28.74 -19.22 -53.61
CA ASN B 195 29.76 -18.71 -52.70
C ASN B 195 29.62 -19.42 -51.35
N ALA B 196 30.51 -20.40 -51.10
CA ALA B 196 30.53 -21.23 -49.89
C ALA B 196 30.69 -20.39 -48.63
N ASP B 197 31.59 -19.39 -48.66
CA ASP B 197 31.79 -18.47 -47.54
C ASP B 197 31.12 -17.15 -47.89
N ALA B 198 29.79 -17.15 -47.81
CA ALA B 198 28.94 -16.01 -48.10
C ALA B 198 28.62 -15.26 -46.82
N TYR B 199 28.49 -13.93 -46.93
CA TYR B 199 28.17 -13.06 -45.82
C TYR B 199 27.05 -12.12 -46.20
N VAL B 200 26.44 -11.47 -45.19
CA VAL B 200 25.40 -10.46 -45.35
C VAL B 200 25.74 -9.31 -44.40
N PHE B 201 25.37 -8.07 -44.77
CA PHE B 201 25.58 -6.88 -43.94
C PHE B 201 24.48 -5.85 -44.18
N VAL B 202 23.83 -5.39 -43.09
CA VAL B 202 22.79 -4.37 -43.15
C VAL B 202 23.23 -3.15 -42.32
N GLY B 203 23.54 -2.06 -43.01
CA GLY B 203 24.02 -0.82 -42.41
C GLY B 203 23.10 0.38 -42.52
N SER B 204 22.66 0.88 -41.36
CA SER B 204 21.82 2.06 -41.13
C SER B 204 22.57 2.88 -40.08
N SER B 205 22.10 4.10 -39.75
CA SER B 205 22.77 4.88 -38.71
C SER B 205 22.48 4.26 -37.34
N ARG B 206 21.24 3.75 -37.13
CA ARG B 206 20.86 3.10 -35.88
C ARG B 206 21.12 1.58 -35.89
N TYR B 207 20.96 0.91 -37.06
CA TYR B 207 21.18 -0.53 -37.19
C TYR B 207 22.51 -0.87 -37.87
N SER B 208 23.20 -1.92 -37.37
CA SER B 208 24.44 -2.43 -37.96
C SER B 208 24.73 -3.85 -37.51
N LYS B 209 24.56 -4.82 -38.43
CA LYS B 209 24.78 -6.25 -38.17
C LYS B 209 25.27 -7.03 -39.39
N THR B 210 26.21 -7.96 -39.15
CA THR B 210 26.80 -8.83 -40.16
C THR B 210 26.20 -10.23 -39.98
N PHE B 211 25.92 -10.92 -41.08
CA PHE B 211 25.32 -12.26 -41.04
C PHE B 211 26.11 -13.30 -41.85
N LYS B 212 26.04 -14.57 -41.40
CA LYS B 212 26.66 -15.71 -42.05
C LYS B 212 25.69 -16.89 -41.94
N PRO B 213 25.59 -17.78 -42.96
CA PRO B 213 24.60 -18.87 -42.88
C PRO B 213 24.96 -20.02 -41.95
N GLU B 214 23.97 -20.46 -41.17
CA GLU B 214 24.09 -21.57 -40.25
C GLU B 214 23.64 -22.82 -41.02
N ILE B 215 24.57 -23.40 -41.80
CA ILE B 215 24.29 -24.58 -42.62
C ILE B 215 24.21 -25.83 -41.75
N ALA B 216 22.96 -26.37 -41.60
CA ALA B 216 22.62 -27.56 -40.81
C ALA B 216 21.23 -28.10 -41.18
N ILE B 217 21.09 -29.43 -41.23
CA ILE B 217 19.81 -30.08 -41.51
C ILE B 217 18.96 -30.04 -40.22
N ARG B 218 17.81 -29.34 -40.27
CA ARG B 218 16.87 -29.20 -39.15
C ARG B 218 15.61 -30.07 -39.40
N PRO B 219 14.69 -30.26 -38.41
CA PRO B 219 13.47 -31.03 -38.69
C PRO B 219 12.59 -30.38 -39.76
N LYS B 220 11.88 -31.19 -40.58
CA LYS B 220 11.02 -30.70 -41.64
C LYS B 220 9.78 -29.97 -41.11
N VAL B 221 9.95 -28.67 -40.80
CA VAL B 221 8.90 -27.77 -40.35
C VAL B 221 8.38 -27.12 -41.63
N ARG B 222 7.10 -27.40 -41.98
CA ARG B 222 6.46 -26.99 -43.24
C ARG B 222 7.27 -27.60 -44.42
N ASP B 223 7.64 -28.88 -44.21
CA ASP B 223 8.43 -29.78 -45.04
C ASP B 223 9.66 -29.10 -45.68
N ARG B 224 10.35 -28.27 -44.86
CA ARG B 224 11.58 -27.56 -45.21
C ARG B 224 12.66 -27.86 -44.19
N GLU B 225 13.81 -28.37 -44.67
CA GLU B 225 14.95 -28.71 -43.82
C GLU B 225 15.72 -27.45 -43.37
N GLY B 226 15.79 -26.45 -44.25
CA GLY B 226 16.45 -25.18 -43.97
C GLY B 226 15.57 -24.19 -43.24
N ARG B 227 16.13 -23.03 -42.85
CA ARG B 227 15.38 -21.99 -42.14
C ARG B 227 15.68 -20.59 -42.69
N MET B 228 14.83 -19.62 -42.34
CA MET B 228 14.98 -18.24 -42.76
C MET B 228 14.76 -17.35 -41.55
N ASN B 229 15.78 -16.59 -41.14
CA ASN B 229 15.59 -15.65 -40.04
C ASN B 229 15.08 -14.32 -40.60
N TYR B 230 14.06 -13.72 -39.97
CA TYR B 230 13.47 -12.47 -40.43
C TYR B 230 13.88 -11.32 -39.53
N TYR B 231 14.64 -10.36 -40.09
CA TYR B 231 15.16 -9.19 -39.39
C TYR B 231 14.49 -7.90 -39.86
N TRP B 232 14.40 -6.90 -38.94
CA TRP B 232 13.75 -5.62 -39.24
C TRP B 232 14.42 -4.43 -38.55
N THR B 233 14.31 -3.24 -39.18
CA THR B 233 14.79 -1.96 -38.65
C THR B 233 13.97 -0.79 -39.19
N LEU B 234 14.05 0.32 -38.47
CA LEU B 234 13.42 1.59 -38.84
C LEU B 234 14.55 2.48 -39.34
N VAL B 235 14.27 3.27 -40.38
CA VAL B 235 15.24 4.22 -40.93
C VAL B 235 14.65 5.59 -40.78
N GLU B 236 15.35 6.45 -40.04
CA GLU B 236 14.96 7.84 -39.78
C GLU B 236 15.03 8.62 -41.11
N PRO B 237 14.20 9.67 -41.33
CA PRO B 237 14.30 10.43 -42.59
C PRO B 237 15.69 11.03 -42.82
N GLY B 238 16.20 10.86 -44.05
CA GLY B 238 17.51 11.35 -44.46
C GLY B 238 18.62 10.30 -44.41
N ASP B 239 18.47 9.31 -43.50
CA ASP B 239 19.41 8.21 -43.27
C ASP B 239 19.36 7.18 -44.42
N LYS B 240 20.52 6.54 -44.68
CA LYS B 240 20.70 5.54 -45.74
C LYS B 240 20.92 4.12 -45.19
N ILE B 241 20.15 3.16 -45.72
CA ILE B 241 20.27 1.76 -45.35
C ILE B 241 20.93 0.99 -46.50
N THR B 242 22.12 0.43 -46.25
CA THR B 242 22.93 -0.33 -47.22
C THR B 242 22.73 -1.82 -47.02
N PHE B 243 22.78 -2.59 -48.11
CA PHE B 243 22.62 -4.04 -48.10
C PHE B 243 23.74 -4.76 -48.85
N GLU B 244 24.81 -5.13 -48.15
CA GLU B 244 25.94 -5.85 -48.74
C GLU B 244 25.71 -7.35 -48.61
N ALA B 245 25.85 -8.12 -49.71
CA ALA B 245 25.65 -9.57 -49.71
C ALA B 245 26.36 -10.32 -50.84
N THR B 246 26.81 -11.54 -50.53
CA THR B 246 27.47 -12.47 -51.45
C THR B 246 26.70 -13.81 -51.46
N GLY B 247 25.52 -13.79 -50.84
CA GLY B 247 24.62 -14.92 -50.75
C GLY B 247 23.75 -14.89 -49.51
N ASN B 248 22.72 -15.76 -49.49
CA ASN B 248 21.77 -16.02 -48.41
C ASN B 248 20.80 -14.87 -48.09
N LEU B 249 21.01 -13.66 -48.64
CA LEU B 249 20.12 -12.54 -48.35
C LEU B 249 18.81 -12.66 -49.13
N VAL B 250 17.70 -12.35 -48.42
CA VAL B 250 16.33 -12.26 -48.93
C VAL B 250 16.01 -10.76 -48.86
N VAL B 251 16.42 -10.04 -49.92
CA VAL B 251 16.35 -8.60 -50.10
C VAL B 251 14.93 -8.00 -49.95
N PRO B 252 14.76 -6.75 -49.47
CA PRO B 252 13.41 -6.17 -49.41
C PRO B 252 12.91 -5.69 -50.79
N ARG B 253 11.60 -5.82 -51.03
CA ARG B 253 10.94 -5.35 -52.24
C ARG B 253 10.11 -4.16 -51.80
N TYR B 254 9.24 -4.35 -50.80
CA TYR B 254 8.39 -3.29 -50.25
C TYR B 254 8.78 -2.93 -48.82
N ALA B 255 8.81 -1.62 -48.53
CA ALA B 255 9.09 -1.07 -47.19
C ALA B 255 7.90 -0.23 -46.75
N PHE B 256 7.89 0.21 -45.48
CA PHE B 256 6.75 0.96 -44.98
C PHE B 256 7.10 2.27 -44.31
N ALA B 257 6.77 3.37 -45.00
CA ALA B 257 6.96 4.72 -44.48
C ALA B 257 5.71 4.99 -43.65
N MET B 258 5.87 5.12 -42.33
CA MET B 258 4.75 5.28 -41.41
C MET B 258 4.83 6.52 -40.52
N GLU B 259 3.65 7.03 -40.13
CA GLU B 259 3.52 8.15 -39.22
C GLU B 259 2.92 7.58 -37.94
N ARG B 260 3.65 7.71 -36.84
CA ARG B 260 3.23 7.17 -35.55
C ARG B 260 2.19 8.04 -34.86
N ASN B 261 1.18 7.38 -34.27
CA ASN B 261 0.10 7.99 -33.49
C ASN B 261 0.52 7.84 -32.03
N ALA B 262 -0.34 8.22 -31.08
CA ALA B 262 -0.05 8.08 -29.67
C ALA B 262 -0.96 6.98 -29.10
N GLY B 263 -2.26 7.26 -29.08
CA GLY B 263 -3.31 6.37 -28.57
C GLY B 263 -3.71 5.25 -29.51
N SER B 264 -2.75 4.36 -29.82
CA SER B 264 -2.95 3.18 -30.67
C SER B 264 -2.21 2.00 -30.03
N GLY B 265 -2.76 0.80 -30.22
CA GLY B 265 -2.20 -0.43 -29.68
C GLY B 265 -2.60 -1.67 -30.45
N ILE B 266 -2.40 -2.85 -29.82
CA ILE B 266 -2.72 -4.15 -30.40
C ILE B 266 -3.60 -4.96 -29.45
N ILE B 267 -4.80 -5.31 -29.92
CA ILE B 267 -5.76 -6.12 -29.17
C ILE B 267 -5.74 -7.55 -29.72
N ILE B 268 -5.58 -8.55 -28.84
CA ILE B 268 -5.62 -9.96 -29.25
C ILE B 268 -6.90 -10.55 -28.64
N SER B 269 -8.03 -10.44 -29.37
CA SER B 269 -9.35 -10.89 -28.90
C SER B 269 -10.23 -11.43 -30.02
N ASP B 270 -11.03 -12.45 -29.68
CA ASP B 270 -11.98 -13.10 -30.60
C ASP B 270 -13.37 -12.41 -30.59
N THR B 271 -13.55 -11.33 -29.79
CA THR B 271 -14.80 -10.55 -29.70
C THR B 271 -15.16 -9.88 -31.05
N PRO B 272 -16.46 -9.69 -31.41
CA PRO B 272 -16.78 -9.11 -32.72
C PRO B 272 -16.47 -7.62 -32.86
N VAL B 273 -16.53 -7.10 -34.09
CA VAL B 273 -16.29 -5.70 -34.41
C VAL B 273 -17.49 -5.14 -35.19
N HIS B 274 -18.11 -4.06 -34.67
CA HIS B 274 -19.29 -3.43 -35.27
C HIS B 274 -19.06 -1.98 -35.71
N ASP B 275 -20.04 -1.39 -36.41
CA ASP B 275 -19.97 -0.02 -36.94
C ASP B 275 -20.03 1.11 -35.89
N CYS B 276 -20.23 0.75 -34.59
CA CYS B 276 -20.28 1.70 -33.46
C CYS B 276 -18.97 2.53 -33.31
N ASN B 277 -19.07 3.66 -32.59
CA ASN B 277 -17.93 4.53 -32.29
C ASN B 277 -17.65 4.43 -30.79
N THR B 278 -16.40 4.68 -30.38
CA THR B 278 -16.03 4.65 -28.96
C THR B 278 -14.84 5.56 -28.65
N THR B 279 -14.78 6.08 -27.40
CA THR B 279 -13.69 6.93 -26.91
C THR B 279 -12.64 6.03 -26.29
N CYS B 280 -13.09 4.94 -25.63
CA CYS B 280 -12.27 3.96 -24.95
C CYS B 280 -12.58 2.55 -25.45
N GLN B 281 -11.52 1.77 -25.75
CA GLN B 281 -11.65 0.41 -26.27
C GLN B 281 -10.75 -0.58 -25.52
N THR B 282 -11.34 -1.72 -25.10
CA THR B 282 -10.64 -2.82 -24.40
C THR B 282 -10.91 -4.15 -25.12
N PRO B 283 -9.99 -5.18 -25.03
CA PRO B 283 -10.27 -6.47 -25.69
C PRO B 283 -11.57 -7.17 -25.28
N LYS B 284 -12.07 -6.89 -24.07
CA LYS B 284 -13.32 -7.39 -23.51
C LYS B 284 -14.51 -6.68 -24.21
N GLY B 285 -14.34 -5.41 -24.56
CA GLY B 285 -15.33 -4.58 -25.23
C GLY B 285 -15.14 -3.08 -25.03
N ALA B 286 -15.87 -2.26 -25.80
CA ALA B 286 -15.77 -0.80 -25.75
C ALA B 286 -16.41 -0.16 -24.51
N ILE B 287 -15.91 1.04 -24.12
CA ILE B 287 -16.44 1.79 -22.96
C ILE B 287 -16.72 3.26 -23.32
N ASN B 288 -17.88 3.76 -22.90
CA ASN B 288 -18.28 5.16 -23.08
C ASN B 288 -18.68 5.68 -21.70
N THR B 289 -17.67 6.15 -20.93
CA THR B 289 -17.87 6.63 -19.56
C THR B 289 -17.07 7.90 -19.21
N SER B 290 -17.59 8.67 -18.24
CA SER B 290 -17.01 9.88 -17.70
C SER B 290 -16.23 9.57 -16.41
N LEU B 291 -16.41 8.34 -15.91
CA LEU B 291 -15.79 7.81 -14.69
C LEU B 291 -14.26 7.71 -14.80
N PRO B 292 -13.52 8.03 -13.71
CA PRO B 292 -12.05 7.99 -13.79
C PRO B 292 -11.41 6.59 -13.68
N PHE B 293 -12.18 5.57 -13.26
CA PHE B 293 -11.64 4.22 -13.11
C PHE B 293 -12.53 3.16 -13.72
N GLN B 294 -11.94 2.03 -14.12
CA GLN B 294 -12.66 0.95 -14.77
C GLN B 294 -12.13 -0.41 -14.35
N ASN B 295 -13.03 -1.36 -14.08
CA ASN B 295 -12.65 -2.71 -13.68
C ASN B 295 -12.85 -3.75 -14.80
N ILE B 296 -13.06 -3.29 -16.06
CA ILE B 296 -13.33 -4.13 -17.23
C ILE B 296 -12.08 -4.93 -17.72
N HIS B 297 -11.03 -4.26 -18.24
CA HIS B 297 -9.84 -4.93 -18.76
C HIS B 297 -8.58 -4.07 -18.68
N PRO B 298 -7.41 -4.64 -18.27
CA PRO B 298 -6.19 -3.83 -18.17
C PRO B 298 -5.69 -3.20 -19.48
N ILE B 299 -5.87 -3.88 -20.63
CA ILE B 299 -5.49 -3.34 -21.94
C ILE B 299 -6.55 -2.32 -22.37
N THR B 300 -6.13 -1.07 -22.65
CA THR B 300 -7.01 0.03 -23.06
C THR B 300 -6.42 0.86 -24.20
N ILE B 301 -7.28 1.39 -25.09
CA ILE B 301 -6.90 2.24 -26.23
C ILE B 301 -7.79 3.50 -26.24
N GLY B 302 -7.12 4.67 -26.27
CA GLY B 302 -7.78 5.97 -26.28
C GLY B 302 -7.93 6.56 -24.88
N LYS B 303 -8.71 7.67 -24.75
CA LYS B 303 -8.94 8.31 -23.44
C LYS B 303 -9.69 7.32 -22.58
N CYS B 304 -8.94 6.63 -21.70
CA CYS B 304 -9.43 5.52 -20.90
C CYS B 304 -9.27 5.67 -19.39
N PRO B 305 -10.28 5.18 -18.62
CA PRO B 305 -10.16 5.20 -17.17
C PRO B 305 -9.20 4.10 -16.74
N LYS B 306 -8.14 4.47 -16.01
CA LYS B 306 -7.09 3.58 -15.51
C LYS B 306 -7.67 2.34 -14.83
N TYR B 307 -7.21 1.13 -15.25
CA TYR B 307 -7.70 -0.15 -14.76
C TYR B 307 -7.43 -0.39 -13.27
N VAL B 308 -8.43 -0.99 -12.61
CA VAL B 308 -8.45 -1.41 -11.21
C VAL B 308 -9.15 -2.79 -11.12
N LYS B 309 -8.81 -3.61 -10.11
CA LYS B 309 -9.39 -4.95 -9.95
C LYS B 309 -10.59 -4.95 -9.00
N SER B 310 -10.83 -3.81 -8.31
CA SER B 310 -11.89 -3.57 -7.33
C SER B 310 -13.32 -3.82 -7.85
N THR B 311 -14.23 -4.24 -6.93
CA THR B 311 -15.65 -4.52 -7.17
C THR B 311 -16.37 -3.22 -7.51
N LYS B 312 -16.11 -2.16 -6.70
CA LYS B 312 -16.65 -0.81 -6.84
C LYS B 312 -15.85 0.19 -6.01
N LEU B 313 -15.75 1.44 -6.48
CA LEU B 313 -15.03 2.53 -5.82
C LEU B 313 -15.84 3.83 -5.79
N GLN C 3 -34.87 27.36 55.15
CA GLN C 3 -36.02 27.46 56.05
C GLN C 3 -35.59 27.01 57.44
N LEU C 4 -35.64 27.93 58.42
CA LEU C 4 -35.27 27.64 59.79
C LEU C 4 -36.48 27.70 60.70
N VAL C 5 -36.73 26.61 61.42
CA VAL C 5 -37.87 26.50 62.32
C VAL C 5 -37.36 26.44 63.76
N GLN C 6 -37.46 27.56 64.49
CA GLN C 6 -37.01 27.64 65.87
C GLN C 6 -38.00 27.03 66.88
N SER C 7 -37.57 26.91 68.15
CA SER C 7 -38.39 26.39 69.26
C SER C 7 -39.51 27.39 69.59
N GLY C 8 -40.58 26.88 70.22
CA GLY C 8 -41.72 27.70 70.64
C GLY C 8 -41.42 28.60 71.82
N ALA C 9 -42.35 29.54 72.11
CA ALA C 9 -42.26 30.51 73.20
C ALA C 9 -42.02 29.83 74.56
N GLU C 10 -41.07 30.35 75.34
CA GLU C 10 -40.71 29.78 76.63
C GLU C 10 -40.76 30.81 77.77
N VAL C 11 -41.47 30.47 78.86
CA VAL C 11 -41.60 31.32 80.05
C VAL C 11 -41.16 30.51 81.27
N LYS C 12 -40.10 30.96 81.93
CA LYS C 12 -39.54 30.31 83.14
C LYS C 12 -39.05 31.35 84.12
N LYS C 13 -39.19 31.05 85.43
CA LYS C 13 -38.74 31.93 86.51
C LYS C 13 -37.20 31.91 86.61
N PRO C 14 -36.54 33.02 87.03
CA PRO C 14 -35.06 33.04 87.05
C PRO C 14 -34.39 31.96 87.90
N GLY C 15 -33.20 31.56 87.45
CA GLY C 15 -32.39 30.53 88.07
C GLY C 15 -32.48 29.21 87.33
N GLU C 16 -33.66 28.94 86.73
CA GLU C 16 -33.99 27.73 85.98
C GLU C 16 -33.10 27.46 84.76
N SER C 17 -33.14 26.21 84.25
CA SER C 17 -32.39 25.77 83.08
C SER C 17 -33.34 25.59 81.90
N LEU C 18 -33.03 26.28 80.79
CA LEU C 18 -33.82 26.27 79.54
C LEU C 18 -32.90 26.05 78.33
N THR C 19 -33.37 25.27 77.35
CA THR C 19 -32.64 25.01 76.10
C THR C 19 -33.61 25.18 74.92
N ILE C 20 -33.30 26.09 73.98
CA ILE C 20 -34.15 26.37 72.82
C ILE C 20 -33.52 25.90 71.51
N SER C 21 -34.32 25.18 70.71
CA SER C 21 -33.93 24.61 69.43
C SER C 21 -34.10 25.57 68.25
N CYS C 22 -33.57 25.17 67.08
CA CYS C 22 -33.55 25.89 65.81
C CYS C 22 -33.26 24.80 64.77
N LYS C 23 -34.31 24.37 64.03
CA LYS C 23 -34.24 23.27 63.06
C LYS C 23 -34.10 23.70 61.59
N GLY C 24 -32.95 23.37 61.01
CA GLY C 24 -32.62 23.65 59.62
C GLY C 24 -33.36 22.72 58.69
N SER C 25 -34.08 23.30 57.71
CA SER C 25 -34.90 22.53 56.77
C SER C 25 -34.66 22.84 55.28
N GLY C 26 -34.68 21.78 54.47
CA GLY C 26 -34.53 21.83 53.02
C GLY C 26 -33.15 22.20 52.49
N TYR C 27 -32.09 22.04 53.31
CA TYR C 27 -30.71 22.33 52.93
C TYR C 27 -29.68 21.50 53.73
N SER C 28 -28.41 21.47 53.25
CA SER C 28 -27.31 20.76 53.91
C SER C 28 -26.86 21.58 55.12
N PHE C 29 -27.57 21.36 56.25
CA PHE C 29 -27.40 22.03 57.54
C PHE C 29 -25.95 22.15 58.00
N SER C 30 -25.17 21.08 57.78
CA SER C 30 -23.77 20.94 58.16
C SER C 30 -22.82 21.84 57.36
N SER C 31 -23.16 22.15 56.09
CA SER C 31 -22.33 22.98 55.22
C SER C 31 -22.21 24.44 55.69
N TYR C 32 -23.35 25.07 56.02
CA TYR C 32 -23.43 26.47 56.44
C TYR C 32 -23.38 26.62 57.95
N TRP C 33 -22.75 27.70 58.42
CA TRP C 33 -22.64 28.02 59.84
C TRP C 33 -24.00 28.50 60.37
N ILE C 34 -24.27 28.29 61.67
CA ILE C 34 -25.50 28.74 62.31
C ILE C 34 -25.16 29.66 63.48
N GLY C 35 -25.70 30.87 63.46
CA GLY C 35 -25.48 31.85 64.51
C GLY C 35 -26.68 32.04 65.42
N TRP C 36 -26.56 32.99 66.36
CA TRP C 36 -27.63 33.30 67.31
C TRP C 36 -27.65 34.80 67.62
N VAL C 37 -28.82 35.45 67.43
CA VAL C 37 -29.01 36.88 67.66
C VAL C 37 -30.15 37.14 68.67
N ARG C 38 -29.83 37.82 69.78
CA ARG C 38 -30.75 38.21 70.85
C ARG C 38 -31.28 39.62 70.58
N ARG C 39 -32.50 39.90 71.04
CA ARG C 39 -33.15 41.19 70.92
C ARG C 39 -33.88 41.41 72.25
N MET C 40 -33.40 42.37 73.03
CA MET C 40 -34.04 42.67 74.31
C MET C 40 -35.21 43.65 74.13
N PRO C 41 -36.29 43.57 74.95
CA PRO C 41 -37.42 44.48 74.77
C PRO C 41 -37.05 45.96 74.82
N GLY C 42 -37.25 46.63 73.68
CA GLY C 42 -36.96 48.04 73.51
C GLY C 42 -35.48 48.33 73.41
N LYS C 43 -34.72 47.40 72.82
CA LYS C 43 -33.27 47.51 72.62
C LYS C 43 -32.86 47.02 71.22
N GLY C 44 -31.58 47.14 70.88
CA GLY C 44 -31.04 46.73 69.59
C GLY C 44 -30.72 45.24 69.51
N LEU C 45 -30.32 44.79 68.31
CA LEU C 45 -29.96 43.40 68.08
C LEU C 45 -28.55 43.10 68.57
N GLU C 46 -28.43 42.11 69.44
CA GLU C 46 -27.19 41.66 70.05
C GLU C 46 -26.78 40.34 69.43
N TRP C 47 -25.55 40.23 68.96
CA TRP C 47 -25.04 38.97 68.40
C TRP C 47 -24.46 38.11 69.53
N MET C 48 -24.83 36.82 69.57
CA MET C 48 -24.40 35.91 70.61
C MET C 48 -23.22 35.02 70.23
N GLY C 49 -23.31 34.34 69.09
CA GLY C 49 -22.26 33.44 68.62
C GLY C 49 -22.60 32.71 67.34
N ILE C 50 -21.65 31.91 66.84
CA ILE C 50 -21.81 31.12 65.63
C ILE C 50 -21.30 29.70 65.88
N ILE C 51 -21.83 28.71 65.14
CA ILE C 51 -21.45 27.31 65.26
C ILE C 51 -21.49 26.62 63.89
N ASN C 52 -20.40 25.92 63.52
CA ASN C 52 -20.29 25.16 62.28
C ASN C 52 -20.77 23.76 62.63
N PRO C 53 -21.95 23.32 62.15
CA PRO C 53 -22.47 21.99 62.55
C PRO C 53 -21.55 20.78 62.27
N ARG C 54 -20.61 20.89 61.30
CA ARG C 54 -19.64 19.82 60.99
C ARG C 54 -18.65 19.62 62.15
N ASP C 55 -17.77 20.62 62.39
CA ASP C 55 -16.75 20.61 63.45
C ASP C 55 -17.35 20.75 64.84
N SER C 56 -18.58 21.30 64.92
CA SER C 56 -19.34 21.62 66.13
C SER C 56 -18.61 22.71 66.95
N ASP C 57 -17.62 23.39 66.32
CA ASP C 57 -16.80 24.44 66.93
C ASP C 57 -17.61 25.72 67.08
N THR C 58 -17.55 26.32 68.28
CA THR C 58 -18.27 27.54 68.62
C THR C 58 -17.31 28.75 68.58
N ARG C 59 -17.89 29.96 68.77
CA ARG C 59 -17.21 31.25 68.79
C ARG C 59 -18.22 32.20 69.47
N TYR C 60 -18.22 32.22 70.83
CA TYR C 60 -19.12 33.06 71.63
C TYR C 60 -18.71 34.54 71.63
N SER C 61 -19.69 35.43 71.86
CA SER C 61 -19.50 36.87 71.98
C SER C 61 -19.03 37.13 73.43
N PRO C 62 -18.17 38.14 73.69
CA PRO C 62 -17.74 38.41 75.09
C PRO C 62 -18.88 38.60 76.08
N SER C 63 -19.98 39.26 75.64
CA SER C 63 -21.17 39.54 76.43
C SER C 63 -22.00 38.27 76.76
N PHE C 64 -21.79 37.15 76.02
CA PHE C 64 -22.54 35.90 76.19
C PHE C 64 -21.68 34.66 76.51
N GLN C 65 -20.34 34.80 76.45
CA GLN C 65 -19.37 33.73 76.72
C GLN C 65 -19.46 33.30 78.19
N GLY C 66 -19.62 32.00 78.41
CA GLY C 66 -19.71 31.41 79.73
C GLY C 66 -21.13 31.32 80.26
N GLN C 67 -21.88 32.44 80.15
CA GLN C 67 -23.28 32.58 80.59
C GLN C 67 -24.20 31.57 79.89
N VAL C 68 -24.34 31.70 78.55
CA VAL C 68 -25.14 30.82 77.70
C VAL C 68 -24.23 29.85 76.93
N THR C 69 -24.74 28.65 76.61
CA THR C 69 -24.00 27.61 75.90
C THR C 69 -24.71 27.30 74.57
N ILE C 70 -23.98 27.41 73.44
CA ILE C 70 -24.51 27.13 72.11
C ILE C 70 -24.16 25.70 71.73
N SER C 71 -25.18 24.86 71.57
CA SER C 71 -25.05 23.45 71.21
C SER C 71 -25.48 23.23 69.75
N ALA C 72 -25.00 22.15 69.12
CA ALA C 72 -25.35 21.82 67.74
C ALA C 72 -25.39 20.32 67.49
N ASP C 73 -26.47 19.86 66.83
CA ASP C 73 -26.65 18.45 66.48
C ASP C 73 -26.91 18.32 64.98
N LYS C 74 -25.83 18.12 64.21
CA LYS C 74 -25.81 17.95 62.76
C LYS C 74 -26.65 16.77 62.26
N SER C 75 -26.76 15.70 63.09
CA SER C 75 -27.53 14.48 62.80
C SER C 75 -29.04 14.76 62.70
N ILE C 76 -29.58 15.53 63.66
CA ILE C 76 -31.00 15.93 63.71
C ILE C 76 -31.19 17.24 62.91
N SER C 77 -30.07 17.86 62.47
CA SER C 77 -29.99 19.14 61.76
C SER C 77 -30.64 20.26 62.60
N THR C 78 -30.25 20.32 63.90
CA THR C 78 -30.78 21.26 64.88
C THR C 78 -29.70 21.92 65.70
N ALA C 79 -29.84 23.24 65.90
CA ALA C 79 -28.95 24.05 66.73
C ALA C 79 -29.67 24.35 68.03
N TYR C 80 -28.92 24.56 69.12
CA TYR C 80 -29.50 24.85 70.44
C TYR C 80 -28.84 26.05 71.11
N LEU C 81 -29.55 26.66 72.07
CA LEU C 81 -29.05 27.77 72.87
C LEU C 81 -29.37 27.44 74.33
N GLN C 82 -28.61 26.49 74.89
CA GLN C 82 -28.73 25.97 76.25
C GLN C 82 -28.30 26.99 77.31
N TRP C 83 -29.14 27.15 78.36
CA TRP C 83 -28.89 28.06 79.49
C TRP C 83 -28.55 27.30 80.75
N SER C 84 -27.38 27.65 81.33
CA SER C 84 -26.84 27.07 82.57
C SER C 84 -27.80 27.42 83.73
N SER C 85 -28.00 28.72 83.97
CA SER C 85 -28.92 29.28 84.96
C SER C 85 -29.44 30.60 84.38
N LEU C 86 -30.77 30.77 84.41
CA LEU C 86 -31.42 31.95 83.85
C LEU C 86 -31.35 33.18 84.74
N LYS C 87 -31.17 34.35 84.10
CA LYS C 87 -31.11 35.66 84.75
C LYS C 87 -32.35 36.43 84.30
N ALA C 88 -32.77 37.44 85.08
CA ALA C 88 -33.91 38.29 84.71
C ALA C 88 -33.58 39.11 83.44
N SER C 89 -32.26 39.26 83.16
CA SER C 89 -31.72 39.95 81.98
C SER C 89 -31.89 39.10 80.71
N ASP C 90 -32.07 37.77 80.86
CA ASP C 90 -32.26 36.84 79.74
C ASP C 90 -33.66 36.93 79.09
N THR C 91 -34.55 37.79 79.65
CA THR C 91 -35.90 38.04 79.13
C THR C 91 -35.71 38.76 77.79
N ALA C 92 -35.73 38.00 76.69
CA ALA C 92 -35.50 38.55 75.35
C ALA C 92 -36.07 37.67 74.22
N MET C 93 -35.98 38.19 72.98
CA MET C 93 -36.37 37.54 71.73
C MET C 93 -35.08 36.94 71.12
N TYR C 94 -35.08 35.63 70.86
CA TYR C 94 -33.89 34.96 70.35
C TYR C 94 -34.09 34.40 68.94
N TYR C 95 -33.20 34.80 68.03
CA TYR C 95 -33.20 34.36 66.63
C TYR C 95 -31.95 33.52 66.36
N CYS C 96 -32.03 32.61 65.39
CA CYS C 96 -30.89 31.82 64.92
C CYS C 96 -30.81 32.12 63.43
N ALA C 97 -29.61 32.05 62.82
CA ALA C 97 -29.51 32.36 61.41
C ALA C 97 -28.41 31.65 60.67
N ARG C 98 -28.69 31.27 59.41
CA ARG C 98 -27.75 30.60 58.53
C ARG C 98 -26.76 31.63 58.02
N VAL C 99 -25.47 31.46 58.35
CA VAL C 99 -24.40 32.41 58.01
C VAL C 99 -23.88 32.21 56.58
N VAL C 100 -23.68 33.33 55.88
CA VAL C 100 -23.18 33.44 54.50
C VAL C 100 -21.66 33.63 54.58
N ALA C 101 -20.89 32.80 53.87
CA ALA C 101 -19.43 32.87 53.84
C ALA C 101 -18.84 32.56 52.46
N ASP C 102 -17.53 32.81 52.29
CA ASP C 102 -16.79 32.59 51.04
C ASP C 102 -16.68 31.11 50.66
N ARG C 103 -16.82 30.84 49.34
CA ARG C 103 -16.77 29.51 48.73
C ARG C 103 -15.33 29.03 48.44
N GLU C 104 -14.31 29.75 48.96
CA GLU C 104 -12.89 29.43 48.78
C GLU C 104 -12.20 28.98 50.07
N GLY C 105 -12.94 29.00 51.17
CA GLY C 105 -12.49 28.61 52.50
C GLY C 105 -11.38 29.50 53.00
N PHE C 106 -11.72 30.76 53.34
CA PHE C 106 -10.78 31.78 53.79
C PHE C 106 -11.15 32.39 55.15
N GLY C 107 -12.43 32.30 55.53
CA GLY C 107 -12.93 32.82 56.81
C GLY C 107 -13.64 34.15 56.75
N TYR C 108 -14.03 34.61 55.54
CA TYR C 108 -14.77 35.86 55.33
C TYR C 108 -16.24 35.57 55.57
N TYR C 109 -16.89 36.33 56.46
CA TYR C 109 -18.33 36.16 56.71
C TYR C 109 -19.10 37.36 56.19
N TYR C 110 -20.07 37.12 55.28
CA TYR C 110 -20.85 38.17 54.59
C TYR C 110 -22.16 38.60 55.28
N GLY C 111 -22.52 37.94 56.37
CA GLY C 111 -23.75 38.20 57.10
C GLY C 111 -24.54 36.92 57.22
N MET C 112 -25.84 37.00 57.55
CA MET C 112 -26.67 35.80 57.69
C MET C 112 -27.98 35.91 56.90
N ASP C 113 -28.24 34.93 55.99
CA ASP C 113 -29.41 34.91 55.08
C ASP C 113 -30.71 34.33 55.65
N VAL C 114 -30.75 33.00 55.91
CA VAL C 114 -31.94 32.31 56.42
C VAL C 114 -32.07 32.59 57.89
N TRP C 115 -33.22 33.11 58.30
CA TRP C 115 -33.48 33.44 59.70
C TRP C 115 -34.66 32.65 60.26
N GLY C 116 -34.59 32.37 61.56
CA GLY C 116 -35.63 31.66 62.29
C GLY C 116 -36.82 32.54 62.59
N GLN C 117 -37.90 31.91 63.04
CA GLN C 117 -39.17 32.53 63.41
C GLN C 117 -39.03 33.57 64.55
N GLY C 118 -38.18 33.24 65.52
CA GLY C 118 -37.94 34.01 66.74
C GLY C 118 -38.57 33.34 67.95
N THR C 119 -37.73 32.97 68.91
CA THR C 119 -38.20 32.33 70.14
C THR C 119 -38.37 33.40 71.20
N THR C 120 -39.58 33.45 71.78
CA THR C 120 -39.92 34.44 72.79
C THR C 120 -39.65 33.89 74.20
N VAL C 121 -38.55 34.35 74.81
CA VAL C 121 -38.13 33.91 76.15
C VAL C 121 -38.42 34.97 77.22
N THR C 122 -39.29 34.62 78.18
CA THR C 122 -39.68 35.47 79.31
C THR C 122 -39.04 34.89 80.59
N VAL C 123 -38.25 35.71 81.30
CA VAL C 123 -37.57 35.28 82.54
C VAL C 123 -37.96 36.19 83.72
N SER C 124 -39.16 35.93 84.31
CA SER C 124 -39.71 36.68 85.44
C SER C 124 -40.25 35.77 86.54
N SER C 125 -40.11 36.24 87.80
CA SER C 125 -40.54 35.55 89.01
C SER C 125 -42.06 35.55 89.19
N ALA C 126 -42.77 36.46 88.49
CA ALA C 126 -44.23 36.55 88.54
C ALA C 126 -44.87 35.30 87.93
N SER C 127 -45.90 34.74 88.61
CA SER C 127 -46.63 33.53 88.18
C SER C 127 -47.75 33.84 87.16
N THR C 128 -48.32 32.78 86.54
CA THR C 128 -49.39 32.85 85.54
C THR C 128 -50.66 33.45 86.14
N LYS C 129 -51.13 34.59 85.57
CA LYS C 129 -52.31 35.31 86.02
C LYS C 129 -53.11 35.87 84.83
N GLY C 130 -54.42 35.71 84.90
CA GLY C 130 -55.36 36.22 83.91
C GLY C 130 -55.53 37.73 83.98
N PRO C 131 -56.11 38.37 82.94
CA PRO C 131 -56.24 39.83 82.98
C PRO C 131 -57.53 40.37 83.60
N SER C 132 -57.38 41.41 84.42
CA SER C 132 -58.49 42.10 85.07
C SER C 132 -58.95 43.19 84.06
N VAL C 133 -59.80 42.78 83.09
CA VAL C 133 -60.32 43.63 82.01
C VAL C 133 -61.33 44.65 82.56
N PHE C 134 -61.12 45.95 82.26
CA PHE C 134 -62.01 47.05 82.65
C PHE C 134 -62.37 47.95 81.45
N PRO C 135 -63.64 48.37 81.27
CA PRO C 135 -63.96 49.26 80.13
C PRO C 135 -63.63 50.73 80.39
N LEU C 136 -63.69 51.56 79.33
CA LEU C 136 -63.43 53.00 79.39
C LEU C 136 -64.48 53.74 78.50
N ALA C 137 -65.44 54.44 79.16
CA ALA C 137 -66.55 55.17 78.54
C ALA C 137 -66.12 56.30 77.59
N PRO C 138 -66.85 56.53 76.46
CA PRO C 138 -66.44 57.61 75.53
C PRO C 138 -66.69 59.04 76.00
N SER C 139 -65.76 59.96 75.66
CA SER C 139 -65.80 61.39 76.01
C SER C 139 -66.56 62.20 74.96
N THR C 147 -67.04 62.91 66.96
CA THR C 147 -66.32 61.66 66.69
C THR C 147 -65.48 61.23 67.92
N ALA C 148 -66.15 61.15 69.09
CA ALA C 148 -65.50 60.76 70.34
C ALA C 148 -65.29 59.24 70.42
N ALA C 149 -64.05 58.83 70.75
CA ALA C 149 -63.60 57.43 70.84
C ALA C 149 -63.84 56.78 72.20
N LEU C 150 -63.90 55.44 72.22
CA LEU C 150 -64.09 54.64 73.44
C LEU C 150 -62.96 53.62 73.64
N GLY C 151 -62.57 53.45 74.91
CA GLY C 151 -61.47 52.57 75.31
C GLY C 151 -61.85 51.22 75.87
N CYS C 152 -60.82 50.41 76.16
CA CYS C 152 -60.93 49.05 76.68
C CYS C 152 -59.57 48.69 77.33
N LEU C 153 -59.48 48.78 78.66
CA LEU C 153 -58.25 48.49 79.41
C LEU C 153 -58.13 47.00 79.73
N VAL C 154 -56.91 46.45 79.54
CA VAL C 154 -56.53 45.06 79.86
C VAL C 154 -55.42 45.21 80.91
N LYS C 155 -55.77 45.13 82.22
CA LYS C 155 -54.81 45.35 83.30
C LYS C 155 -54.44 44.10 84.08
N ASP C 156 -53.13 44.04 84.46
CA ASP C 156 -52.45 43.01 85.27
C ASP C 156 -52.66 41.56 84.79
N TYR C 157 -51.69 41.06 84.00
CA TYR C 157 -51.68 39.70 83.46
C TYR C 157 -50.25 39.17 83.25
N PHE C 158 -50.11 37.83 83.08
CA PHE C 158 -48.85 37.10 82.84
C PHE C 158 -49.18 35.65 82.42
N PRO C 159 -48.61 35.09 81.34
CA PRO C 159 -47.65 35.68 80.39
C PRO C 159 -48.28 36.37 79.18
N GLU C 160 -47.50 37.18 78.47
CA GLU C 160 -47.92 37.89 77.26
C GLU C 160 -48.07 36.89 76.08
N PRO C 161 -48.97 37.12 75.09
CA PRO C 161 -49.84 38.27 74.86
C PRO C 161 -51.33 38.02 75.12
N VAL C 162 -52.19 38.97 74.69
CA VAL C 162 -53.65 38.89 74.74
C VAL C 162 -54.25 39.39 73.42
N THR C 163 -55.03 38.51 72.76
CA THR C 163 -55.70 38.76 71.47
C THR C 163 -56.96 39.62 71.73
N VAL C 164 -56.98 40.87 71.22
CA VAL C 164 -58.11 41.79 71.39
C VAL C 164 -58.88 41.96 70.06
N SER C 165 -60.21 41.76 70.10
CA SER C 165 -61.10 41.89 68.93
C SER C 165 -62.41 42.59 69.33
N TRP C 166 -62.95 43.44 68.44
CA TRP C 166 -64.20 44.16 68.72
C TRP C 166 -65.38 43.46 68.04
N ASN C 167 -66.48 43.27 68.81
CA ASN C 167 -67.73 42.63 68.40
C ASN C 167 -67.50 41.22 67.83
N SER C 168 -66.65 40.42 68.54
CA SER C 168 -66.22 39.06 68.22
C SER C 168 -65.50 38.94 66.85
N GLY C 169 -64.96 40.07 66.38
CA GLY C 169 -64.25 40.17 65.11
C GLY C 169 -65.09 40.74 63.98
N ALA C 170 -65.80 41.84 64.26
CA ALA C 170 -66.66 42.52 63.27
C ALA C 170 -66.14 43.93 62.98
N LEU C 171 -65.88 44.73 64.04
CA LEU C 171 -65.36 46.09 63.95
C LEU C 171 -63.85 46.02 63.72
N THR C 172 -63.42 46.45 62.52
CA THR C 172 -62.03 46.42 62.08
C THR C 172 -61.48 47.81 61.74
N SER C 173 -62.36 48.72 61.27
CA SER C 173 -61.99 50.08 60.88
C SER C 173 -61.77 50.98 62.09
N GLY C 174 -60.67 51.73 62.07
CA GLY C 174 -60.29 52.68 63.11
C GLY C 174 -59.93 52.08 64.47
N VAL C 175 -59.68 50.76 64.49
CA VAL C 175 -59.34 49.98 65.69
C VAL C 175 -57.84 50.14 65.99
N HIS C 176 -57.52 50.61 67.22
CA HIS C 176 -56.15 50.79 67.69
CA HIS C 176 -56.15 50.79 67.69
C HIS C 176 -55.89 49.97 68.95
N THR C 177 -55.09 48.90 68.83
CA THR C 177 -54.73 48.04 69.95
C THR C 177 -53.26 48.30 70.28
N PHE C 178 -53.04 49.05 71.36
CA PHE C 178 -51.73 49.50 71.83
C PHE C 178 -50.89 48.38 72.44
N PRO C 179 -49.55 48.41 72.25
CA PRO C 179 -48.69 47.38 72.86
C PRO C 179 -48.71 47.43 74.39
N ALA C 180 -48.49 46.26 75.02
CA ALA C 180 -48.48 46.13 76.47
C ALA C 180 -47.17 46.59 77.09
N VAL C 181 -47.23 47.01 78.37
CA VAL C 181 -46.07 47.44 79.15
C VAL C 181 -46.04 46.74 80.50
N LEU C 182 -44.86 46.24 80.92
CA LEU C 182 -44.71 45.56 82.20
C LEU C 182 -44.75 46.58 83.33
N GLN C 183 -45.66 46.39 84.29
CA GLN C 183 -45.84 47.26 85.46
C GLN C 183 -44.74 47.03 86.51
N SER C 184 -44.71 47.90 87.53
CA SER C 184 -43.77 47.82 88.65
C SER C 184 -43.96 46.50 89.42
N SER C 185 -45.21 46.01 89.46
CA SER C 185 -45.62 44.74 90.08
C SER C 185 -45.03 43.53 89.36
N GLY C 186 -44.70 43.71 88.07
CA GLY C 186 -44.13 42.69 87.21
C GLY C 186 -45.14 42.04 86.28
N LEU C 187 -46.36 42.63 86.22
CA LEU C 187 -47.47 42.14 85.41
C LEU C 187 -47.78 43.10 84.26
N TYR C 188 -47.90 42.56 83.04
CA TYR C 188 -48.17 43.30 81.80
C TYR C 188 -49.59 43.89 81.79
N SER C 189 -49.78 45.01 81.05
CA SER C 189 -51.07 45.71 80.90
C SER C 189 -51.14 46.52 79.60
N LEU C 190 -52.24 46.36 78.82
CA LEU C 190 -52.44 47.11 77.57
C LEU C 190 -53.78 47.84 77.51
N SER C 191 -53.98 48.60 76.42
CA SER C 191 -55.16 49.41 76.12
C SER C 191 -55.60 49.15 74.68
N SER C 192 -56.90 49.29 74.40
CA SER C 192 -57.48 49.10 73.07
C SER C 192 -58.62 50.10 72.82
N VAL C 193 -58.47 50.97 71.80
CA VAL C 193 -59.44 52.03 71.47
C VAL C 193 -59.96 51.92 70.02
N VAL C 194 -61.02 52.70 69.71
CA VAL C 194 -61.62 52.80 68.38
C VAL C 194 -62.28 54.18 68.19
N THR C 195 -61.85 54.92 67.16
CA THR C 195 -62.36 56.24 66.80
C THR C 195 -63.76 56.07 66.19
N VAL C 196 -64.78 56.06 67.06
CA VAL C 196 -66.19 55.88 66.69
C VAL C 196 -66.91 57.23 66.51
N PRO C 197 -67.91 57.32 65.60
CA PRO C 197 -68.62 58.60 65.43
C PRO C 197 -69.62 58.87 66.54
N SER C 198 -69.86 60.16 66.82
CA SER C 198 -70.81 60.61 67.83
C SER C 198 -72.28 60.41 67.38
N SER C 199 -72.48 60.02 66.09
CA SER C 199 -73.80 59.78 65.47
C SER C 199 -74.54 58.56 66.02
N SER C 200 -73.79 57.50 66.43
CA SER C 200 -74.36 56.25 66.93
C SER C 200 -74.29 56.13 68.46
N LEU C 201 -73.06 55.95 69.01
CA LEU C 201 -72.76 55.81 70.45
C LEU C 201 -73.47 54.59 71.09
N GLY C 202 -74.13 54.82 72.25
CA GLY C 202 -74.84 53.83 73.05
C GLY C 202 -75.94 53.02 72.39
N THR C 203 -76.49 53.53 71.27
CA THR C 203 -77.53 52.85 70.48
C THR C 203 -76.94 51.59 69.84
N GLN C 204 -75.69 51.70 69.33
CA GLN C 204 -74.95 50.59 68.73
C GLN C 204 -74.24 49.84 69.85
N THR C 205 -74.40 48.51 69.89
CA THR C 205 -73.79 47.65 70.91
C THR C 205 -72.30 47.45 70.58
N TYR C 206 -71.41 48.07 71.38
CA TYR C 206 -69.95 47.98 71.20
C TYR C 206 -69.34 46.99 72.20
N ILE C 207 -69.09 45.75 71.73
CA ILE C 207 -68.54 44.64 72.52
C ILE C 207 -67.01 44.57 72.34
N CYS C 208 -66.28 44.46 73.46
CA CYS C 208 -64.82 44.38 73.47
C CYS C 208 -64.36 42.98 73.93
N ASN C 209 -64.07 42.09 72.95
CA ASN C 209 -63.66 40.71 73.19
C ASN C 209 -62.15 40.59 73.41
N VAL C 210 -61.76 40.24 74.64
CA VAL C 210 -60.35 40.06 75.05
C VAL C 210 -60.16 38.62 75.54
N ASN C 211 -59.07 37.96 75.10
CA ASN C 211 -58.77 36.58 75.49
C ASN C 211 -57.29 36.36 75.81
N HIS C 212 -57.03 35.61 76.89
CA HIS C 212 -55.68 35.23 77.33
C HIS C 212 -55.50 33.78 76.92
N LYS C 213 -54.58 33.51 75.98
CA LYS C 213 -54.35 32.15 75.48
C LYS C 213 -53.72 31.21 76.54
N PRO C 214 -52.58 31.55 77.24
CA PRO C 214 -52.03 30.61 78.24
C PRO C 214 -52.95 30.31 79.43
N SER C 215 -53.32 31.33 80.25
CA SER C 215 -54.18 31.14 81.43
C SER C 215 -55.64 30.76 81.11
N ASN C 216 -56.02 30.82 79.81
CA ASN C 216 -57.37 30.53 79.26
C ASN C 216 -58.47 31.47 79.80
N THR C 217 -58.06 32.56 80.50
CA THR C 217 -58.95 33.57 81.06
C THR C 217 -59.48 34.46 79.91
N LYS C 218 -60.64 34.08 79.34
CA LYS C 218 -61.26 34.80 78.24
C LYS C 218 -62.41 35.68 78.75
N VAL C 219 -62.08 36.95 79.09
CA VAL C 219 -63.02 37.94 79.64
C VAL C 219 -63.48 38.93 78.56
N ASP C 220 -64.77 38.82 78.21
CA ASP C 220 -65.43 39.68 77.24
C ASP C 220 -66.30 40.69 78.00
N LYS C 221 -66.02 42.00 77.79
CA LYS C 221 -66.76 43.08 78.43
C LYS C 221 -67.22 44.14 77.44
N ARG C 222 -68.50 44.56 77.56
CA ARG C 222 -69.12 45.58 76.72
C ARG C 222 -68.77 46.97 77.25
N VAL C 223 -68.46 47.91 76.33
CA VAL C 223 -68.12 49.29 76.68
C VAL C 223 -69.43 50.10 76.75
N GLU C 224 -69.74 50.64 77.94
CA GLU C 224 -70.97 51.41 78.21
C GLU C 224 -70.71 52.94 78.36
N PRO C 225 -71.49 53.81 77.66
CA PRO C 225 -71.26 55.26 77.79
C PRO C 225 -71.97 55.85 79.00
N GLU D 1 -16.07 45.97 71.41
CA GLU D 1 -17.13 46.03 70.40
C GLU D 1 -16.86 47.15 69.38
N ILE D 2 -16.98 46.82 68.09
CA ILE D 2 -16.80 47.78 66.98
C ILE D 2 -18.16 48.46 66.82
N VAL D 3 -18.37 49.54 67.60
CA VAL D 3 -19.61 50.31 67.67
C VAL D 3 -20.03 50.86 66.31
N LEU D 4 -21.16 50.35 65.80
CA LEU D 4 -21.78 50.80 64.56
C LEU D 4 -22.83 51.83 64.94
N THR D 5 -22.70 53.05 64.42
CA THR D 5 -23.62 54.14 64.73
C THR D 5 -24.29 54.61 63.44
N GLN D 6 -25.56 54.21 63.26
CA GLN D 6 -26.37 54.52 62.09
C GLN D 6 -26.90 55.94 62.05
N SER D 7 -26.89 56.52 60.84
CA SER D 7 -27.35 57.88 60.57
C SER D 7 -28.28 57.87 59.33
N PRO D 8 -29.48 58.50 59.40
CA PRO D 8 -30.06 59.24 60.54
C PRO D 8 -30.75 58.31 61.54
N GLY D 9 -31.51 58.89 62.46
CA GLY D 9 -32.28 58.12 63.44
C GLY D 9 -33.51 57.54 62.77
N THR D 10 -34.18 58.37 61.94
CA THR D 10 -35.38 58.04 61.17
C THR D 10 -35.39 58.82 59.86
N LEU D 11 -35.85 58.17 58.78
CA LEU D 11 -35.95 58.78 57.45
C LEU D 11 -37.41 58.99 57.06
N SER D 12 -37.83 60.23 56.80
CA SER D 12 -39.20 60.55 56.39
C SER D 12 -39.18 60.78 54.88
N LEU D 13 -39.68 59.80 54.11
CA LEU D 13 -39.67 59.85 52.65
C LEU D 13 -41.02 59.53 52.03
N SER D 14 -41.31 60.13 50.86
CA SER D 14 -42.55 59.90 50.12
C SER D 14 -42.37 58.67 49.20
N PRO D 15 -43.37 57.75 49.11
CA PRO D 15 -43.21 56.57 48.25
C PRO D 15 -42.94 56.91 46.79
N GLY D 16 -41.68 56.83 46.41
CA GLY D 16 -41.18 57.15 45.08
C GLY D 16 -39.82 57.81 45.13
N GLU D 17 -39.48 58.41 46.29
CA GLU D 17 -38.21 59.09 46.54
C GLU D 17 -37.05 58.08 46.69
N GLY D 18 -35.82 58.61 46.77
CA GLY D 18 -34.60 57.82 46.90
C GLY D 18 -34.00 57.86 48.29
N ALA D 19 -33.91 56.68 48.93
CA ALA D 19 -33.34 56.53 50.28
C ALA D 19 -31.82 56.29 50.24
N THR D 20 -31.09 56.91 51.19
CA THR D 20 -29.64 56.82 51.35
C THR D 20 -29.36 56.67 52.86
N LEU D 21 -28.92 55.47 53.28
CA LEU D 21 -28.68 55.17 54.69
C LEU D 21 -27.22 54.96 55.03
N SER D 22 -26.74 55.67 56.08
CA SER D 22 -25.36 55.63 56.56
C SER D 22 -25.18 54.74 57.78
N CYS D 23 -23.98 54.14 57.90
CA CYS D 23 -23.60 53.27 59.00
C CYS D 23 -22.08 53.46 59.22
N ARG D 24 -21.71 54.36 60.14
CA ARG D 24 -20.31 54.65 60.45
C ARG D 24 -19.77 53.84 61.63
N ALA D 25 -18.74 53.04 61.35
CA ALA D 25 -18.09 52.15 62.31
C ALA D 25 -17.05 52.86 63.18
N SER D 26 -16.88 52.35 64.43
CA SER D 26 -15.93 52.84 65.43
C SER D 26 -14.51 52.84 64.83
N GLN D 27 -14.09 51.69 64.27
CA GLN D 27 -12.81 51.46 63.59
C GLN D 27 -13.06 50.90 62.18
N SER D 28 -12.02 50.89 61.32
CA SER D 28 -12.14 50.40 59.94
C SER D 28 -12.36 48.88 59.91
N VAL D 29 -13.42 48.44 59.19
CA VAL D 29 -13.80 47.03 59.02
C VAL D 29 -13.79 46.67 57.52
N ASP D 30 -13.63 45.37 57.18
CA ASP D 30 -13.64 44.87 55.80
C ASP D 30 -15.01 45.06 55.17
N SER D 31 -15.04 45.44 53.87
CA SER D 31 -16.26 45.68 53.10
C SER D 31 -17.09 44.41 53.00
N SER D 32 -16.42 43.27 52.72
CA SER D 32 -17.03 41.96 52.60
C SER D 32 -17.61 41.43 53.92
N SER D 33 -17.27 42.06 55.06
CA SER D 33 -17.79 41.65 56.35
C SER D 33 -19.10 42.37 56.71
N LEU D 34 -19.47 43.38 55.92
CA LEU D 34 -20.65 44.21 56.14
C LEU D 34 -21.93 43.72 55.46
N ALA D 35 -23.07 43.85 56.17
CA ALA D 35 -24.38 43.44 55.67
C ALA D 35 -25.50 44.38 56.11
N TRP D 36 -26.55 44.53 55.27
CA TRP D 36 -27.73 45.35 55.51
C TRP D 36 -28.99 44.48 55.65
N TYR D 37 -29.76 44.72 56.73
CA TYR D 37 -30.98 43.98 57.05
C TYR D 37 -32.21 44.89 57.14
N GLN D 38 -33.39 44.35 56.78
CA GLN D 38 -34.67 45.06 56.84
C GLN D 38 -35.62 44.31 57.76
N GLN D 39 -36.08 44.96 58.84
CA GLN D 39 -37.04 44.35 59.77
C GLN D 39 -38.37 45.09 59.70
N LYS D 40 -39.43 44.33 59.43
CA LYS D 40 -40.78 44.88 59.36
C LYS D 40 -41.44 44.65 60.73
N PRO D 41 -42.43 45.48 61.16
CA PRO D 41 -43.03 45.26 62.49
C PRO D 41 -43.70 43.89 62.64
N GLY D 42 -43.29 43.17 63.69
CA GLY D 42 -43.78 41.83 64.00
C GLY D 42 -43.34 40.79 63.00
N GLN D 43 -42.10 40.93 62.49
CA GLN D 43 -41.48 40.06 61.50
C GLN D 43 -40.00 39.86 61.80
N ALA D 44 -39.46 38.67 61.44
CA ALA D 44 -38.04 38.34 61.59
C ALA D 44 -37.22 39.15 60.55
N PRO D 45 -35.92 39.48 60.81
CA PRO D 45 -35.16 40.27 59.82
C PRO D 45 -34.95 39.59 58.47
N ARG D 46 -34.65 40.41 57.45
CA ARG D 46 -34.41 39.99 56.07
C ARG D 46 -33.05 40.50 55.64
N LEU D 47 -32.30 39.67 54.89
CA LEU D 47 -30.99 40.06 54.37
C LEU D 47 -31.21 40.75 53.01
N LEU D 48 -30.67 41.98 52.85
CA LEU D 48 -30.78 42.77 51.63
C LEU D 48 -29.46 42.75 50.88
N ILE D 49 -28.41 43.23 51.55
CA ILE D 49 -27.07 43.28 51.00
C ILE D 49 -26.18 42.51 51.95
N PHE D 50 -25.37 41.61 51.40
CA PHE D 50 -24.38 40.82 52.11
C PHE D 50 -23.05 41.09 51.39
N ALA D 51 -21.91 40.90 52.07
CA ALA D 51 -20.56 41.15 51.53
C ALA D 51 -20.32 42.61 51.12
N GLY D 52 -21.14 43.51 51.64
CA GLY D 52 -21.05 44.95 51.44
C GLY D 52 -21.57 45.54 50.14
N SER D 53 -21.59 44.75 49.06
CA SER D 53 -22.04 45.23 47.75
C SER D 53 -23.04 44.29 47.11
N SER D 54 -22.82 42.97 47.29
CA SER D 54 -23.60 41.88 46.71
C SER D 54 -25.07 41.89 47.14
N ARG D 55 -25.99 41.83 46.17
CA ARG D 55 -27.43 41.81 46.42
C ARG D 55 -27.88 40.40 46.83
N ALA D 56 -28.72 40.30 47.86
CA ALA D 56 -29.18 39.02 48.40
C ALA D 56 -30.10 38.23 47.46
N THR D 57 -30.34 36.96 47.84
CA THR D 57 -31.15 35.96 47.14
C THR D 57 -32.63 36.40 47.09
N GLY D 58 -33.05 36.98 45.97
CA GLY D 58 -34.42 37.43 45.76
C GLY D 58 -34.71 38.80 46.34
N ILE D 59 -33.92 39.81 45.90
CA ILE D 59 -34.04 41.23 46.31
C ILE D 59 -34.06 42.10 45.03
N PRO D 60 -34.99 43.09 44.89
CA PRO D 60 -35.04 43.90 43.66
C PRO D 60 -33.82 44.80 43.39
N ASP D 61 -33.66 45.23 42.12
CA ASP D 61 -32.59 46.06 41.58
C ASP D 61 -32.37 47.41 42.28
N ARG D 62 -33.44 47.98 42.89
CA ARG D 62 -33.40 49.26 43.59
C ARG D 62 -32.41 49.25 44.77
N PHE D 63 -32.42 48.17 45.56
CA PHE D 63 -31.53 48.00 46.72
C PHE D 63 -30.09 47.76 46.29
N SER D 64 -29.17 48.65 46.72
CA SER D 64 -27.74 48.57 46.40
C SER D 64 -26.85 48.89 47.60
N GLY D 65 -25.77 48.12 47.72
CA GLY D 65 -24.79 48.27 48.79
C GLY D 65 -23.54 48.96 48.29
N LYS D 66 -23.15 50.06 48.94
CA LYS D 66 -21.95 50.83 48.61
C LYS D 66 -21.07 50.89 49.87
N THR D 67 -19.80 50.44 49.76
CA THR D 67 -18.89 50.47 50.90
C THR D 67 -17.99 51.72 50.80
N SER D 68 -18.57 52.86 51.21
CA SER D 68 -17.99 54.20 51.18
C SER D 68 -16.73 54.40 52.04
N GLY D 69 -16.17 55.61 51.96
CA GLY D 69 -15.01 56.03 52.73
C GLY D 69 -15.35 56.18 54.20
N THR D 70 -16.65 56.36 54.50
CA THR D 70 -17.25 56.45 55.84
C THR D 70 -17.04 55.09 56.51
N ASP D 71 -17.68 54.05 55.91
CA ASP D 71 -17.66 52.60 56.21
C ASP D 71 -18.82 51.84 55.54
N PHE D 72 -20.00 52.48 55.33
CA PHE D 72 -21.15 51.80 54.71
C PHE D 72 -22.25 52.74 54.21
N THR D 73 -22.96 52.33 53.12
CA THR D 73 -24.07 53.05 52.48
C THR D 73 -25.05 52.15 51.73
N LEU D 74 -26.34 52.19 52.12
CA LEU D 74 -27.42 51.47 51.46
C LEU D 74 -28.24 52.50 50.70
N THR D 75 -28.54 52.23 49.41
CA THR D 75 -29.28 53.16 48.55
C THR D 75 -30.43 52.48 47.79
N ILE D 76 -31.63 53.10 47.83
CA ILE D 76 -32.83 52.63 47.11
C ILE D 76 -33.26 53.73 46.14
N SER D 77 -33.45 53.38 44.86
CA SER D 77 -33.87 54.35 43.83
C SER D 77 -35.35 54.75 44.00
N ARG D 78 -36.27 53.76 43.92
CA ARG D 78 -37.71 53.95 44.07
C ARG D 78 -38.17 53.31 45.38
N LEU D 79 -38.71 54.11 46.31
CA LEU D 79 -39.21 53.58 47.58
C LEU D 79 -40.62 53.10 47.39
N GLU D 80 -40.79 51.77 47.33
CA GLU D 80 -42.11 51.14 47.16
C GLU D 80 -42.81 51.08 48.53
N PRO D 81 -44.16 50.94 48.63
CA PRO D 81 -44.80 50.91 49.96
C PRO D 81 -44.26 49.84 50.90
N GLU D 82 -43.75 48.75 50.31
CA GLU D 82 -43.16 47.60 50.99
C GLU D 82 -41.82 47.95 51.67
N ASP D 83 -41.06 48.90 51.08
CA ASP D 83 -39.74 49.36 51.54
C ASP D 83 -39.75 50.13 52.87
N PHE D 84 -40.91 50.64 53.29
CA PHE D 84 -41.00 51.42 54.52
C PHE D 84 -40.91 50.54 55.77
N ALA D 85 -39.68 50.36 56.29
CA ALA D 85 -39.39 49.52 57.46
C ALA D 85 -38.13 50.00 58.20
N VAL D 86 -37.67 49.22 59.20
CA VAL D 86 -36.48 49.52 60.00
C VAL D 86 -35.28 48.87 59.34
N TYR D 87 -34.22 49.66 59.11
CA TYR D 87 -33.00 49.21 58.44
C TYR D 87 -31.81 49.12 59.36
N TYR D 88 -31.19 47.93 59.42
CA TYR D 88 -30.04 47.63 60.26
C TYR D 88 -28.79 47.29 59.46
N CYS D 89 -27.62 47.71 59.96
CA CYS D 89 -26.34 47.33 59.37
C CYS D 89 -25.66 46.37 60.33
N GLN D 90 -24.75 45.54 59.84
CA GLN D 90 -24.04 44.58 60.69
C GLN D 90 -22.65 44.31 60.16
N GLN D 91 -21.68 44.23 61.07
CA GLN D 91 -20.30 43.90 60.74
C GLN D 91 -19.98 42.47 61.19
N CYS D 92 -19.21 41.73 60.40
CA CYS D 92 -18.86 40.33 60.72
C CYS D 92 -17.33 40.10 60.81
N GLY D 93 -16.57 41.19 60.84
CA GLY D 93 -15.12 41.15 60.96
C GLY D 93 -14.67 41.12 62.41
N ASN D 94 -14.08 40.00 62.88
CA ASN D 94 -13.59 39.77 64.27
C ASN D 94 -14.71 39.85 65.34
N SER D 95 -14.56 39.01 66.40
CA SER D 95 -15.50 38.91 67.51
C SER D 95 -15.54 40.18 68.40
N PRO D 96 -16.74 40.71 68.71
CA PRO D 96 -18.08 40.21 68.34
C PRO D 96 -18.65 40.86 67.09
N TRP D 97 -19.78 40.33 66.60
CA TRP D 97 -20.48 40.91 65.46
C TRP D 97 -21.48 41.90 66.05
N THR D 98 -21.42 43.14 65.60
CA THR D 98 -22.31 44.16 66.13
C THR D 98 -23.31 44.64 65.10
N PHE D 99 -24.52 44.97 65.56
CA PHE D 99 -25.57 45.50 64.72
C PHE D 99 -25.66 46.99 64.98
N GLY D 100 -26.03 47.72 63.94
CA GLY D 100 -26.20 49.16 64.01
C GLY D 100 -27.38 49.58 64.86
N GLN D 101 -27.56 50.91 64.99
CA GLN D 101 -28.62 51.51 65.79
C GLN D 101 -30.01 51.23 65.20
N GLY D 102 -30.14 51.41 63.88
CA GLY D 102 -31.38 51.16 63.16
C GLY D 102 -32.14 52.43 62.83
N THR D 103 -32.39 52.67 61.52
CA THR D 103 -33.12 53.84 61.02
C THR D 103 -34.43 53.45 60.36
N LYS D 104 -35.57 53.79 61.00
CA LYS D 104 -36.90 53.52 60.47
C LYS D 104 -37.21 54.46 59.30
N VAL D 105 -37.68 53.87 58.18
CA VAL D 105 -38.07 54.60 56.98
C VAL D 105 -39.61 54.75 57.03
N GLU D 106 -40.09 55.99 57.28
CA GLU D 106 -41.51 56.30 57.40
C GLU D 106 -42.07 57.06 56.19
N ILE D 107 -43.36 56.87 55.91
CA ILE D 107 -44.08 57.52 54.81
C ILE D 107 -44.24 58.99 55.17
N LYS D 108 -43.70 59.89 54.34
CA LYS D 108 -43.76 61.34 54.54
C LYS D 108 -45.16 61.86 54.20
N ARG D 109 -45.83 62.52 55.17
CA ARG D 109 -47.18 63.08 55.06
C ARG D 109 -47.31 64.45 55.76
N THR D 110 -48.48 65.11 55.59
CA THR D 110 -48.78 66.41 56.20
C THR D 110 -48.82 66.29 57.71
N VAL D 111 -48.41 67.35 58.43
CA VAL D 111 -48.40 67.43 59.88
C VAL D 111 -49.81 67.21 60.40
N ALA D 112 -50.01 66.18 61.22
CA ALA D 112 -51.33 65.85 61.77
C ALA D 112 -51.36 66.03 63.28
N ALA D 113 -52.27 66.89 63.77
CA ALA D 113 -52.45 67.15 65.20
C ALA D 113 -53.17 65.95 65.84
N PRO D 114 -52.80 65.53 67.08
CA PRO D 114 -53.47 64.36 67.67
C PRO D 114 -54.90 64.62 68.14
N SER D 115 -55.69 63.55 68.15
CA SER D 115 -57.04 63.56 68.65
C SER D 115 -56.87 63.12 70.11
N VAL D 116 -56.82 64.08 71.05
CA VAL D 116 -56.58 63.85 72.47
C VAL D 116 -57.89 63.60 73.25
N PHE D 117 -57.93 62.47 74.01
CA PHE D 117 -59.07 62.06 74.85
C PHE D 117 -58.60 61.54 76.21
N ILE D 118 -59.37 61.81 77.27
CA ILE D 118 -59.08 61.34 78.64
C ILE D 118 -60.18 60.35 79.09
N PHE D 119 -59.75 59.17 79.58
CA PHE D 119 -60.66 58.12 80.04
C PHE D 119 -60.67 57.95 81.56
N PRO D 120 -61.85 58.13 82.21
CA PRO D 120 -61.90 57.93 83.67
C PRO D 120 -61.80 56.44 84.06
N PRO D 121 -61.33 56.10 85.29
CA PRO D 121 -61.23 54.67 85.65
C PRO D 121 -62.59 53.99 85.78
N SER D 122 -62.64 52.69 85.45
CA SER D 122 -63.87 51.90 85.55
C SER D 122 -64.27 51.73 87.01
N ASP D 123 -65.59 51.67 87.28
CA ASP D 123 -66.12 51.49 88.63
C ASP D 123 -65.88 50.06 89.16
N GLU D 124 -65.52 49.13 88.26
CA GLU D 124 -65.16 47.74 88.56
C GLU D 124 -63.73 47.72 89.11
N GLN D 125 -62.87 48.62 88.58
CA GLN D 125 -61.47 48.81 88.95
C GLN D 125 -61.36 49.48 90.33
N LEU D 126 -62.38 50.29 90.70
CA LEU D 126 -62.47 50.98 91.99
C LEU D 126 -62.58 49.96 93.14
N LYS D 127 -63.24 48.80 92.86
CA LYS D 127 -63.44 47.70 93.80
C LYS D 127 -62.13 47.02 94.20
N SER D 128 -61.08 47.10 93.34
CA SER D 128 -59.79 46.49 93.62
C SER D 128 -58.94 47.30 94.62
N GLY D 129 -58.90 48.62 94.45
CA GLY D 129 -58.15 49.54 95.30
C GLY D 129 -57.02 50.28 94.59
N THR D 130 -56.85 50.04 93.28
CA THR D 130 -55.86 50.66 92.41
C THR D 130 -56.54 50.95 91.07
N ALA D 131 -56.73 52.25 90.74
CA ALA D 131 -57.40 52.70 89.51
C ALA D 131 -56.49 53.55 88.62
N SER D 132 -56.57 53.31 87.30
CA SER D 132 -55.73 54.01 86.31
C SER D 132 -56.53 54.90 85.35
N VAL D 133 -55.93 56.04 84.96
CA VAL D 133 -56.52 57.02 84.02
C VAL D 133 -55.68 57.00 82.73
N VAL D 134 -56.34 56.99 81.55
CA VAL D 134 -55.66 56.95 80.23
C VAL D 134 -55.87 58.24 79.41
N CYS D 135 -54.79 58.73 78.77
CA CYS D 135 -54.75 59.92 77.92
C CYS D 135 -54.43 59.48 76.48
N LEU D 136 -55.47 59.10 75.70
CA LEU D 136 -55.35 58.63 74.32
C LEU D 136 -55.08 59.77 73.34
N LEU D 137 -54.09 59.57 72.45
CA LEU D 137 -53.68 60.52 71.43
C LEU D 137 -53.85 59.85 70.06
N ASN D 138 -55.10 59.78 69.57
CA ASN D 138 -55.38 59.11 68.30
C ASN D 138 -54.89 59.88 67.09
N ASN D 139 -54.34 59.14 66.11
CA ASN D 139 -53.82 59.50 64.78
C ASN D 139 -53.13 60.88 64.68
N PHE D 140 -51.78 60.86 64.64
CA PHE D 140 -50.93 62.06 64.53
C PHE D 140 -49.65 61.82 63.73
N TYR D 141 -49.02 62.92 63.26
CA TYR D 141 -47.77 62.87 62.52
C TYR D 141 -46.95 64.14 62.78
N PRO D 142 -45.64 64.03 63.11
CA PRO D 142 -44.83 62.81 63.28
C PRO D 142 -45.00 62.14 64.65
N ARG D 143 -44.39 60.93 64.84
CA ARG D 143 -44.43 60.12 66.09
C ARG D 143 -43.92 60.93 67.30
N GLU D 144 -43.06 61.90 67.01
CA GLU D 144 -42.39 62.81 67.92
C GLU D 144 -43.40 63.73 68.65
N ALA D 145 -43.79 63.32 69.88
CA ALA D 145 -44.75 64.01 70.77
C ALA D 145 -44.48 63.70 72.26
N LYS D 146 -45.02 64.53 73.19
CA LYS D 146 -44.84 64.34 74.64
C LYS D 146 -46.09 64.65 75.46
N VAL D 147 -46.43 63.74 76.40
CA VAL D 147 -47.58 63.85 77.31
C VAL D 147 -47.08 64.07 78.76
N GLN D 148 -47.68 65.04 79.47
CA GLN D 148 -47.33 65.39 80.86
C GLN D 148 -48.60 65.32 81.73
N TRP D 149 -48.69 64.30 82.61
CA TRP D 149 -49.84 64.11 83.51
C TRP D 149 -49.88 65.16 84.61
N LYS D 150 -50.96 65.96 84.65
CA LYS D 150 -51.18 67.02 85.63
C LYS D 150 -52.32 66.68 86.58
N VAL D 151 -51.97 66.36 87.84
CA VAL D 151 -52.92 66.03 88.91
C VAL D 151 -52.99 67.27 89.82
N ASP D 152 -53.99 68.14 89.57
CA ASP D 152 -54.24 69.41 90.28
C ASP D 152 -52.99 70.31 90.23
N ASN D 153 -52.60 70.76 89.00
CA ASN D 153 -51.43 71.60 88.67
C ASN D 153 -50.09 70.87 88.85
N ALA D 154 -50.00 69.99 89.86
CA ALA D 154 -48.81 69.21 90.20
C ALA D 154 -48.56 68.13 89.14
N LEU D 155 -47.51 68.35 88.34
CA LEU D 155 -47.10 67.45 87.27
C LEU D 155 -46.54 66.15 87.89
N GLN D 156 -47.18 65.01 87.55
CA GLN D 156 -46.82 63.69 88.07
C GLN D 156 -45.91 62.91 87.13
N SER D 157 -44.88 62.27 87.70
CA SER D 157 -43.90 61.46 86.98
C SER D 157 -43.64 60.16 87.75
N GLY D 158 -43.42 59.08 87.00
CA GLY D 158 -43.14 57.75 87.54
C GLY D 158 -44.32 56.81 87.46
N ASN D 159 -45.48 57.27 87.98
CA ASN D 159 -46.76 56.54 87.97
C ASN D 159 -47.26 56.30 86.55
N SER D 160 -46.93 57.23 85.62
CA SER D 160 -47.30 57.18 84.21
C SER D 160 -46.42 56.21 83.42
N GLN D 161 -47.04 55.47 82.50
CA GLN D 161 -46.39 54.51 81.59
C GLN D 161 -46.90 54.78 80.18
N GLU D 162 -46.00 54.93 79.20
CA GLU D 162 -46.37 55.24 77.81
C GLU D 162 -46.22 54.06 76.84
N SER D 163 -47.07 54.05 75.80
CA SER D 163 -47.09 53.05 74.72
C SER D 163 -47.51 53.70 73.39
N VAL D 164 -46.94 53.22 72.27
CA VAL D 164 -47.21 53.75 70.93
C VAL D 164 -47.36 52.68 69.87
N THR D 165 -48.27 52.90 68.92
CA THR D 165 -48.49 52.00 67.79
C THR D 165 -47.67 52.52 66.61
N GLU D 166 -47.26 51.62 65.71
CA GLU D 166 -46.50 51.98 64.52
C GLU D 166 -47.31 52.82 63.52
N GLN D 167 -46.67 53.23 62.41
CA GLN D 167 -47.28 54.03 61.34
C GLN D 167 -48.46 53.27 60.71
N ASP D 168 -49.61 53.95 60.58
CA ASP D 168 -50.82 53.35 60.01
C ASP D 168 -50.66 53.01 58.52
N SER D 169 -51.20 51.85 58.10
CA SER D 169 -51.15 51.38 56.72
C SER D 169 -51.99 52.24 55.78
N LYS D 170 -53.12 52.76 56.29
CA LYS D 170 -54.06 53.53 55.50
C LYS D 170 -53.78 55.03 55.49
N ASP D 171 -53.57 55.66 56.66
CA ASP D 171 -53.35 57.12 56.73
C ASP D 171 -51.99 57.59 57.28
N SER D 172 -51.01 56.68 57.44
CA SER D 172 -49.64 56.95 57.90
C SER D 172 -49.55 57.81 59.19
N THR D 173 -50.42 57.54 60.17
CA THR D 173 -50.46 58.28 61.44
C THR D 173 -50.29 57.38 62.68
N TYR D 174 -49.51 57.88 63.63
CA TYR D 174 -49.18 57.22 64.91
C TYR D 174 -50.22 57.55 66.00
N SER D 175 -50.27 56.73 67.05
CA SER D 175 -51.20 56.92 68.18
C SER D 175 -50.49 56.61 69.51
N LEU D 176 -50.80 57.39 70.58
CA LEU D 176 -50.19 57.21 71.91
C LEU D 176 -51.24 56.89 72.99
N SER D 177 -50.85 56.08 73.98
CA SER D 177 -51.69 55.70 75.11
C SER D 177 -50.85 55.76 76.40
N SER D 178 -51.07 56.79 77.23
CA SER D 178 -50.36 56.97 78.50
C SER D 178 -51.27 56.52 79.65
N THR D 179 -50.79 55.57 80.48
CA THR D 179 -51.55 55.01 81.59
C THR D 179 -51.03 55.52 82.94
N LEU D 180 -51.92 56.18 83.71
CA LEU D 180 -51.62 56.75 85.03
C LEU D 180 -52.06 55.81 86.17
N THR D 181 -51.18 54.85 86.52
CA THR D 181 -51.41 53.85 87.59
C THR D 181 -51.32 54.52 88.97
N LEU D 182 -52.45 54.53 89.72
CA LEU D 182 -52.56 55.14 91.06
C LEU D 182 -53.46 54.35 92.02
N SER D 183 -53.19 54.45 93.34
CA SER D 183 -53.97 53.79 94.39
C SER D 183 -55.28 54.55 94.64
N LYS D 184 -56.30 53.85 95.18
CA LYS D 184 -57.61 54.45 95.49
C LYS D 184 -57.52 55.47 96.64
N ALA D 185 -56.58 55.22 97.59
CA ALA D 185 -56.32 56.08 98.75
C ALA D 185 -55.85 57.48 98.34
N ASP D 186 -54.92 57.55 97.37
CA ASP D 186 -54.37 58.80 96.83
C ASP D 186 -55.35 59.46 95.83
N TYR D 187 -56.27 58.65 95.26
CA TYR D 187 -57.28 59.10 94.29
C TYR D 187 -58.38 59.96 94.91
N GLU D 188 -58.76 59.65 96.16
CA GLU D 188 -59.81 60.38 96.88
C GLU D 188 -59.33 61.75 97.41
N LYS D 189 -57.99 61.92 97.57
CA LYS D 189 -57.36 63.17 98.03
C LYS D 189 -57.49 64.30 97.00
N HIS D 190 -57.36 63.97 95.70
CA HIS D 190 -57.43 64.89 94.57
C HIS D 190 -58.80 64.79 93.84
N LYS D 191 -59.09 65.71 92.91
CA LYS D 191 -60.38 65.71 92.19
C LYS D 191 -60.29 65.91 90.68
N VAL D 192 -59.40 66.82 90.20
CA VAL D 192 -59.27 67.10 88.76
C VAL D 192 -57.95 66.54 88.19
N TYR D 193 -58.05 65.69 87.16
CA TYR D 193 -56.92 65.06 86.48
C TYR D 193 -56.84 65.47 85.01
N ALA D 194 -55.64 65.90 84.57
CA ALA D 194 -55.39 66.37 83.20
C ALA D 194 -54.10 65.82 82.60
N CYS D 195 -53.91 65.97 81.27
CA CYS D 195 -52.71 65.56 80.53
C CYS D 195 -52.32 66.61 79.48
N GLU D 196 -51.13 67.23 79.63
CA GLU D 196 -50.63 68.26 78.72
C GLU D 196 -49.96 67.59 77.52
N VAL D 197 -50.50 67.85 76.32
CA VAL D 197 -50.01 67.29 75.05
C VAL D 197 -49.21 68.35 74.28
N THR D 198 -47.95 68.04 73.94
CA THR D 198 -47.04 68.92 73.22
C THR D 198 -46.64 68.25 71.89
N HIS D 199 -47.09 68.82 70.75
CA HIS D 199 -46.83 68.28 69.41
C HIS D 199 -46.64 69.38 68.34
N GLN D 200 -46.01 69.02 67.19
CA GLN D 200 -45.76 69.90 66.05
C GLN D 200 -47.05 70.31 65.34
N GLY D 201 -48.03 69.40 65.30
CA GLY D 201 -49.33 69.62 64.68
C GLY D 201 -50.21 70.60 65.43
N LEU D 202 -49.94 70.80 66.73
CA LEU D 202 -50.66 71.72 67.62
C LEU D 202 -50.08 73.13 67.59
N SER D 203 -50.99 74.13 67.52
CA SER D 203 -50.66 75.56 67.52
C SER D 203 -50.25 75.97 68.94
N SER D 204 -50.97 75.45 69.94
CA SER D 204 -50.75 75.71 71.36
C SER D 204 -50.77 74.37 72.12
N PRO D 205 -49.88 74.17 73.12
CA PRO D 205 -49.90 72.89 73.88
C PRO D 205 -51.15 72.77 74.76
N VAL D 206 -52.23 72.22 74.17
CA VAL D 206 -53.53 72.07 74.83
C VAL D 206 -53.49 70.94 75.88
N THR D 207 -54.31 71.10 76.93
CA THR D 207 -54.44 70.18 78.05
C THR D 207 -55.92 69.77 78.16
N LYS D 208 -56.20 68.48 78.45
CA LYS D 208 -57.57 67.98 78.58
C LYS D 208 -57.82 67.35 79.96
N SER D 209 -58.70 67.99 80.76
CA SER D 209 -59.04 67.63 82.14
C SER D 209 -60.42 66.96 82.32
N PHE D 210 -60.59 66.29 83.48
CA PHE D 210 -61.85 65.62 83.88
C PHE D 210 -62.11 65.77 85.39
N ASN D 211 -63.36 66.14 85.75
CA ASN D 211 -63.81 66.31 87.14
C ASN D 211 -64.33 64.98 87.70
N ARG D 212 -63.86 64.61 88.91
CA ARG D 212 -64.22 63.37 89.61
C ARG D 212 -65.72 63.25 89.87
N GLY D 213 -66.27 62.08 89.54
CA GLY D 213 -67.67 61.72 89.73
C GLY D 213 -68.67 62.48 88.88
N GLU D 214 -68.88 63.76 89.20
CA GLU D 214 -69.82 64.67 88.53
C GLU D 214 -69.51 64.86 87.03
N CYS D 215 -70.55 64.89 86.19
CA CYS D 215 -70.42 65.05 84.73
C CYS D 215 -70.12 66.49 84.35
N ILE E 10 22.65 -21.98 -14.77
CA ILE E 10 22.82 -23.29 -14.14
C ILE E 10 21.58 -23.72 -13.33
N GLU E 11 20.97 -24.86 -13.73
CA GLU E 11 19.81 -25.43 -13.03
C GLU E 11 20.29 -26.00 -11.68
N GLY E 12 21.43 -26.70 -11.72
CA GLY E 12 22.07 -27.29 -10.55
C GLY E 12 22.88 -26.24 -9.82
N GLY E 13 22.28 -25.67 -8.76
CA GLY E 13 22.86 -24.64 -7.93
C GLY E 13 24.05 -25.08 -7.09
N TRP E 14 25.24 -24.49 -7.38
CA TRP E 14 26.53 -24.74 -6.72
C TRP E 14 26.48 -24.63 -5.19
N THR E 15 27.41 -25.32 -4.48
CA THR E 15 27.48 -25.38 -3.02
C THR E 15 28.92 -25.26 -2.48
N GLY E 16 29.84 -25.97 -3.12
CA GLY E 16 31.25 -26.05 -2.74
C GLY E 16 32.04 -24.76 -2.87
N MET E 17 31.61 -23.83 -3.74
CA MET E 17 32.32 -22.56 -3.97
C MET E 17 32.25 -21.62 -2.77
N VAL E 18 33.39 -21.02 -2.40
CA VAL E 18 33.56 -20.06 -1.29
C VAL E 18 34.37 -18.83 -1.73
N ASP E 19 34.72 -18.78 -3.03
CA ASP E 19 35.51 -17.72 -3.64
C ASP E 19 34.65 -16.49 -3.95
N GLY E 20 33.45 -16.72 -4.45
CA GLY E 20 32.50 -15.67 -4.81
C GLY E 20 31.09 -16.16 -5.08
N TRP E 21 30.43 -15.54 -6.07
CA TRP E 21 29.05 -15.83 -6.46
C TRP E 21 28.92 -16.53 -7.79
N TYR E 22 29.72 -16.11 -8.79
CA TYR E 22 29.64 -16.61 -10.17
C TYR E 22 30.86 -17.41 -10.65
N GLY E 23 30.59 -18.57 -11.25
CA GLY E 23 31.57 -19.48 -11.86
C GLY E 23 32.65 -19.99 -10.93
N ALA E 36 35.82 -18.82 -9.41
CA ALA E 36 34.95 -17.65 -9.48
C ALA E 36 35.61 -16.45 -10.16
N ASP E 37 34.91 -15.82 -11.13
CA ASP E 37 35.41 -14.63 -11.84
C ASP E 37 35.26 -13.43 -10.92
N LEU E 38 36.40 -12.74 -10.63
CA LEU E 38 36.46 -11.57 -9.76
C LEU E 38 35.74 -10.35 -10.29
N LYS E 39 35.91 -10.00 -11.58
CA LYS E 39 35.26 -8.83 -12.21
C LYS E 39 33.73 -8.91 -12.18
N SER E 40 33.16 -10.12 -12.35
CA SER E 40 31.72 -10.34 -12.34
C SER E 40 31.13 -10.16 -10.93
N THR E 41 31.71 -10.85 -9.92
CA THR E 41 31.27 -10.77 -8.52
C THR E 41 31.56 -9.38 -7.93
N GLN E 42 32.71 -8.76 -8.29
CA GLN E 42 33.12 -7.43 -7.83
C GLN E 42 32.10 -6.37 -8.28
N ASN E 43 31.66 -6.41 -9.56
CA ASN E 43 30.66 -5.49 -10.11
C ASN E 43 29.25 -5.78 -9.56
N ALA E 44 29.02 -7.03 -9.11
CA ALA E 44 27.76 -7.45 -8.50
C ALA E 44 27.68 -6.94 -7.05
N ILE E 45 28.73 -7.20 -6.22
CA ILE E 45 28.86 -6.74 -4.83
C ILE E 45 28.65 -5.22 -4.76
N ASP E 46 29.32 -4.48 -5.67
CA ASP E 46 29.26 -3.03 -5.80
C ASP E 46 27.83 -2.57 -6.13
N GLU E 47 27.18 -3.16 -7.15
CA GLU E 47 25.81 -2.79 -7.52
C GLU E 47 24.79 -3.16 -6.43
N ILE E 48 25.03 -4.25 -5.68
CA ILE E 48 24.16 -4.66 -4.58
C ILE E 48 24.25 -3.63 -3.44
N THR E 49 25.49 -3.39 -2.91
CA THR E 49 25.77 -2.44 -1.82
C THR E 49 25.26 -1.02 -2.11
N ASN E 50 25.28 -0.61 -3.38
CA ASN E 50 24.78 0.69 -3.81
C ASN E 50 23.25 0.70 -3.86
N LYS E 51 22.62 -0.43 -4.25
CA LYS E 51 21.15 -0.56 -4.29
C LYS E 51 20.59 -0.63 -2.88
N VAL E 52 21.37 -1.23 -1.95
CA VAL E 52 21.03 -1.36 -0.54
C VAL E 52 20.95 0.03 0.12
N ASN E 53 22.03 0.84 -0.03
CA ASN E 53 22.10 2.20 0.52
C ASN E 53 21.05 3.13 -0.10
N SER E 54 20.67 2.86 -1.36
CA SER E 54 19.68 3.63 -2.10
C SER E 54 18.26 3.27 -1.71
N VAL E 55 17.98 1.99 -1.38
CA VAL E 55 16.65 1.56 -0.97
C VAL E 55 16.34 2.02 0.47
N ILE E 56 17.38 2.13 1.32
CA ILE E 56 17.26 2.63 2.68
C ILE E 56 16.92 4.12 2.57
N GLU E 57 17.61 4.83 1.64
CA GLU E 57 17.40 6.24 1.32
C GLU E 57 15.98 6.43 0.77
N LYS E 58 15.54 5.54 -0.15
CA LYS E 58 14.22 5.56 -0.78
C LYS E 58 13.10 5.34 0.22
N MET E 59 13.37 4.60 1.32
CA MET E 59 12.38 4.37 2.38
C MET E 59 12.35 5.57 3.32
N ASN E 60 13.54 6.08 3.71
CA ASN E 60 13.71 7.25 4.58
C ASN E 60 13.09 8.50 3.94
N THR E 61 13.25 8.67 2.61
CA THR E 61 12.66 9.80 1.90
C THR E 61 11.16 9.58 1.75
N GLN E 62 10.71 8.31 1.71
CA GLN E 62 9.28 7.96 1.61
C GLN E 62 8.57 8.17 2.92
N PHE E 63 9.24 7.96 4.05
CA PHE E 63 8.65 8.20 5.37
C PHE E 63 8.40 9.69 5.53
N THR E 64 9.36 10.52 5.05
CA THR E 64 9.32 11.98 5.05
C THR E 64 8.21 12.44 4.09
N ALA E 65 8.06 11.74 2.95
CA ALA E 65 7.03 11.98 1.94
C ALA E 65 5.62 11.65 2.49
N VAL E 66 5.44 10.46 3.12
CA VAL E 66 4.16 10.02 3.72
C VAL E 66 3.86 10.92 4.95
N GLY E 67 4.90 11.62 5.45
CA GLY E 67 4.87 12.56 6.57
C GLY E 67 3.89 13.72 6.39
N LYS E 68 3.24 13.78 5.21
CA LYS E 68 2.20 14.72 4.83
C LYS E 68 0.79 14.15 5.23
N GLU E 69 0.80 13.36 6.28
CA GLU E 69 -0.39 12.73 6.82
C GLU E 69 -1.03 11.81 5.80
N LYS E 83 -3.04 11.89 17.92
CA LYS E 83 -2.33 12.45 16.79
C LYS E 83 -2.25 11.45 15.65
N VAL E 84 -3.43 11.03 15.19
CA VAL E 84 -3.61 10.05 14.10
C VAL E 84 -2.44 9.10 13.91
N ASP E 85 -1.71 8.84 15.00
CA ASP E 85 -0.57 7.94 14.97
C ASP E 85 -0.97 6.66 14.22
N ASP E 86 -1.57 5.74 14.94
CA ASP E 86 -2.04 4.47 14.36
C ASP E 86 -2.60 4.59 12.94
N GLY E 87 -3.27 5.68 12.64
CA GLY E 87 -3.81 5.81 11.30
C GLY E 87 -2.62 5.80 10.40
N PHE E 88 -1.85 6.87 10.51
CA PHE E 88 -0.66 7.07 9.72
C PHE E 88 0.16 5.81 9.57
N LEU E 89 0.72 5.38 10.68
CA LEU E 89 1.63 4.24 10.72
C LEU E 89 1.21 3.12 9.79
N ASP E 90 -0.07 2.69 9.85
CA ASP E 90 -0.63 1.64 8.98
C ASP E 90 -0.22 1.78 7.50
N ILE E 91 -0.26 3.03 6.99
CA ILE E 91 0.11 3.40 5.63
C ILE E 91 1.62 3.14 5.43
N TRP E 92 2.48 3.99 6.02
CA TRP E 92 3.95 3.95 5.94
C TRP E 92 4.54 2.55 6.15
N THR E 93 4.08 1.82 7.18
CA THR E 93 4.55 0.47 7.52
C THR E 93 4.33 -0.52 6.38
N TYR E 94 3.27 -0.33 5.57
CA TYR E 94 3.02 -1.18 4.42
C TYR E 94 3.86 -0.72 3.23
N ASN E 95 4.04 0.61 3.08
CA ASN E 95 4.84 1.22 2.02
C ASN E 95 6.33 0.87 2.17
N ALA E 96 6.81 0.77 3.42
CA ALA E 96 8.18 0.41 3.76
C ALA E 96 8.40 -1.07 3.47
N GLU E 97 7.39 -1.91 3.81
CA GLU E 97 7.42 -3.35 3.56
C GLU E 97 7.39 -3.61 2.06
N LEU E 98 6.57 -2.82 1.33
CA LEU E 98 6.39 -2.88 -0.12
C LEU E 98 7.72 -2.71 -0.87
N LEU E 99 8.52 -1.70 -0.50
CA LEU E 99 9.82 -1.41 -1.12
C LEU E 99 10.83 -2.54 -0.94
N VAL E 100 10.78 -3.22 0.21
CA VAL E 100 11.65 -4.36 0.54
C VAL E 100 11.27 -5.56 -0.35
N LEU E 101 9.97 -5.92 -0.39
CA LEU E 101 9.42 -7.03 -1.20
C LEU E 101 9.67 -6.78 -2.69
N LEU E 102 9.65 -5.49 -3.10
CA LEU E 102 9.86 -5.05 -4.47
C LEU E 102 11.33 -5.04 -4.85
N GLU E 103 12.21 -4.54 -3.98
CA GLU E 103 13.64 -4.51 -4.28
C GLU E 103 14.28 -5.89 -4.22
N ASN E 104 13.73 -6.80 -3.38
CA ASN E 104 14.19 -8.19 -3.26
C ASN E 104 13.84 -8.96 -4.54
N GLU E 105 12.66 -8.67 -5.14
CA GLU E 105 12.21 -9.25 -6.40
C GLU E 105 13.18 -8.82 -7.51
N ARG E 106 13.62 -7.54 -7.47
CA ARG E 106 14.56 -6.93 -8.42
C ARG E 106 16.01 -7.42 -8.23
N THR E 107 16.41 -7.76 -6.99
CA THR E 107 17.76 -8.26 -6.66
C THR E 107 17.97 -9.67 -7.19
N LEU E 108 17.02 -10.59 -6.89
CA LEU E 108 17.05 -12.00 -7.32
C LEU E 108 16.92 -12.14 -8.84
N ASP E 109 16.19 -11.22 -9.48
CA ASP E 109 16.04 -11.18 -10.93
C ASP E 109 17.30 -10.61 -11.58
N TYR E 110 18.06 -9.75 -10.83
CA TYR E 110 19.32 -9.15 -11.29
C TYR E 110 20.44 -10.19 -11.30
N HIS E 111 20.52 -11.03 -10.23
CA HIS E 111 21.52 -12.10 -10.08
C HIS E 111 21.32 -13.15 -11.18
N ASP E 112 20.05 -13.54 -11.42
CA ASP E 112 19.59 -14.49 -12.44
C ASP E 112 20.05 -14.04 -13.84
N SER E 113 19.93 -12.72 -14.12
CA SER E 113 20.33 -12.09 -15.38
C SER E 113 21.85 -12.10 -15.57
N ASN E 114 22.63 -12.06 -14.46
CA ASN E 114 24.09 -12.08 -14.52
C ASN E 114 24.64 -13.48 -14.79
N VAL E 115 23.96 -14.51 -14.26
CA VAL E 115 24.30 -15.93 -14.41
C VAL E 115 24.22 -16.32 -15.91
N LYS E 116 23.08 -16.00 -16.56
CA LYS E 116 22.80 -16.26 -17.97
C LYS E 116 23.79 -15.51 -18.87
N ASN E 117 24.12 -14.26 -18.52
CA ASN E 117 25.06 -13.42 -19.27
C ASN E 117 26.52 -13.89 -19.13
N LEU E 118 26.86 -14.59 -18.02
CA LEU E 118 28.20 -15.14 -17.83
C LEU E 118 28.36 -16.39 -18.69
N TYR E 119 27.29 -17.21 -18.80
CA TYR E 119 27.25 -18.41 -19.64
C TYR E 119 27.28 -18.00 -21.11
N GLU E 120 26.60 -16.89 -21.45
CA GLU E 120 26.54 -16.33 -22.81
C GLU E 120 27.87 -15.72 -23.25
N LYS E 121 28.79 -15.41 -22.30
CA LYS E 121 30.12 -14.88 -22.60
C LYS E 121 31.01 -16.04 -23.07
N VAL E 122 30.95 -17.19 -22.36
CA VAL E 122 31.69 -18.43 -22.64
C VAL E 122 31.18 -19.09 -23.94
N ARG E 123 29.84 -19.17 -24.10
CA ARG E 123 29.16 -19.75 -25.26
C ARG E 123 29.43 -18.96 -26.56
N SER E 124 29.62 -17.62 -26.46
CA SER E 124 29.90 -16.75 -27.61
C SER E 124 31.37 -16.86 -28.06
N GLN E 125 32.26 -17.31 -27.16
CA GLN E 125 33.70 -17.49 -27.44
C GLN E 125 33.99 -18.87 -28.07
N LEU E 126 33.04 -19.82 -27.95
CA LEU E 126 33.15 -21.18 -28.47
C LEU E 126 32.08 -21.44 -29.52
N CYS E 148 45.52 -22.20 -21.02
CA CYS E 148 44.57 -23.13 -21.63
C CYS E 148 43.13 -22.67 -21.37
N MET E 149 42.75 -22.56 -20.08
CA MET E 149 41.42 -22.17 -19.61
C MET E 149 41.28 -20.65 -19.49
N GLU E 150 42.39 -19.96 -19.20
CA GLU E 150 42.49 -18.51 -19.01
C GLU E 150 42.09 -17.66 -20.23
N SER E 151 42.14 -18.25 -21.45
CA SER E 151 41.78 -17.59 -22.71
C SER E 151 40.27 -17.29 -22.77
N VAL E 152 39.43 -18.21 -22.26
CA VAL E 152 37.97 -18.11 -22.20
C VAL E 152 37.60 -17.07 -21.13
N LYS E 153 38.29 -17.12 -19.96
CA LYS E 153 38.12 -16.22 -18.82
C LYS E 153 38.42 -14.76 -19.23
N ASN E 154 39.52 -14.56 -20.00
CA ASN E 154 39.97 -13.27 -20.48
C ASN E 154 39.36 -12.97 -21.86
N TYR E 159 38.74 -19.76 -29.80
CA TYR E 159 38.26 -20.79 -30.72
C TYR E 159 39.22 -21.09 -31.91
N PRO E 160 39.92 -20.13 -32.59
CA PRO E 160 40.79 -20.50 -33.72
C PRO E 160 41.97 -21.42 -33.41
N LYS E 161 42.42 -21.47 -32.13
CA LYS E 161 43.53 -22.31 -31.69
C LYS E 161 43.12 -23.79 -31.68
N TYR E 162 41.84 -24.09 -31.36
CA TYR E 162 41.29 -25.44 -31.26
C TYR E 162 40.18 -25.74 -32.31
N SER E 163 39.95 -24.82 -33.29
CA SER E 163 38.94 -24.95 -34.35
C SER E 163 39.17 -26.15 -35.28
N GLU E 164 40.45 -26.40 -35.65
CA GLU E 164 40.84 -27.51 -36.52
C GLU E 164 40.72 -28.88 -35.81
N GLU E 165 40.94 -28.89 -34.48
CA GLU E 165 40.84 -30.07 -33.62
C GLU E 165 39.38 -30.54 -33.50
N ALA E 166 38.46 -29.57 -33.41
CA ALA E 166 37.02 -29.79 -33.28
C ALA E 166 36.39 -30.47 -34.51
N LYS E 167 36.82 -30.08 -35.72
CA LYS E 167 36.32 -30.65 -36.98
C LYS E 167 36.64 -32.14 -37.13
N LEU E 168 37.82 -32.56 -36.64
CA LEU E 168 38.27 -33.96 -36.66
C LEU E 168 37.39 -34.80 -35.71
N ASN E 169 36.96 -34.21 -34.59
CA ASN E 169 36.10 -34.83 -33.58
C ASN E 169 34.60 -34.75 -33.92
N ARG E 170 34.21 -33.75 -34.73
CA ARG E 170 32.83 -33.57 -35.18
C ARG E 170 32.49 -34.54 -36.32
N GLU E 171 33.44 -34.74 -37.26
CA GLU E 171 33.31 -35.65 -38.40
C GLU E 171 33.26 -37.12 -37.99
N GLU E 172 34.12 -37.54 -37.03
CA GLU E 172 34.18 -38.92 -36.52
C GLU E 172 32.96 -39.30 -35.66
N ILE E 173 32.25 -38.29 -35.10
CA ILE E 173 31.06 -38.49 -34.26
C ILE E 173 29.77 -38.45 -35.12
N ASP E 174 29.67 -37.49 -36.07
CA ASP E 174 28.50 -37.35 -36.94
C ASP E 174 28.53 -38.37 -38.09
N ASN F 11 26.83 -21.45 0.37
CA ASN F 11 25.38 -21.49 0.23
C ASN F 11 24.65 -21.95 1.50
N ASN F 12 25.41 -22.55 2.44
CA ASN F 12 24.97 -23.11 3.73
C ASN F 12 23.97 -22.24 4.56
N SER F 13 23.99 -20.90 4.35
CA SER F 13 23.16 -19.89 5.04
C SER F 13 21.66 -20.19 5.02
N THR F 14 20.99 -19.87 6.14
CA THR F 14 19.55 -20.08 6.35
C THR F 14 18.69 -18.86 6.04
N ASP F 15 19.23 -17.63 6.25
CA ASP F 15 18.60 -16.31 6.08
C ASP F 15 17.53 -16.28 4.98
N THR F 16 16.30 -15.87 5.34
CA THR F 16 15.17 -15.86 4.41
C THR F 16 14.66 -14.43 4.10
N VAL F 17 14.36 -14.18 2.81
CA VAL F 17 13.84 -12.90 2.28
C VAL F 17 12.44 -13.10 1.69
N ASP F 18 11.64 -12.03 1.60
CA ASP F 18 10.29 -12.13 1.05
C ASP F 18 10.14 -11.21 -0.15
N THR F 19 9.51 -11.71 -1.24
CA THR F 19 9.28 -10.92 -2.46
C THR F 19 7.78 -10.65 -2.63
N VAL F 20 7.36 -10.12 -3.80
CA VAL F 20 5.94 -9.83 -4.09
C VAL F 20 5.24 -11.13 -4.49
N LEU F 21 5.97 -12.00 -5.22
CA LEU F 21 5.48 -13.31 -5.69
C LEU F 21 5.65 -14.36 -4.58
N GLU F 22 6.82 -15.02 -4.56
CA GLU F 22 7.24 -16.08 -3.65
C GLU F 22 7.61 -15.47 -2.30
N LYS F 23 6.90 -15.89 -1.24
CA LYS F 23 7.17 -15.39 0.11
C LYS F 23 8.03 -16.37 0.92
N ASN F 24 8.96 -15.82 1.73
CA ASN F 24 9.93 -16.52 2.58
C ASN F 24 10.81 -17.49 1.77
N VAL F 25 11.69 -16.90 0.93
CA VAL F 25 12.65 -17.56 0.04
C VAL F 25 14.04 -17.54 0.69
N THR F 26 14.74 -18.69 0.70
CA THR F 26 16.09 -18.84 1.27
C THR F 26 17.09 -18.05 0.42
N VAL F 27 18.01 -17.31 1.08
CA VAL F 27 19.03 -16.48 0.42
C VAL F 27 20.38 -16.59 1.18
N THR F 28 21.50 -16.76 0.43
CA THR F 28 22.87 -16.94 0.95
C THR F 28 23.42 -15.70 1.68
N HIS F 29 23.46 -14.56 0.99
CA HIS F 29 23.93 -13.32 1.58
C HIS F 29 22.72 -12.40 1.64
N SER F 30 22.45 -11.81 2.81
CA SER F 30 21.32 -10.90 3.05
C SER F 30 21.50 -10.07 4.31
N VAL F 31 21.02 -8.81 4.28
CA VAL F 31 21.15 -7.89 5.40
C VAL F 31 19.79 -7.48 5.98
N ASN F 32 19.71 -7.41 7.32
CA ASN F 32 18.52 -7.02 8.07
C ASN F 32 18.39 -5.49 8.06
N LEU F 33 17.21 -4.95 8.45
CA LEU F 33 16.95 -3.50 8.53
C LEU F 33 16.24 -3.16 9.84
N LEU F 34 15.54 -4.16 10.39
CA LEU F 34 14.72 -4.04 11.59
C LEU F 34 15.42 -4.49 12.86
N GLU F 35 15.25 -3.73 13.96
CA GLU F 35 15.74 -4.05 15.29
C GLU F 35 14.55 -4.25 16.22
N ASP F 36 14.41 -5.48 16.71
CA ASP F 36 13.32 -5.91 17.59
C ASP F 36 13.78 -6.03 19.05
N LYS F 37 15.11 -5.99 19.24
CA LYS F 37 15.76 -6.19 20.53
C LYS F 37 16.08 -4.88 21.28
N HIS F 38 15.71 -4.86 22.58
CA HIS F 38 15.90 -3.76 23.53
C HIS F 38 15.89 -4.26 24.99
N ASN F 39 16.42 -3.43 25.92
CA ASN F 39 16.43 -3.67 27.36
C ASN F 39 15.21 -2.95 27.94
N GLY F 40 14.70 -3.44 29.06
CA GLY F 40 13.55 -2.82 29.72
C GLY F 40 13.90 -1.52 30.45
N LYS F 41 15.19 -1.15 30.46
CA LYS F 41 15.72 0.02 31.15
C LYS F 41 15.55 1.30 30.36
N LEU F 42 15.34 2.43 31.08
CA LEU F 42 15.26 3.78 30.52
C LEU F 42 16.60 4.47 30.83
N CYS F 43 17.60 4.20 29.99
CA CYS F 43 18.95 4.69 30.13
C CYS F 43 19.07 6.20 29.91
N LYS F 44 20.13 6.83 30.45
CA LYS F 44 20.38 8.26 30.27
C LYS F 44 20.91 8.53 28.88
N LEU F 45 20.13 9.27 28.09
CA LEU F 45 20.44 9.61 26.71
C LEU F 45 21.74 10.40 26.55
N ARG F 46 22.72 9.77 25.85
CA ARG F 46 24.06 10.26 25.54
C ARG F 46 24.69 11.01 26.73
N GLY F 47 24.65 10.36 27.88
CA GLY F 47 25.22 10.86 29.12
C GLY F 47 24.24 11.55 30.04
N VAL F 48 23.56 12.62 29.54
CA VAL F 48 22.59 13.40 30.32
C VAL F 48 21.34 12.57 30.66
N ALA F 49 21.01 12.54 31.96
CA ALA F 49 19.90 11.76 32.52
C ALA F 49 18.51 12.37 32.32
N PRO F 50 17.43 11.55 32.26
CA PRO F 50 16.08 12.13 32.08
C PRO F 50 15.52 12.81 33.34
N LEU F 51 14.27 13.32 33.27
CA LEU F 51 13.64 13.99 34.42
C LEU F 51 12.41 13.21 34.83
N HIS F 52 12.53 12.42 35.88
CA HIS F 52 11.42 11.60 36.35
C HIS F 52 10.53 12.37 37.34
N LEU F 53 9.19 12.31 37.12
CA LEU F 53 8.17 12.95 37.97
C LEU F 53 7.29 11.82 38.52
N GLY F 54 7.71 11.22 39.62
CA GLY F 54 7.06 10.10 40.29
C GLY F 54 5.55 10.15 40.35
N LYS F 55 4.99 10.78 41.40
CA LYS F 55 3.55 10.97 41.61
C LYS F 55 3.17 12.38 41.14
N CYS F 56 3.71 12.78 39.98
CA CYS F 56 3.56 14.11 39.40
C CYS F 56 3.43 14.08 37.88
N ASN F 57 2.78 15.10 37.29
CA ASN F 57 2.72 15.28 35.85
C ASN F 57 3.50 16.55 35.52
N ILE F 58 3.71 16.87 34.22
CA ILE F 58 4.47 18.06 33.81
C ILE F 58 3.82 19.37 34.32
N ALA F 59 2.47 19.44 34.36
CA ALA F 59 1.75 20.62 34.86
C ALA F 59 2.02 20.81 36.36
N GLY F 60 1.75 19.77 37.15
CA GLY F 60 2.02 19.79 38.58
C GLY F 60 3.46 20.06 38.91
N TRP F 61 4.40 19.59 38.04
CA TRP F 61 5.83 19.82 38.24
C TRP F 61 6.23 21.27 38.03
N ILE F 62 5.89 21.81 36.84
CA ILE F 62 6.25 23.16 36.42
C ILE F 62 5.57 24.22 37.26
N LEU F 63 4.30 23.97 37.71
CA LEU F 63 3.52 24.93 38.52
C LEU F 63 4.04 25.02 39.94
N GLY F 64 4.55 23.91 40.45
CA GLY F 64 5.07 23.81 41.81
C GLY F 64 4.05 23.25 42.78
N ASN F 65 3.28 22.23 42.31
CA ASN F 65 2.26 21.51 43.08
C ASN F 65 2.87 21.04 44.42
N PRO F 66 2.25 21.35 45.58
CA PRO F 66 2.86 21.00 46.87
C PRO F 66 3.25 19.54 47.07
N GLU F 67 2.65 18.62 46.29
CA GLU F 67 2.99 17.19 46.38
C GLU F 67 4.30 16.87 45.64
N CYS F 68 4.88 17.88 44.92
CA CYS F 68 6.12 17.78 44.15
C CYS F 68 7.05 18.93 44.49
N ALA F 74 16.27 19.67 38.84
CA ALA F 74 17.51 19.42 38.09
C ALA F 74 17.80 20.50 37.02
N SER F 75 19.10 20.85 36.83
CA SER F 75 19.58 21.86 35.87
C SER F 75 19.39 21.45 34.41
N SER F 76 19.51 20.17 34.09
CA SER F 76 19.35 19.66 32.72
C SER F 76 18.82 18.24 32.69
N TRP F 77 18.17 17.88 31.57
CA TRP F 77 17.64 16.53 31.34
C TRP F 77 17.56 16.23 29.85
N SER F 78 17.58 14.94 29.50
CA SER F 78 17.53 14.50 28.12
C SER F 78 16.11 14.29 27.57
N TYR F 79 15.14 14.01 28.49
CA TYR F 79 13.70 13.77 28.22
C TYR F 79 12.94 13.70 29.55
N ILE F 80 11.62 13.88 29.54
CA ILE F 80 10.86 13.82 30.79
C ILE F 80 10.15 12.47 30.93
N VAL F 81 10.30 11.83 32.09
CA VAL F 81 9.65 10.55 32.39
C VAL F 81 8.51 10.82 33.36
N GLU F 82 7.29 10.60 32.88
CA GLU F 82 6.06 10.83 33.63
C GLU F 82 5.35 9.48 33.77
N THR F 83 5.00 9.09 35.00
CA THR F 83 4.30 7.84 35.29
C THR F 83 2.89 8.00 34.72
N PRO F 84 2.32 6.99 34.00
CA PRO F 84 0.94 7.16 33.50
C PRO F 84 -0.09 7.28 34.64
N SER F 85 0.20 6.57 35.75
CA SER F 85 -0.56 6.51 36.99
C SER F 85 -0.56 7.84 37.77
N SER F 86 0.43 8.72 37.51
CA SER F 86 0.58 10.03 38.15
C SER F 86 -0.50 11.01 37.70
N ASP F 87 -1.33 11.44 38.67
CA ASP F 87 -2.44 12.36 38.47
C ASP F 87 -2.24 13.67 39.27
N ASN F 88 -1.10 13.77 39.99
CA ASN F 88 -0.79 14.95 40.80
C ASN F 88 -0.26 16.14 40.00
N GLY F 89 -1.21 17.02 39.68
CA GLY F 89 -1.05 18.25 38.91
C GLY F 89 -2.36 18.99 38.88
N THR F 90 -2.30 20.33 39.05
CA THR F 90 -3.45 21.26 39.12
C THR F 90 -4.38 20.90 40.32
N CYS F 91 -3.83 20.98 41.56
CA CYS F 91 -4.48 20.76 42.86
C CYS F 91 -5.71 21.64 42.94
N TYR F 92 -5.58 22.90 42.48
CA TYR F 92 -6.70 23.82 42.40
C TYR F 92 -7.35 23.53 41.03
N PRO F 93 -8.68 23.30 40.95
CA PRO F 93 -9.29 22.97 39.66
C PRO F 93 -9.18 24.10 38.63
N GLY F 94 -9.03 23.73 37.36
CA GLY F 94 -8.95 24.72 36.29
C GLY F 94 -8.55 24.18 34.94
N ASP F 95 -8.07 25.06 34.06
CA ASP F 95 -7.64 24.68 32.72
C ASP F 95 -6.24 25.21 32.43
N PHE F 96 -5.31 24.28 32.10
CA PHE F 96 -3.95 24.65 31.74
C PHE F 96 -3.98 24.93 30.26
N ILE F 97 -3.81 26.21 29.91
CA ILE F 97 -3.86 26.71 28.55
C ILE F 97 -2.54 26.36 27.84
N ASP F 98 -2.63 25.71 26.65
CA ASP F 98 -1.51 25.24 25.81
C ASP F 98 -0.61 24.23 26.54
N TYR F 99 -1.17 23.43 27.47
CA TYR F 99 -0.38 22.45 28.24
C TYR F 99 0.38 21.49 27.31
N GLU F 100 -0.32 21.01 26.27
CA GLU F 100 0.15 20.11 25.22
C GLU F 100 1.31 20.75 24.46
N GLU F 101 1.21 22.07 24.22
CA GLU F 101 2.22 22.86 23.54
C GLU F 101 3.38 23.10 24.47
N LEU F 102 3.14 23.17 25.80
CA LEU F 102 4.19 23.36 26.82
C LEU F 102 5.02 22.09 27.04
N ARG F 103 4.36 20.91 27.07
CA ARG F 103 4.99 19.60 27.22
C ARG F 103 6.07 19.43 26.16
N GLU F 104 5.77 19.84 24.92
CA GLU F 104 6.69 19.85 23.76
C GLU F 104 7.95 20.71 24.11
N GLN F 105 7.74 21.98 24.57
CA GLN F 105 8.81 22.94 24.89
C GLN F 105 9.77 22.40 25.93
N LEU F 106 9.24 21.68 26.92
CA LEU F 106 10.04 21.15 28.01
C LEU F 106 10.63 19.74 27.80
N SER F 107 10.47 19.12 26.60
CA SER F 107 10.97 17.77 26.29
C SER F 107 12.42 17.52 26.75
N SER F 108 13.39 18.21 26.15
CA SER F 108 14.81 18.12 26.50
C SER F 108 15.31 19.52 26.85
N VAL F 109 16.27 19.62 27.80
CA VAL F 109 16.82 20.90 28.26
C VAL F 109 18.37 20.82 28.52
N SER F 110 19.08 21.91 28.13
CA SER F 110 20.52 22.12 28.27
C SER F 110 20.85 22.84 29.60
N SER F 111 20.05 23.87 29.97
CA SER F 111 20.14 24.65 31.22
C SER F 111 18.72 25.02 31.70
N PHE F 112 18.47 24.94 33.03
CA PHE F 112 17.16 25.21 33.63
C PHE F 112 17.24 25.84 35.02
N GLU F 113 17.44 27.16 35.05
CA GLU F 113 17.55 27.93 36.28
C GLU F 113 16.18 28.38 36.75
N ARG F 114 15.80 27.96 37.97
CA ARG F 114 14.57 28.39 38.62
C ARG F 114 14.99 29.58 39.48
N PHE F 115 14.34 30.73 39.29
CA PHE F 115 14.68 31.95 40.03
C PHE F 115 13.46 32.70 40.51
N GLU F 116 13.59 33.41 41.65
CA GLU F 116 12.51 34.24 42.19
C GLU F 116 12.39 35.48 41.29
N ILE F 117 11.51 35.39 40.26
CA ILE F 117 11.27 36.46 39.30
C ILE F 117 10.70 37.70 40.00
N PHE F 118 9.67 37.47 40.85
CA PHE F 118 9.02 38.48 41.65
C PHE F 118 8.96 37.92 43.09
N PRO F 119 10.04 38.12 43.88
CA PRO F 119 10.06 37.55 45.25
C PRO F 119 8.92 37.95 46.17
N LYS F 120 8.35 36.93 46.85
CA LYS F 120 7.23 37.03 47.79
C LYS F 120 7.39 38.17 48.80
N THR F 121 8.61 38.35 49.33
CA THR F 121 8.95 39.37 50.31
C THR F 121 8.64 40.80 49.83
N SER F 122 9.45 41.33 48.91
CA SER F 122 9.36 42.69 48.38
C SER F 122 8.25 42.93 47.35
N SER F 123 8.42 42.41 46.11
CA SER F 123 7.57 42.55 44.91
C SER F 123 6.11 42.97 45.09
N TRP F 124 5.38 42.37 46.05
CA TRP F 124 3.96 42.68 46.25
C TRP F 124 3.74 43.34 47.62
N PRO F 125 3.88 44.68 47.73
CA PRO F 125 3.76 45.34 49.05
C PRO F 125 2.38 45.88 49.41
N ASN F 126 1.57 46.27 48.41
CA ASN F 126 0.23 46.78 48.66
C ASN F 126 -0.84 45.69 48.50
N HIS F 127 -0.42 44.43 48.68
CA HIS F 127 -1.26 43.23 48.56
C HIS F 127 -0.90 42.14 49.58
N ASP F 128 -1.89 41.28 49.88
CA ASP F 128 -1.75 40.16 50.82
C ASP F 128 -1.32 38.94 50.01
N SER F 129 -0.10 38.48 50.27
CA SER F 129 0.49 37.31 49.61
C SER F 129 0.38 36.05 50.48
N ASP F 130 0.33 36.25 51.82
CA ASP F 130 0.29 35.19 52.82
C ASP F 130 -1.05 34.44 52.94
N LYS F 131 -2.19 35.10 52.61
CA LYS F 131 -3.51 34.45 52.71
C LYS F 131 -3.92 33.68 51.43
N GLY F 132 -3.07 33.73 50.40
CA GLY F 132 -3.33 33.02 49.15
C GLY F 132 -3.11 31.53 49.17
N VAL F 133 -3.71 30.84 50.16
CA VAL F 133 -3.63 29.37 50.33
C VAL F 133 -5.02 28.75 50.48
N THR F 134 -5.17 27.53 49.94
CA THR F 134 -6.45 26.82 49.95
C THR F 134 -6.30 25.34 50.33
N ALA F 135 -7.42 24.72 50.74
CA ALA F 135 -7.48 23.29 51.12
C ALA F 135 -7.43 22.38 49.90
N ALA F 136 -7.78 22.89 48.71
CA ALA F 136 -7.74 22.14 47.45
C ALA F 136 -6.29 21.77 47.08
N CYS F 137 -5.32 22.52 47.64
CA CYS F 137 -3.89 22.30 47.46
C CYS F 137 -3.25 21.95 48.81
N PRO F 138 -3.40 20.72 49.31
CA PRO F 138 -2.79 20.42 50.62
C PRO F 138 -1.35 19.96 50.55
N HIS F 139 -0.67 20.01 51.71
CA HIS F 139 0.71 19.59 51.93
C HIS F 139 0.89 19.40 53.43
N ALA F 140 1.00 18.13 53.85
CA ALA F 140 1.13 17.69 55.25
C ALA F 140 -0.07 18.11 56.12
N GLY F 141 -1.25 18.10 55.50
CA GLY F 141 -2.50 18.49 56.14
C GLY F 141 -2.84 19.96 56.03
N ALA F 142 -1.79 20.81 55.97
CA ALA F 142 -1.86 22.26 55.87
C ALA F 142 -2.41 22.75 54.56
N LYS F 143 -3.13 23.88 54.59
CA LYS F 143 -3.66 24.52 53.39
C LYS F 143 -2.43 25.12 52.70
N SER F 144 -2.04 24.56 51.56
CA SER F 144 -0.87 25.03 50.82
C SER F 144 -1.28 25.65 49.48
N PHE F 145 -0.33 25.76 48.54
CA PHE F 145 -0.50 26.33 47.21
C PHE F 145 0.72 25.98 46.36
N TYR F 146 0.73 26.39 45.07
CA TYR F 146 1.84 26.15 44.15
C TYR F 146 3.03 27.02 44.54
N LYS F 147 4.21 26.42 44.70
CA LYS F 147 5.41 27.12 45.13
C LYS F 147 5.90 28.19 44.18
N ASN F 148 5.74 27.97 42.87
CA ASN F 148 6.24 28.88 41.85
C ASN F 148 5.34 30.11 41.57
N LEU F 149 4.10 30.18 42.10
CA LEU F 149 3.23 31.36 41.89
C LEU F 149 2.40 31.73 43.14
N ILE F 150 2.29 33.05 43.43
CA ILE F 150 1.58 33.62 44.57
C ILE F 150 0.14 34.01 44.22
N TRP F 151 -0.83 33.59 45.07
CA TRP F 151 -2.24 33.96 44.91
C TRP F 151 -2.41 35.32 45.61
N LEU F 152 -2.44 36.40 44.82
CA LEU F 152 -2.56 37.76 45.37
C LEU F 152 -4.00 38.19 45.65
N VAL F 153 -4.25 38.53 46.92
CA VAL F 153 -5.52 39.00 47.45
C VAL F 153 -5.38 40.42 48.08
N LYS F 154 -6.52 41.13 48.28
CA LYS F 154 -6.56 42.51 48.81
C LYS F 154 -5.96 42.68 50.21
N LYS F 155 -5.16 43.74 50.39
CA LYS F 155 -4.49 44.09 51.64
C LYS F 155 -5.45 44.92 52.50
N GLY F 156 -6.35 44.24 53.21
CA GLY F 156 -7.36 44.86 54.08
C GLY F 156 -8.26 45.86 53.39
N ASN F 157 -9.23 45.37 52.59
CA ASN F 157 -10.23 46.12 51.80
C ASN F 157 -9.62 47.27 50.95
N SER F 158 -8.53 46.96 50.20
CA SER F 158 -7.81 47.88 49.31
C SER F 158 -6.85 47.14 48.38
N TYR F 159 -7.31 46.86 47.15
CA TYR F 159 -6.55 46.20 46.08
C TYR F 159 -6.25 47.24 44.97
N PRO F 160 -5.12 47.98 45.04
CA PRO F 160 -4.81 48.95 43.99
C PRO F 160 -4.24 48.28 42.74
N LYS F 161 -4.27 48.98 41.58
CA LYS F 161 -3.75 48.46 40.32
C LYS F 161 -2.25 48.17 40.43
N LEU F 162 -1.88 46.86 40.43
CA LEU F 162 -0.48 46.42 40.47
C LEU F 162 0.10 46.39 39.06
N SER F 163 1.40 46.70 38.93
CA SER F 163 2.04 46.70 37.61
C SER F 163 3.54 46.36 37.68
N LYS F 164 3.85 45.10 38.03
CA LYS F 164 5.23 44.64 38.09
C LYS F 164 5.70 44.24 36.71
N SER F 165 6.97 44.55 36.40
CA SER F 165 7.54 44.24 35.09
C SER F 165 8.93 43.63 35.21
N TYR F 166 9.16 42.48 34.55
CA TYR F 166 10.46 41.81 34.54
C TYR F 166 11.16 42.00 33.21
N ILE F 167 12.44 42.34 33.26
CA ILE F 167 13.28 42.54 32.08
C ILE F 167 14.24 41.38 32.05
N ASN F 168 14.25 40.63 30.94
CA ASN F 168 15.10 39.44 30.79
C ASN F 168 16.60 39.76 30.68
N ASP F 169 17.34 39.47 31.76
CA ASP F 169 18.78 39.68 31.85
C ASP F 169 19.56 38.35 31.81
N LYS F 170 18.84 37.21 31.96
CA LYS F 170 19.38 35.85 32.01
C LYS F 170 20.06 35.37 30.71
N GLY F 171 19.72 35.98 29.57
CA GLY F 171 20.30 35.61 28.28
C GLY F 171 19.63 34.41 27.63
N LYS F 172 18.93 33.59 28.44
CA LYS F 172 18.18 32.40 28.04
C LYS F 172 16.70 32.75 27.88
N GLU F 173 15.90 31.85 27.27
CA GLU F 173 14.46 32.03 27.13
C GLU F 173 13.87 31.82 28.53
N VAL F 174 13.16 32.82 29.07
CA VAL F 174 12.59 32.76 30.41
C VAL F 174 11.11 32.36 30.35
N LEU F 175 10.78 31.17 30.91
CA LEU F 175 9.42 30.65 30.99
C LEU F 175 8.74 31.26 32.22
N VAL F 176 7.60 31.93 32.02
CA VAL F 176 6.85 32.59 33.08
C VAL F 176 5.44 32.01 33.14
N LEU F 177 5.03 31.51 34.31
CA LEU F 177 3.69 30.95 34.49
C LEU F 177 2.90 31.80 35.48
N TRP F 178 1.60 31.94 35.25
CA TRP F 178 0.69 32.71 36.10
C TRP F 178 -0.71 32.17 35.98
N GLY F 179 -1.52 32.44 36.99
CA GLY F 179 -2.91 31.99 37.02
C GLY F 179 -3.90 33.13 37.00
N ILE F 180 -5.16 32.80 36.65
CA ILE F 180 -6.29 33.73 36.62
C ILE F 180 -7.38 33.03 37.42
N HIS F 181 -7.72 33.55 38.60
CA HIS F 181 -8.74 33.00 39.48
C HIS F 181 -10.13 33.48 39.08
N HIS F 182 -11.07 32.54 38.87
CA HIS F 182 -12.46 32.85 38.51
C HIS F 182 -13.37 32.50 39.72
N PRO F 183 -13.72 33.51 40.57
CA PRO F 183 -14.54 33.22 41.76
C PRO F 183 -15.95 32.78 41.42
N SER F 184 -16.47 31.80 42.18
CA SER F 184 -17.81 31.25 41.98
C SER F 184 -18.95 32.27 42.13
N THR F 185 -18.98 33.01 43.26
CA THR F 185 -20.00 34.02 43.54
C THR F 185 -19.43 35.42 43.32
N SER F 186 -20.32 36.39 43.05
CA SER F 186 -19.93 37.78 42.84
C SER F 186 -19.33 38.33 44.14
N ALA F 187 -19.86 37.89 45.28
CA ALA F 187 -19.43 38.23 46.63
C ALA F 187 -17.99 37.81 46.90
N ASP F 188 -17.58 36.65 46.35
CA ASP F 188 -16.22 36.12 46.49
C ASP F 188 -15.21 37.06 45.83
N GLN F 189 -15.56 37.63 44.66
CA GLN F 189 -14.73 38.58 43.94
C GLN F 189 -14.53 39.85 44.80
N GLN F 190 -15.61 40.34 45.42
CA GLN F 190 -15.56 41.52 46.28
C GLN F 190 -14.76 41.27 47.56
N SER F 191 -14.78 40.02 48.07
CA SER F 191 -14.08 39.68 49.31
C SER F 191 -12.59 39.38 49.13
N LEU F 192 -12.19 38.95 47.91
CA LEU F 192 -10.80 38.60 47.60
C LEU F 192 -10.06 39.73 46.92
N TYR F 193 -10.72 40.45 45.99
CA TYR F 193 -10.08 41.51 45.19
C TYR F 193 -10.80 42.86 45.21
N GLN F 194 -11.99 42.95 45.88
CA GLN F 194 -12.87 44.13 46.09
C GLN F 194 -13.35 44.86 44.80
N ASN F 195 -12.59 44.75 43.70
CA ASN F 195 -12.91 45.39 42.43
C ASN F 195 -13.81 44.46 41.64
N ALA F 196 -15.13 44.76 41.63
CA ALA F 196 -16.14 43.96 40.94
C ALA F 196 -15.81 43.82 39.46
N ASP F 197 -15.38 44.91 38.81
CA ASP F 197 -14.96 44.90 37.41
C ASP F 197 -13.44 44.95 37.37
N ALA F 198 -12.83 43.80 37.70
CA ALA F 198 -11.38 43.61 37.74
C ALA F 198 -10.92 43.03 36.42
N TYR F 199 -9.71 43.40 36.02
CA TYR F 199 -9.08 42.94 34.80
C TYR F 199 -7.66 42.47 35.07
N VAL F 200 -7.08 41.75 34.12
CA VAL F 200 -5.69 41.28 34.15
C VAL F 200 -5.10 41.54 32.76
N PHE F 201 -3.79 41.81 32.68
CA PHE F 201 -3.08 42.03 31.43
C PHE F 201 -1.64 41.56 31.53
N VAL F 202 -1.21 40.72 30.58
CA VAL F 202 0.16 40.21 30.51
C VAL F 202 0.78 40.62 29.18
N GLY F 203 1.73 41.55 29.24
CA GLY F 203 2.40 42.11 28.06
C GLY F 203 3.87 41.80 27.93
N SER F 204 4.22 41.08 26.84
CA SER F 204 5.56 40.69 26.40
C SER F 204 5.65 41.12 24.93
N SER F 205 6.81 41.00 24.29
CA SER F 205 6.89 41.36 22.87
C SER F 205 6.16 40.33 22.01
N ARG F 206 6.26 39.03 22.39
CA ARG F 206 5.59 37.93 21.69
C ARG F 206 4.18 37.65 22.25
N TYR F 207 3.97 37.80 23.58
CA TYR F 207 2.67 37.57 24.24
C TYR F 207 1.94 38.86 24.58
N SER F 208 0.61 38.88 24.39
CA SER F 208 -0.25 40.00 24.74
C SER F 208 -1.70 39.57 24.85
N LYS F 209 -2.20 39.49 26.09
CA LYS F 209 -3.58 39.12 26.35
C LYS F 209 -4.15 39.81 27.58
N THR F 210 -5.46 40.12 27.52
CA THR F 210 -6.24 40.77 28.59
C THR F 210 -7.18 39.70 29.16
N PHE F 211 -7.39 39.71 30.49
CA PHE F 211 -8.25 38.74 31.17
C PHE F 211 -9.29 39.40 32.05
N LYS F 212 -10.45 38.73 32.20
CA LYS F 212 -11.56 39.16 33.03
C LYS F 212 -12.14 37.91 33.70
N PRO F 213 -12.60 37.97 34.97
CA PRO F 213 -13.08 36.75 35.63
C PRO F 213 -14.46 36.27 35.20
N GLU F 214 -14.57 34.96 34.99
CA GLU F 214 -15.79 34.28 34.60
C GLU F 214 -16.45 33.82 35.91
N ILE F 215 -17.18 34.76 36.56
CA ILE F 215 -17.86 34.50 37.84
C ILE F 215 -19.10 33.63 37.63
N ALA F 216 -19.00 32.35 38.07
CA ALA F 216 -20.05 31.32 37.98
C ALA F 216 -19.78 30.16 38.94
N ILE F 217 -20.85 29.64 39.58
CA ILE F 217 -20.76 28.49 40.47
C ILE F 217 -20.65 27.23 39.58
N ARG F 218 -19.53 26.53 39.71
CA ARG F 218 -19.25 25.32 38.95
C ARG F 218 -19.28 24.07 39.88
N PRO F 219 -19.30 22.80 39.36
CA PRO F 219 -19.33 21.64 40.28
C PRO F 219 -18.10 21.56 41.17
N LYS F 220 -18.26 21.06 42.41
CA LYS F 220 -17.17 20.97 43.37
C LYS F 220 -16.11 19.94 42.98
N VAL F 221 -15.17 20.37 42.13
CA VAL F 221 -14.02 19.59 41.67
C VAL F 221 -12.92 19.93 42.67
N ARG F 222 -12.48 18.93 43.46
CA ARG F 222 -11.53 19.08 44.56
C ARG F 222 -12.12 20.07 45.59
N ASP F 223 -13.43 19.88 45.84
CA ASP F 223 -14.35 20.62 46.70
C ASP F 223 -14.19 22.15 46.60
N ARG F 224 -14.00 22.63 45.35
CA ARG F 224 -13.88 24.05 45.00
C ARG F 224 -14.89 24.40 43.92
N GLU F 225 -15.73 25.40 44.21
CA GLU F 225 -16.75 25.86 43.28
C GLU F 225 -16.15 26.73 42.15
N GLY F 226 -15.10 27.50 42.48
CA GLY F 226 -14.40 28.34 41.51
C GLY F 226 -13.32 27.60 40.75
N ARG F 227 -12.69 28.28 39.77
CA ARG F 227 -11.64 27.69 38.95
C ARG F 227 -10.46 28.64 38.76
N MET F 228 -9.32 28.10 38.32
CA MET F 228 -8.10 28.86 38.07
C MET F 228 -7.54 28.45 36.73
N ASN F 229 -7.46 29.38 35.77
CA ASN F 229 -6.85 29.05 34.49
C ASN F 229 -5.34 29.32 34.58
N TYR F 230 -4.51 28.39 34.08
CA TYR F 230 -3.06 28.50 34.13
C TYR F 230 -2.50 28.85 32.77
N TYR F 231 -1.90 30.05 32.65
CA TYR F 231 -1.32 30.57 31.40
C TYR F 231 0.22 30.64 31.48
N TRP F 232 0.88 30.50 30.31
CA TRP F 232 2.34 30.52 30.22
C TRP F 232 2.87 31.18 28.95
N THR F 233 4.08 31.76 29.04
CA THR F 233 4.80 32.36 27.91
C THR F 233 6.32 32.31 28.13
N LEU F 234 7.05 32.48 27.03
CA LEU F 234 8.51 32.53 27.01
C LEU F 234 8.91 33.97 26.71
N VAL F 235 9.91 34.48 27.42
CA VAL F 235 10.38 35.83 27.22
C VAL F 235 11.80 35.73 26.69
N GLU F 236 12.02 36.29 25.50
CA GLU F 236 13.31 36.31 24.83
C GLU F 236 14.27 37.21 25.64
N PRO F 237 15.61 36.96 25.64
CA PRO F 237 16.52 37.85 26.38
C PRO F 237 16.44 39.31 25.95
N GLY F 238 16.35 40.21 26.93
CA GLY F 238 16.25 41.65 26.71
C GLY F 238 14.84 42.20 26.79
N ASP F 239 13.85 41.36 26.43
CA ASP F 239 12.42 41.68 26.42
C ASP F 239 11.84 41.79 27.85
N LYS F 240 10.82 42.66 28.01
CA LYS F 240 10.15 42.92 29.29
C LYS F 240 8.71 42.38 29.33
N ILE F 241 8.39 41.65 30.40
CA ILE F 241 7.05 41.11 30.62
C ILE F 241 6.38 41.91 31.75
N THR F 242 5.28 42.61 31.42
CA THR F 242 4.51 43.45 32.34
C THR F 242 3.29 42.69 32.84
N PHE F 243 2.88 42.95 34.09
CA PHE F 243 1.72 42.32 34.73
C PHE F 243 0.79 43.35 35.35
N GLU F 244 -0.21 43.81 34.57
CA GLU F 244 -1.23 44.76 35.00
C GLU F 244 -2.44 44.02 35.59
N ALA F 245 -2.85 44.35 36.84
CA ALA F 245 -3.99 43.70 37.49
C ALA F 245 -4.68 44.55 38.56
N THR F 246 -6.01 44.38 38.65
CA THR F 246 -6.89 45.02 39.65
C THR F 246 -7.66 43.94 40.41
N GLY F 247 -7.24 42.69 40.22
CA GLY F 247 -7.81 41.51 40.87
C GLY F 247 -7.68 40.26 40.03
N ASN F 248 -7.94 39.10 40.66
CA ASN F 248 -7.98 37.75 40.10
C ASN F 248 -6.63 37.17 39.65
N LEU F 249 -5.56 37.99 39.59
CA LEU F 249 -4.26 37.49 39.14
C LEU F 249 -3.56 36.71 40.21
N VAL F 250 -2.97 35.57 39.81
CA VAL F 250 -2.13 34.66 40.61
C VAL F 250 -0.72 34.87 40.02
N VAL F 251 -0.04 35.91 40.54
CA VAL F 251 1.27 36.41 40.13
C VAL F 251 2.40 35.36 40.16
N PRO F 252 3.43 35.44 39.28
CA PRO F 252 4.53 34.47 39.37
C PRO F 252 5.50 34.82 40.52
N ARG F 253 6.05 33.77 41.15
CA ARG F 253 7.07 33.89 42.19
C ARG F 253 8.36 33.41 41.55
N TYR F 254 8.36 32.18 41.01
CA TYR F 254 9.52 31.60 40.34
C TYR F 254 9.28 31.43 38.85
N ALA F 255 10.31 31.79 38.04
CA ALA F 255 10.33 31.63 36.58
C ALA F 255 11.49 30.73 36.19
N PHE F 256 11.57 30.31 34.91
CA PHE F 256 12.62 29.40 34.50
C PHE F 256 13.41 29.87 33.29
N ALA F 257 14.66 30.30 33.55
CA ALA F 257 15.62 30.72 32.53
C ALA F 257 16.18 29.43 31.94
N MET F 258 15.66 29.05 30.79
CA MET F 258 16.00 27.79 30.14
C MET F 258 16.65 27.91 28.77
N GLU F 259 17.51 26.93 28.46
CA GLU F 259 18.23 26.77 27.21
C GLU F 259 17.74 25.42 26.65
N ARG F 260 16.97 25.47 25.57
CA ARG F 260 16.39 24.26 24.98
C ARG F 260 17.37 23.41 24.21
N ASN F 261 17.20 22.08 24.32
CA ASN F 261 17.95 21.07 23.57
C ASN F 261 16.98 20.56 22.48
N ALA F 262 17.48 19.80 21.49
CA ALA F 262 16.72 19.22 20.37
C ALA F 262 15.42 18.62 20.87
N GLY F 263 14.33 19.40 20.74
CA GLY F 263 13.00 19.03 21.21
C GLY F 263 12.45 17.73 20.67
N SER F 264 12.76 16.61 21.36
CA SER F 264 12.31 15.27 20.94
C SER F 264 10.95 14.87 21.59
N GLY F 265 10.94 14.09 22.67
CA GLY F 265 9.67 13.67 23.25
C GLY F 265 9.61 13.47 24.76
N ILE F 266 8.39 13.11 25.21
CA ILE F 266 8.03 12.82 26.61
C ILE F 266 7.61 11.37 26.70
N ILE F 267 8.35 10.61 27.53
CA ILE F 267 8.15 9.19 27.79
C ILE F 267 7.19 9.04 28.96
N ILE F 268 5.99 8.54 28.68
CA ILE F 268 4.95 8.30 29.69
C ILE F 268 4.96 6.79 29.92
N SER F 269 5.98 6.30 30.65
CA SER F 269 6.14 4.87 30.91
C SER F 269 6.50 4.53 32.34
N ASP F 270 6.00 3.37 32.81
CA ASP F 270 6.24 2.84 34.16
C ASP F 270 7.53 1.99 34.25
N THR F 271 8.24 1.80 33.10
CA THR F 271 9.50 1.03 33.01
C THR F 271 10.62 1.64 33.89
N PRO F 272 11.57 0.85 34.46
CA PRO F 272 12.59 1.45 35.34
C PRO F 272 13.65 2.28 34.62
N VAL F 273 14.45 3.03 35.39
CA VAL F 273 15.54 3.87 34.88
C VAL F 273 16.85 3.49 35.60
N HIS F 274 17.88 3.11 34.82
CA HIS F 274 19.19 2.69 35.32
C HIS F 274 20.34 3.61 34.88
N ASP F 275 21.55 3.39 35.44
CA ASP F 275 22.73 4.21 35.17
C ASP F 275 23.34 4.02 33.76
N CYS F 276 22.80 3.09 32.94
CA CYS F 276 23.25 2.83 31.56
C CYS F 276 23.16 4.08 30.65
N ASN F 277 23.90 4.07 29.52
CA ASN F 277 23.87 5.14 28.52
C ASN F 277 23.20 4.59 27.26
N THR F 278 22.56 5.46 26.44
CA THR F 278 21.91 5.03 25.20
C THR F 278 21.91 6.13 24.13
N THR F 279 21.97 5.73 22.84
CA THR F 279 21.95 6.63 21.67
C THR F 279 20.49 6.86 21.30
N CYS F 280 19.67 5.81 21.45
CA CYS F 280 18.24 5.80 21.16
C CYS F 280 17.44 5.31 22.37
N GLN F 281 16.36 6.03 22.70
CA GLN F 281 15.51 5.73 23.85
C GLN F 281 14.03 5.74 23.49
N THR F 282 13.30 4.67 23.90
CA THR F 282 11.85 4.51 23.68
C THR F 282 11.15 4.18 25.00
N PRO F 283 9.85 4.53 25.20
CA PRO F 283 9.16 4.17 26.46
C PRO F 283 9.23 2.69 26.84
N LYS F 284 9.28 1.78 25.83
CA LYS F 284 9.39 0.33 25.99
C LYS F 284 10.78 -0.05 26.53
N GLY F 285 11.80 0.71 26.13
CA GLY F 285 13.18 0.54 26.54
C GLY F 285 14.20 1.11 25.58
N ALA F 286 15.47 1.18 26.00
CA ALA F 286 16.57 1.75 25.21
C ALA F 286 17.03 0.85 24.04
N ILE F 287 17.57 1.46 22.98
CA ILE F 287 18.09 0.74 21.81
C ILE F 287 19.51 1.18 21.45
N ASN F 288 20.38 0.20 21.18
CA ASN F 288 21.76 0.43 20.76
C ASN F 288 21.96 -0.39 19.48
N THR F 289 21.57 0.22 18.34
CA THR F 289 21.63 -0.42 17.02
C THR F 289 22.09 0.50 15.88
N SER F 290 22.67 -0.13 14.83
CA SER F 290 23.13 0.52 13.61
C SER F 290 22.07 0.38 12.51
N LEU F 291 21.03 -0.45 12.77
CA LEU F 291 19.90 -0.73 11.87
C LEU F 291 19.06 0.50 11.53
N PRO F 292 18.61 0.68 10.27
CA PRO F 292 17.83 1.88 9.93
C PRO F 292 16.36 1.87 10.38
N PHE F 293 15.82 0.71 10.76
CA PHE F 293 14.42 0.60 11.18
C PHE F 293 14.26 -0.16 12.47
N GLN F 294 13.17 0.12 13.20
CA GLN F 294 12.90 -0.51 14.48
C GLN F 294 11.41 -0.74 14.68
N ASN F 295 11.04 -1.93 15.19
CA ASN F 295 9.65 -2.27 15.45
C ASN F 295 9.29 -2.23 16.94
N ILE F 296 10.15 -1.62 17.79
CA ILE F 296 10.00 -1.55 19.24
C ILE F 296 8.85 -0.60 19.70
N HIS F 297 8.99 0.73 19.48
CA HIS F 297 7.99 1.71 19.92
C HIS F 297 7.99 2.98 19.06
N PRO F 298 6.81 3.53 18.70
CA PRO F 298 6.77 4.74 17.86
C PRO F 298 7.43 5.99 18.46
N ILE F 299 7.35 6.17 19.79
CA ILE F 299 7.98 7.31 20.48
C ILE F 299 9.48 7.01 20.62
N THR F 300 10.34 7.91 20.11
CA THR F 300 11.81 7.76 20.11
C THR F 300 12.51 9.07 20.46
N ILE F 301 13.66 8.98 21.15
CA ILE F 301 14.48 10.12 21.56
C ILE F 301 15.95 9.89 21.17
N GLY F 302 16.52 10.81 20.39
CA GLY F 302 17.92 10.73 19.93
C GLY F 302 18.03 10.13 18.54
N LYS F 303 19.27 9.81 18.09
CA LYS F 303 19.50 9.18 16.77
C LYS F 303 18.81 7.83 16.79
N CYS F 304 17.60 7.78 16.21
CA CYS F 304 16.75 6.61 16.26
C CYS F 304 16.31 6.07 14.91
N PRO F 305 16.21 4.72 14.81
CA PRO F 305 15.72 4.10 13.57
C PRO F 305 14.20 4.29 13.51
N LYS F 306 13.71 4.93 12.41
CA LYS F 306 12.29 5.23 12.19
C LYS F 306 11.40 4.01 12.44
N TYR F 307 10.35 4.18 13.25
CA TYR F 307 9.43 3.10 13.63
C TYR F 307 8.64 2.51 12.47
N VAL F 308 8.48 1.19 12.52
CA VAL F 308 7.71 0.34 11.59
C VAL F 308 6.95 -0.73 12.42
N LYS F 309 5.82 -1.22 11.91
CA LYS F 309 5.01 -2.22 12.61
C LYS F 309 5.34 -3.65 12.19
N SER F 310 6.15 -3.79 11.11
CA SER F 310 6.59 -5.05 10.50
C SER F 310 7.30 -6.03 11.45
N THR F 311 7.15 -7.35 11.17
CA THR F 311 7.75 -8.46 11.93
C THR F 311 9.26 -8.45 11.74
N LYS F 312 9.70 -8.29 10.47
CA LYS F 312 11.10 -8.20 10.04
C LYS F 312 11.21 -7.62 8.63
N LEU F 313 12.33 -6.95 8.35
CA LEU F 313 12.67 -6.37 7.05
C LEU F 313 14.07 -6.87 6.64
N ARG F 314 14.16 -7.59 5.49
CA ARG F 314 15.42 -8.16 5.02
C ARG F 314 15.71 -7.86 3.55
N LEU F 315 16.94 -7.41 3.25
CA LEU F 315 17.37 -7.12 1.89
C LEU F 315 18.29 -8.20 1.38
N ALA F 316 17.97 -8.74 0.18
CA ALA F 316 18.74 -9.79 -0.46
C ALA F 316 20.05 -9.26 -1.00
N THR F 317 21.11 -10.07 -0.88
CA THR F 317 22.47 -9.74 -1.34
C THR F 317 22.95 -10.83 -2.35
N GLY F 318 22.57 -12.09 -2.13
CA GLY F 318 22.91 -13.23 -3.00
C GLY F 318 21.73 -14.13 -3.32
N LEU F 319 21.91 -15.15 -4.18
CA LEU F 319 20.81 -16.07 -4.55
C LEU F 319 20.47 -17.11 -3.44
N ARG F 320 19.70 -18.18 -3.81
CA ARG F 320 19.23 -19.30 -2.98
C ARG F 320 20.28 -20.46 -2.91
N ASN F 321 19.86 -21.77 -2.96
CA ASN F 321 20.81 -22.91 -2.94
C ASN F 321 21.70 -22.97 -4.20
N GLU G 1 19.10 -48.29 -40.09
CA GLU G 1 19.90 -48.30 -41.31
C GLU G 1 19.18 -47.65 -42.50
N VAL G 2 19.94 -47.28 -43.55
CA VAL G 2 19.45 -46.67 -44.79
C VAL G 2 19.92 -47.51 -46.03
N GLN G 3 19.14 -48.56 -46.41
CA GLN G 3 19.54 -49.47 -47.50
C GLN G 3 18.45 -49.82 -48.51
N LEU G 4 18.89 -50.10 -49.76
CA LEU G 4 18.05 -50.51 -50.88
C LEU G 4 18.28 -51.98 -51.17
N VAL G 5 17.18 -52.75 -51.16
CA VAL G 5 17.21 -54.19 -51.39
C VAL G 5 16.53 -54.48 -52.72
N GLN G 6 17.31 -54.75 -53.77
CA GLN G 6 16.80 -55.06 -55.11
C GLN G 6 16.30 -56.49 -55.25
N SER G 7 15.66 -56.80 -56.39
CA SER G 7 15.15 -58.14 -56.73
C SER G 7 16.34 -59.08 -57.01
N GLY G 8 16.07 -60.39 -56.86
CA GLY G 8 17.07 -61.43 -57.11
C GLY G 8 17.38 -61.63 -58.58
N ALA G 9 18.46 -62.40 -58.88
CA ALA G 9 18.93 -62.71 -60.22
C ALA G 9 17.83 -63.32 -61.09
N GLU G 10 17.70 -62.83 -62.33
CA GLU G 10 16.65 -63.29 -63.25
C GLU G 10 17.22 -63.72 -64.61
N VAL G 11 16.85 -64.93 -65.05
CA VAL G 11 17.27 -65.50 -66.34
C VAL G 11 16.00 -65.89 -67.12
N LYS G 12 15.79 -65.24 -68.28
CA LYS G 12 14.64 -65.48 -69.15
C LYS G 12 15.05 -65.39 -70.61
N LYS G 13 14.43 -66.22 -71.46
CA LYS G 13 14.67 -66.25 -72.90
C LYS G 13 14.06 -65.00 -73.57
N PRO G 14 14.66 -64.47 -74.66
CA PRO G 14 14.14 -63.23 -75.26
C PRO G 14 12.69 -63.26 -75.73
N GLY G 15 12.05 -62.11 -75.66
CA GLY G 15 10.65 -61.91 -76.01
C GLY G 15 9.75 -61.83 -74.80
N GLU G 16 10.14 -62.57 -73.72
CA GLU G 16 9.44 -62.68 -72.44
C GLU G 16 9.27 -61.35 -71.70
N SER G 17 8.34 -61.33 -70.70
CA SER G 17 8.05 -60.18 -69.86
C SER G 17 8.62 -60.41 -68.45
N LEU G 18 9.48 -59.48 -68.01
CA LEU G 18 10.15 -59.52 -66.70
C LEU G 18 10.01 -58.17 -65.99
N THR G 19 9.81 -58.19 -64.67
CA THR G 19 9.71 -56.98 -63.84
C THR G 19 10.58 -57.18 -62.59
N ILE G 20 11.56 -56.28 -62.37
CA ILE G 20 12.49 -56.37 -61.24
C ILE G 20 12.25 -55.25 -60.22
N SER G 21 12.16 -55.63 -58.94
CA SER G 21 11.90 -54.76 -57.80
C SER G 21 13.17 -54.14 -57.22
N CYS G 22 13.00 -53.16 -56.30
CA CYS G 22 14.03 -52.40 -55.61
C CYS G 22 13.29 -51.81 -54.41
N LYS G 23 13.53 -52.39 -53.21
CA LYS G 23 12.83 -52.05 -51.95
C LYS G 23 13.60 -51.10 -51.02
N GLY G 24 13.08 -49.89 -50.87
CA GLY G 24 13.64 -48.86 -50.00
C GLY G 24 13.39 -49.18 -48.55
N SER G 25 14.46 -49.18 -47.71
CA SER G 25 14.36 -49.54 -46.30
C SER G 25 14.97 -48.54 -45.32
N GLY G 26 14.27 -48.32 -44.21
CA GLY G 26 14.69 -47.44 -43.12
C GLY G 26 14.70 -45.96 -43.38
N TYR G 27 13.93 -45.50 -44.40
CA TYR G 27 13.83 -44.08 -44.76
C TYR G 27 12.49 -43.74 -45.45
N SER G 28 12.17 -42.43 -45.55
CA SER G 28 10.95 -41.94 -46.20
C SER G 28 11.14 -42.06 -47.71
N PHE G 29 10.85 -43.25 -48.24
CA PHE G 29 10.98 -43.66 -49.65
C PHE G 29 10.43 -42.65 -50.65
N SER G 30 9.25 -42.07 -50.33
CA SER G 30 8.54 -41.09 -51.16
C SER G 30 9.22 -39.71 -51.25
N SER G 31 10.03 -39.31 -50.24
CA SER G 31 10.74 -38.03 -50.21
C SER G 31 11.84 -37.93 -51.29
N TYR G 32 12.70 -38.96 -51.36
CA TYR G 32 13.83 -39.02 -52.30
C TYR G 32 13.47 -39.71 -53.60
N TRP G 33 14.02 -39.19 -54.74
CA TRP G 33 13.84 -39.72 -56.09
C TRP G 33 14.61 -41.04 -56.23
N ILE G 34 14.08 -42.05 -56.97
CA ILE G 34 14.75 -43.34 -57.21
C ILE G 34 15.05 -43.49 -58.69
N GLY G 35 16.31 -43.72 -59.01
CA GLY G 35 16.76 -43.90 -60.38
C GLY G 35 17.07 -45.34 -60.73
N TRP G 36 17.57 -45.56 -61.96
CA TRP G 36 17.94 -46.89 -62.44
C TRP G 36 19.17 -46.81 -63.35
N VAL G 37 20.21 -47.60 -63.05
CA VAL G 37 21.46 -47.63 -63.80
C VAL G 37 21.80 -49.06 -64.29
N ARG G 38 21.91 -49.24 -65.62
CA ARG G 38 22.25 -50.50 -66.30
C ARG G 38 23.76 -50.57 -66.49
N ARG G 39 24.30 -51.78 -66.52
CA ARG G 39 25.70 -52.08 -66.75
C ARG G 39 25.74 -53.33 -67.63
N MET G 40 26.16 -53.16 -68.88
CA MET G 40 26.24 -54.30 -69.79
C MET G 40 27.58 -55.04 -69.62
N PRO G 41 27.64 -56.40 -69.81
CA PRO G 41 28.91 -57.12 -69.62
C PRO G 41 30.06 -56.58 -70.48
N GLY G 42 31.07 -56.06 -69.80
CA GLY G 42 32.26 -55.48 -70.43
C GLY G 42 32.00 -54.14 -71.08
N LYS G 43 31.11 -53.35 -70.47
CA LYS G 43 30.74 -52.01 -70.94
C LYS G 43 30.61 -51.04 -69.75
N GLY G 44 30.36 -49.76 -70.05
CA GLY G 44 30.21 -48.71 -69.03
C GLY G 44 28.83 -48.64 -68.42
N LEU G 45 28.67 -47.76 -67.41
CA LEU G 45 27.38 -47.55 -66.72
C LEU G 45 26.46 -46.67 -67.55
N GLU G 46 25.26 -47.18 -67.82
CA GLU G 46 24.23 -46.50 -68.60
C GLU G 46 23.12 -46.07 -67.66
N TRP G 47 22.72 -44.80 -67.71
CA TRP G 47 21.62 -44.31 -66.89
C TRP G 47 20.29 -44.53 -67.64
N MET G 48 19.29 -45.08 -66.94
CA MET G 48 17.99 -45.41 -67.53
C MET G 48 16.90 -44.37 -67.29
N GLY G 49 16.70 -43.98 -66.03
CA GLY G 49 15.67 -43.01 -65.66
C GLY G 49 15.54 -42.77 -64.16
N ILE G 50 14.53 -41.95 -63.75
CA ILE G 50 14.23 -41.59 -62.35
C ILE G 50 12.73 -41.42 -62.05
N ILE G 51 12.29 -41.79 -60.82
CA ILE G 51 10.90 -41.62 -60.37
C ILE G 51 10.85 -40.96 -59.01
N ASN G 52 9.95 -39.98 -58.82
CA ASN G 52 9.70 -39.38 -57.51
C ASN G 52 8.53 -40.21 -56.99
N PRO G 53 8.73 -41.13 -56.01
CA PRO G 53 7.62 -42.01 -55.56
C PRO G 53 6.33 -41.32 -55.09
N ARG G 54 6.39 -40.09 -54.54
CA ARG G 54 5.18 -39.38 -54.12
C ARG G 54 4.38 -38.82 -55.33
N ASP G 55 5.11 -38.27 -56.34
CA ASP G 55 4.56 -37.70 -57.58
C ASP G 55 4.30 -38.76 -58.66
N SER G 56 4.88 -39.97 -58.48
CA SER G 56 4.80 -41.13 -59.37
C SER G 56 5.12 -40.83 -60.84
N ASP G 57 5.91 -39.76 -61.07
CA ASP G 57 6.31 -39.32 -62.41
C ASP G 57 7.65 -39.94 -62.84
N THR G 58 7.76 -40.27 -64.14
CA THR G 58 8.95 -40.90 -64.72
C THR G 58 9.60 -40.05 -65.79
N ARG G 59 10.93 -40.00 -65.78
CA ARG G 59 11.77 -39.28 -66.73
C ARG G 59 12.76 -40.31 -67.30
N TYR G 60 12.43 -40.90 -68.47
CA TYR G 60 13.25 -41.93 -69.13
C TYR G 60 14.39 -41.34 -69.96
N SER G 61 15.46 -42.14 -70.15
CA SER G 61 16.61 -41.80 -70.98
C SER G 61 16.21 -42.10 -72.44
N PRO G 62 16.70 -41.33 -73.45
CA PRO G 62 16.33 -41.62 -74.85
C PRO G 62 16.62 -43.06 -75.29
N SER G 63 17.73 -43.65 -74.81
CA SER G 63 18.15 -45.02 -75.10
C SER G 63 17.24 -46.10 -74.48
N PHE G 64 16.42 -45.74 -73.46
CA PHE G 64 15.54 -46.67 -72.74
C PHE G 64 14.04 -46.30 -72.77
N GLN G 65 13.70 -45.11 -73.30
CA GLN G 65 12.32 -44.62 -73.42
C GLN G 65 11.52 -45.50 -74.39
N GLY G 66 10.36 -45.96 -73.93
CA GLY G 66 9.46 -46.81 -74.69
C GLY G 66 9.74 -48.29 -74.51
N GLN G 67 11.02 -48.68 -74.63
CA GLN G 67 11.51 -50.06 -74.50
C GLN G 67 11.18 -50.67 -73.13
N VAL G 68 11.75 -50.08 -72.05
CA VAL G 68 11.55 -50.47 -70.66
C VAL G 68 10.60 -49.47 -69.97
N THR G 69 9.85 -49.96 -68.97
CA THR G 69 8.89 -49.14 -68.21
C THR G 69 9.29 -49.12 -66.73
N ILE G 70 9.49 -47.91 -66.16
CA ILE G 70 9.87 -47.73 -64.77
C ILE G 70 8.61 -47.48 -63.96
N SER G 71 8.29 -48.40 -63.05
CA SER G 71 7.12 -48.35 -62.19
C SER G 71 7.54 -48.00 -60.75
N ALA G 72 6.62 -47.46 -59.95
CA ALA G 72 6.89 -47.12 -58.55
C ALA G 72 5.66 -47.29 -57.67
N ASP G 73 5.85 -47.95 -56.51
CA ASP G 73 4.79 -48.17 -55.53
C ASP G 73 5.24 -47.65 -54.16
N LYS G 74 4.89 -46.37 -53.88
CA LYS G 74 5.20 -45.66 -52.64
C LYS G 74 4.63 -46.32 -51.40
N SER G 75 3.47 -47.02 -51.54
CA SER G 75 2.76 -47.73 -50.46
C SER G 75 3.57 -48.91 -49.92
N ILE G 76 4.15 -49.72 -50.83
CA ILE G 76 5.01 -50.87 -50.49
C ILE G 76 6.48 -50.40 -50.35
N SER G 77 6.76 -49.13 -50.72
CA SER G 77 8.07 -48.48 -50.73
C SER G 77 9.03 -49.28 -51.66
N THR G 78 8.54 -49.58 -52.88
CA THR G 78 9.25 -50.37 -53.88
C THR G 78 9.19 -49.75 -55.26
N ALA G 79 10.33 -49.76 -55.96
CA ALA G 79 10.46 -49.28 -57.32
C ALA G 79 10.57 -50.49 -58.23
N TYR G 80 10.14 -50.37 -59.50
CA TYR G 80 10.19 -51.47 -60.46
C TYR G 80 10.80 -51.06 -61.79
N LEU G 81 11.29 -52.05 -62.55
CA LEU G 81 11.84 -51.85 -63.89
C LEU G 81 11.20 -52.91 -64.79
N GLN G 82 9.92 -52.70 -65.11
CA GLN G 82 9.07 -53.59 -65.91
C GLN G 82 9.47 -53.60 -67.39
N TRP G 83 9.59 -54.81 -67.98
CA TRP G 83 9.94 -55.02 -69.39
C TRP G 83 8.74 -55.49 -70.19
N SER G 84 8.44 -54.74 -71.27
CA SER G 84 7.35 -55.01 -72.20
C SER G 84 7.62 -56.36 -72.91
N SER G 85 8.77 -56.42 -73.61
CA SER G 85 9.29 -57.60 -74.32
C SER G 85 10.81 -57.53 -74.24
N LEU G 86 11.43 -58.64 -73.82
CA LEU G 86 12.88 -58.71 -73.65
C LEU G 86 13.65 -58.89 -74.94
N LYS G 87 14.80 -58.22 -75.02
CA LYS G 87 15.74 -58.28 -76.15
C LYS G 87 17.00 -58.96 -75.66
N ALA G 88 17.80 -59.54 -76.57
CA ALA G 88 19.07 -60.18 -76.22
C ALA G 88 20.06 -59.12 -75.70
N SER G 89 19.82 -57.83 -76.06
CA SER G 89 20.59 -56.67 -75.64
C SER G 89 20.31 -56.30 -74.18
N ASP G 90 19.16 -56.76 -73.62
CA ASP G 90 18.76 -56.51 -72.22
C ASP G 90 19.56 -57.35 -71.20
N THR G 91 20.47 -58.25 -71.69
CA THR G 91 21.34 -59.07 -70.85
C THR G 91 22.32 -58.12 -70.18
N ALA G 92 22.02 -57.71 -68.93
CA ALA G 92 22.83 -56.75 -68.20
C ALA G 92 22.64 -56.80 -66.68
N MET G 93 23.45 -56.01 -65.95
CA MET G 93 23.41 -55.82 -64.50
C MET G 93 22.61 -54.51 -64.24
N TYR G 94 21.55 -54.60 -63.44
CA TYR G 94 20.69 -53.45 -63.20
C TYR G 94 20.72 -52.99 -61.75
N TYR G 95 21.03 -51.71 -61.54
CA TYR G 95 21.09 -51.08 -60.21
C TYR G 95 19.99 -50.03 -60.10
N CYS G 96 19.51 -49.76 -58.88
CA CYS G 96 18.55 -48.69 -58.59
C CYS G 96 19.25 -47.82 -57.55
N ALA G 97 18.96 -46.52 -57.51
CA ALA G 97 19.65 -45.67 -56.54
C ALA G 97 18.86 -44.48 -56.06
N ARG G 98 19.02 -44.16 -54.76
CA ARG G 98 18.35 -43.04 -54.10
C ARG G 98 19.07 -41.78 -54.53
N VAL G 99 18.35 -40.88 -55.23
CA VAL G 99 18.89 -39.64 -55.79
C VAL G 99 18.97 -38.52 -54.74
N VAL G 100 20.10 -37.80 -54.73
CA VAL G 100 20.42 -36.68 -53.85
C VAL G 100 19.99 -35.40 -54.57
N ALA G 101 19.18 -34.56 -53.89
CA ALA G 101 18.69 -33.32 -54.47
C ALA G 101 18.59 -32.21 -53.43
N ASP G 102 18.33 -30.96 -53.89
CA ASP G 102 18.19 -29.77 -53.06
C ASP G 102 16.96 -29.85 -52.13
N ARG G 103 17.12 -29.38 -50.88
CA ARG G 103 16.08 -29.37 -49.85
C ARG G 103 15.10 -28.19 -49.94
N GLU G 104 15.17 -27.42 -51.06
CA GLU G 104 14.33 -26.24 -51.31
C GLU G 104 13.31 -26.46 -52.44
N GLY G 105 13.37 -27.64 -53.07
CA GLY G 105 12.50 -28.04 -54.16
C GLY G 105 12.66 -27.16 -55.37
N PHE G 106 13.80 -27.30 -56.07
CA PHE G 106 14.16 -26.49 -57.23
C PHE G 106 14.48 -27.33 -58.47
N GLY G 107 14.88 -28.58 -58.26
CA GLY G 107 15.21 -29.48 -59.37
C GLY G 107 16.68 -29.70 -59.61
N TYR G 108 17.54 -29.30 -58.66
CA TYR G 108 18.98 -29.52 -58.75
C TYR G 108 19.26 -30.95 -58.27
N TYR G 109 19.91 -31.78 -59.10
CA TYR G 109 20.26 -33.14 -58.69
C TYR G 109 21.77 -33.29 -58.51
N TYR G 110 22.21 -33.70 -57.30
CA TYR G 110 23.62 -33.82 -56.90
C TYR G 110 24.30 -35.20 -57.15
N GLY G 111 23.53 -36.18 -57.61
CA GLY G 111 24.01 -37.55 -57.84
C GLY G 111 23.15 -38.53 -57.08
N MET G 112 23.60 -39.78 -56.90
CA MET G 112 22.80 -40.78 -56.17
C MET G 112 23.62 -41.50 -55.07
N ASP G 113 23.14 -41.43 -53.80
CA ASP G 113 23.83 -41.96 -52.60
C ASP G 113 23.60 -43.45 -52.29
N VAL G 114 22.37 -43.85 -51.89
CA VAL G 114 22.06 -45.23 -51.53
C VAL G 114 21.88 -46.03 -52.81
N TRP G 115 22.63 -47.12 -52.93
CA TRP G 115 22.56 -47.98 -54.11
C TRP G 115 22.10 -49.39 -53.74
N GLY G 116 21.43 -50.04 -54.68
CA GLY G 116 20.95 -51.42 -54.55
C GLY G 116 22.08 -52.41 -54.73
N GLN G 117 21.86 -53.71 -54.39
CA GLN G 117 22.93 -54.71 -54.51
C GLN G 117 23.28 -55.07 -55.99
N GLY G 118 22.30 -54.91 -56.89
CA GLY G 118 22.47 -55.21 -58.31
C GLY G 118 21.72 -56.46 -58.71
N THR G 119 20.79 -56.30 -59.65
CA THR G 119 20.00 -57.42 -60.16
C THR G 119 20.67 -57.94 -61.44
N THR G 120 20.99 -59.23 -61.45
CA THR G 120 21.66 -59.88 -62.58
C THR G 120 20.64 -60.46 -63.56
N VAL G 121 20.44 -59.77 -64.70
CA VAL G 121 19.48 -60.15 -65.73
C VAL G 121 20.18 -60.76 -66.95
N THR G 122 19.89 -62.04 -67.23
CA THR G 122 20.41 -62.79 -68.38
C THR G 122 19.28 -63.00 -69.38
N VAL G 123 19.46 -62.55 -70.64
CA VAL G 123 18.45 -62.69 -71.69
C VAL G 123 19.01 -63.46 -72.90
N SER G 124 19.03 -64.81 -72.80
CA SER G 124 19.52 -65.72 -73.84
C SER G 124 18.58 -66.90 -74.09
N SER G 125 18.51 -67.35 -75.35
CA SER G 125 17.65 -68.46 -75.80
C SER G 125 18.19 -69.84 -75.38
N ALA G 126 19.49 -69.89 -75.06
CA ALA G 126 20.34 -71.03 -74.69
C ALA G 126 19.71 -72.17 -73.87
N SER G 127 18.99 -71.84 -72.75
CA SER G 127 18.36 -72.79 -71.80
C SER G 127 19.36 -73.48 -70.85
N THR G 128 18.88 -73.92 -69.66
CA THR G 128 19.65 -74.57 -68.59
C THR G 128 20.40 -75.84 -69.04
N LYS G 129 21.74 -75.81 -68.92
CA LYS G 129 22.63 -76.94 -69.23
C LYS G 129 23.80 -76.97 -68.25
N GLY G 130 24.11 -78.16 -67.76
CA GLY G 130 25.22 -78.40 -66.85
C GLY G 130 26.57 -78.32 -67.55
N PRO G 131 27.70 -78.19 -66.80
CA PRO G 131 29.00 -78.07 -67.46
C PRO G 131 29.72 -79.38 -67.75
N SER G 132 30.30 -79.45 -68.96
CA SER G 132 31.10 -80.59 -69.40
C SER G 132 32.54 -80.33 -68.92
N VAL G 133 32.81 -80.66 -67.64
CA VAL G 133 34.10 -80.45 -66.96
C VAL G 133 35.18 -81.40 -67.52
N PHE G 134 36.34 -80.84 -67.95
CA PHE G 134 37.48 -81.60 -68.46
C PHE G 134 38.79 -81.17 -67.78
N PRO G 135 39.68 -82.12 -67.37
CA PRO G 135 40.95 -81.70 -66.73
C PRO G 135 42.02 -81.27 -67.74
N LEU G 136 43.11 -80.67 -67.24
CA LEU G 136 44.26 -80.22 -68.05
C LEU G 136 45.57 -80.56 -67.30
N ALA G 137 46.30 -81.58 -67.81
CA ALA G 137 47.55 -82.11 -67.25
C ALA G 137 48.70 -81.08 -67.16
N PRO G 138 49.53 -81.11 -66.08
CA PRO G 138 50.61 -80.12 -65.98
C PRO G 138 51.79 -80.33 -66.94
N ALA G 148 55.76 -76.20 -62.48
CA ALA G 148 54.76 -76.31 -63.54
C ALA G 148 53.33 -76.44 -62.97
N ALA G 149 52.41 -75.59 -63.49
CA ALA G 149 51.01 -75.48 -63.08
C ALA G 149 50.08 -76.45 -63.80
N LEU G 150 48.92 -76.76 -63.18
CA LEU G 150 47.89 -77.65 -63.73
C LEU G 150 46.53 -76.95 -63.83
N GLY G 151 45.81 -77.25 -64.92
CA GLY G 151 44.52 -76.65 -65.23
C GLY G 151 43.30 -77.49 -64.92
N CYS G 152 42.12 -76.89 -65.16
CA CYS G 152 40.80 -77.47 -64.92
C CYS G 152 39.79 -76.67 -65.76
N LEU G 153 39.38 -77.22 -66.91
CA LEU G 153 38.43 -76.57 -67.81
C LEU G 153 36.99 -76.87 -67.44
N VAL G 154 36.13 -75.83 -67.47
CA VAL G 154 34.69 -75.89 -67.22
C VAL G 154 34.07 -75.42 -68.54
N LYS G 155 33.69 -76.36 -69.44
CA LYS G 155 33.18 -76.00 -70.76
C LYS G 155 31.69 -76.27 -70.97
N ASP G 156 31.02 -75.35 -71.71
CA ASP G 156 29.62 -75.34 -72.14
C ASP G 156 28.60 -75.55 -71.00
N TYR G 157 28.06 -74.43 -70.47
CA TYR G 157 27.05 -74.40 -69.42
C TYR G 157 26.15 -73.17 -69.50
N PHE G 158 25.00 -73.21 -68.81
CA PHE G 158 24.03 -72.12 -68.74
C PHE G 158 23.17 -72.29 -67.48
N PRO G 159 22.89 -71.25 -66.67
CA PRO G 159 23.23 -69.82 -66.83
C PRO G 159 24.66 -69.46 -66.44
N GLU G 160 24.90 -68.69 -65.35
CA GLU G 160 26.26 -68.25 -65.02
C GLU G 160 26.85 -68.77 -63.66
N PRO G 161 26.15 -68.78 -62.48
CA PRO G 161 26.84 -69.20 -61.24
C PRO G 161 27.46 -70.61 -61.21
N VAL G 162 28.82 -70.65 -61.15
CA VAL G 162 29.67 -71.85 -61.08
C VAL G 162 30.79 -71.59 -60.05
N THR G 163 30.77 -72.35 -58.93
CA THR G 163 31.76 -72.22 -57.86
C THR G 163 32.82 -73.30 -58.02
N VAL G 164 34.10 -72.89 -58.11
CA VAL G 164 35.24 -73.81 -58.27
C VAL G 164 36.12 -73.79 -57.01
N SER G 165 36.42 -74.99 -56.46
CA SER G 165 37.24 -75.18 -55.26
C SER G 165 38.18 -76.37 -55.44
N TRP G 166 39.42 -76.27 -54.91
CA TRP G 166 40.39 -77.36 -55.01
C TRP G 166 40.45 -78.17 -53.72
N ASN G 167 40.43 -79.51 -53.86
CA ASN G 167 40.46 -80.51 -52.78
C ASN G 167 39.33 -80.27 -51.75
N SER G 168 38.11 -80.02 -52.27
CA SER G 168 36.86 -79.73 -51.54
C SER G 168 36.95 -78.48 -50.64
N GLY G 169 37.89 -77.59 -50.97
CA GLY G 169 38.14 -76.36 -50.24
C GLY G 169 39.32 -76.44 -49.28
N ALA G 170 40.45 -77.00 -49.75
CA ALA G 170 41.67 -77.14 -48.96
C ALA G 170 42.82 -76.30 -49.56
N LEU G 171 43.06 -76.46 -50.87
CA LEU G 171 44.09 -75.72 -51.62
C LEU G 171 43.56 -74.33 -51.94
N THR G 172 44.18 -73.32 -51.32
CA THR G 172 43.79 -71.90 -51.44
C THR G 172 44.91 -71.03 -52.02
N SER G 173 46.17 -71.39 -51.73
CA SER G 173 47.35 -70.64 -52.18
C SER G 173 47.65 -70.88 -53.66
N GLY G 174 47.91 -69.78 -54.39
CA GLY G 174 48.24 -69.78 -55.81
C GLY G 174 47.13 -70.23 -56.75
N VAL G 175 45.89 -70.27 -56.25
CA VAL G 175 44.69 -70.69 -56.99
C VAL G 175 44.17 -69.51 -57.84
N HIS G 176 44.06 -69.73 -59.17
CA HIS G 176 43.58 -68.74 -60.13
C HIS G 176 42.35 -69.27 -60.87
N THR G 177 41.17 -68.71 -60.55
CA THR G 177 39.91 -69.10 -61.20
C THR G 177 39.49 -67.94 -62.11
N PHE G 178 39.71 -68.12 -63.41
CA PHE G 178 39.44 -67.14 -64.46
C PHE G 178 37.97 -66.91 -64.73
N PRO G 179 37.56 -65.66 -65.08
CA PRO G 179 36.14 -65.40 -65.39
C PRO G 179 35.68 -66.11 -66.65
N ALA G 180 34.40 -66.45 -66.70
CA ALA G 180 33.79 -67.15 -67.82
C ALA G 180 33.51 -66.23 -69.00
N VAL G 181 33.48 -66.81 -70.22
CA VAL G 181 33.18 -66.11 -71.47
C VAL G 181 32.11 -66.87 -72.25
N LEU G 182 31.10 -66.15 -72.78
CA LEU G 182 30.03 -66.76 -73.56
C LEU G 182 30.57 -67.15 -74.94
N GLN G 183 30.42 -68.43 -75.31
CA GLN G 183 30.87 -68.97 -76.59
C GLN G 183 29.92 -68.56 -77.73
N SER G 184 30.33 -68.86 -78.98
CA SER G 184 29.55 -68.58 -80.19
C SER G 184 28.23 -69.35 -80.15
N SER G 185 28.25 -70.56 -79.53
CA SER G 185 27.09 -71.44 -79.32
C SER G 185 26.06 -70.81 -78.37
N GLY G 186 26.52 -69.90 -77.51
CA GLY G 186 25.70 -69.20 -76.53
C GLY G 186 25.83 -69.75 -75.13
N LEU G 187 26.81 -70.66 -74.91
CA LEU G 187 27.09 -71.31 -73.63
C LEU G 187 28.36 -70.77 -73.01
N TYR G 188 28.31 -70.44 -71.72
CA TYR G 188 29.47 -69.93 -70.97
C TYR G 188 30.50 -71.05 -70.73
N SER G 189 31.78 -70.66 -70.56
CA SER G 189 32.91 -71.57 -70.31
C SER G 189 34.07 -70.86 -69.59
N LEU G 190 34.59 -71.47 -68.50
CA LEU G 190 35.73 -70.91 -67.76
C LEU G 190 36.88 -71.91 -67.56
N SER G 191 37.98 -71.42 -66.97
CA SER G 191 39.20 -72.14 -66.68
C SER G 191 39.63 -71.90 -65.23
N SER G 192 40.31 -72.87 -64.61
CA SER G 192 40.79 -72.77 -63.23
C SER G 192 42.16 -73.45 -63.09
N VAL G 193 43.20 -72.67 -62.73
CA VAL G 193 44.58 -73.16 -62.59
C VAL G 193 45.17 -72.94 -61.18
N VAL G 194 46.33 -73.56 -60.91
CA VAL G 194 47.07 -73.43 -59.65
C VAL G 194 48.58 -73.66 -59.90
N THR G 195 49.41 -72.66 -59.55
CA THR G 195 50.87 -72.70 -59.69
C THR G 195 51.43 -73.63 -58.62
N VAL G 196 51.50 -74.94 -58.96
CA VAL G 196 51.99 -76.00 -58.08
C VAL G 196 53.49 -76.30 -58.29
N PRO G 197 54.23 -76.71 -57.24
CA PRO G 197 55.65 -77.01 -57.45
C PRO G 197 55.89 -78.36 -58.11
N SER G 198 57.00 -78.47 -58.85
CA SER G 198 57.39 -79.71 -59.52
C SER G 198 57.91 -80.77 -58.54
N SER G 199 58.07 -80.40 -57.25
CA SER G 199 58.56 -81.25 -56.16
C SER G 199 57.61 -82.40 -55.77
N SER G 200 56.28 -82.21 -55.85
CA SER G 200 55.31 -83.24 -55.50
C SER G 200 54.15 -83.34 -56.51
N LEU G 201 54.49 -83.63 -57.78
CA LEU G 201 53.54 -83.80 -58.88
C LEU G 201 53.12 -85.26 -59.03
N GLY G 202 51.80 -85.50 -59.09
CA GLY G 202 51.22 -86.83 -59.21
C GLY G 202 51.07 -87.54 -57.88
N THR G 203 52.14 -87.51 -57.04
CA THR G 203 52.23 -88.10 -55.70
C THR G 203 51.15 -87.51 -54.79
N GLN G 204 50.95 -86.18 -54.89
CA GLN G 204 49.92 -85.46 -54.15
C GLN G 204 48.63 -85.50 -54.98
N THR G 205 47.51 -85.92 -54.33
CA THR G 205 46.21 -86.02 -54.98
C THR G 205 45.60 -84.62 -55.15
N TYR G 206 45.54 -84.12 -56.41
CA TYR G 206 44.99 -82.80 -56.73
C TYR G 206 43.58 -82.93 -57.31
N ILE G 207 42.56 -82.71 -56.44
CA ILE G 207 41.14 -82.81 -56.77
C ILE G 207 40.58 -81.43 -57.14
N CYS G 208 39.83 -81.35 -58.26
CA CYS G 208 39.24 -80.11 -58.75
C CYS G 208 37.70 -80.18 -58.65
N ASN G 209 37.14 -79.62 -57.55
CA ASN G 209 35.71 -79.62 -57.25
C ASN G 209 34.98 -78.46 -57.91
N VAL G 210 34.13 -78.76 -58.89
CA VAL G 210 33.33 -77.78 -59.64
C VAL G 210 31.85 -78.11 -59.43
N ASN G 211 31.02 -77.07 -59.16
CA ASN G 211 29.59 -77.25 -58.96
C ASN G 211 28.74 -76.17 -59.64
N HIS G 212 27.64 -76.60 -60.26
CA HIS G 212 26.67 -75.73 -60.93
C HIS G 212 25.47 -75.64 -59.99
N LYS G 213 25.21 -74.45 -59.43
CA LYS G 213 24.10 -74.26 -58.48
C LYS G 213 22.71 -74.40 -59.14
N PRO G 214 22.37 -73.69 -60.27
CA PRO G 214 21.02 -73.87 -60.85
C PRO G 214 20.69 -75.29 -61.36
N SER G 215 21.45 -75.80 -62.36
CA SER G 215 21.21 -77.13 -62.93
C SER G 215 21.52 -78.31 -61.97
N ASN G 216 22.14 -78.01 -60.80
CA ASN G 216 22.56 -78.95 -59.75
C ASN G 216 23.60 -79.99 -60.23
N THR G 217 24.18 -79.77 -61.43
CA THR G 217 25.20 -80.63 -62.04
C THR G 217 26.54 -80.37 -61.33
N LYS G 218 26.82 -81.16 -60.28
CA LYS G 218 28.05 -81.04 -59.48
C LYS G 218 29.06 -82.10 -59.90
N VAL G 219 29.92 -81.76 -60.87
CA VAL G 219 30.95 -82.66 -61.43
C VAL G 219 32.34 -82.34 -60.84
N ASP G 220 32.87 -83.25 -60.00
CA ASP G 220 34.20 -83.12 -59.37
C ASP G 220 35.19 -84.11 -59.99
N LYS G 221 36.16 -83.60 -60.77
CA LYS G 221 37.16 -84.39 -61.49
C LYS G 221 38.58 -84.13 -61.01
N ARG G 222 39.36 -85.21 -60.84
CA ARG G 222 40.76 -85.16 -60.40
C ARG G 222 41.66 -84.85 -61.61
N VAL G 223 42.67 -83.99 -61.41
CA VAL G 223 43.64 -83.61 -62.45
C VAL G 223 44.79 -84.62 -62.41
N GLU G 224 44.98 -85.38 -63.53
CA GLU G 224 46.00 -86.41 -63.65
C GLU G 224 47.19 -86.00 -64.58
N PRO G 225 48.46 -86.17 -64.15
CA PRO G 225 49.58 -85.78 -65.01
C PRO G 225 49.95 -86.87 -66.01
N GLU H 1 23.56 -36.46 -75.88
CA GLU H 1 24.29 -36.89 -74.69
C GLU H 1 25.51 -36.01 -74.44
N ILE H 2 25.68 -35.56 -73.18
CA ILE H 2 26.82 -34.73 -72.76
C ILE H 2 27.93 -35.72 -72.43
N VAL H 3 28.70 -36.08 -73.48
CA VAL H 3 29.78 -37.07 -73.43
C VAL H 3 30.87 -36.70 -72.41
N LEU H 4 30.97 -37.53 -71.35
CA LEU H 4 31.99 -37.39 -70.32
C LEU H 4 33.13 -38.31 -70.71
N THR H 5 34.33 -37.74 -70.88
CA THR H 5 35.52 -38.50 -71.26
C THR H 5 36.58 -38.36 -70.16
N GLN H 6 36.74 -39.45 -69.37
CA GLN H 6 37.67 -39.54 -68.26
C GLN H 6 39.13 -39.71 -68.67
N SER H 7 40.02 -39.01 -67.94
CA SER H 7 41.47 -39.05 -68.15
C SER H 7 42.19 -39.27 -66.79
N PRO H 8 43.12 -40.24 -66.68
CA PRO H 8 43.61 -41.15 -67.72
C PRO H 8 42.73 -42.38 -67.88
N GLY H 9 43.21 -43.37 -68.63
CA GLY H 9 42.50 -44.62 -68.82
C GLY H 9 42.63 -45.48 -67.59
N THR H 10 43.85 -45.52 -67.02
CA THR H 10 44.22 -46.26 -65.82
C THR H 10 45.33 -45.51 -65.07
N LEU H 11 45.25 -45.52 -63.73
CA LEU H 11 46.23 -44.88 -62.87
C LEU H 11 47.04 -45.93 -62.11
N SER H 12 48.37 -45.94 -62.31
CA SER H 12 49.27 -46.88 -61.63
C SER H 12 49.96 -46.11 -60.50
N LEU H 13 49.52 -46.35 -59.25
CA LEU H 13 50.05 -45.65 -58.07
C LEU H 13 50.45 -46.59 -56.93
N SER H 14 51.45 -46.20 -56.13
CA SER H 14 51.92 -46.97 -54.97
C SER H 14 51.08 -46.59 -53.74
N PRO H 15 50.65 -47.58 -52.90
CA PRO H 15 49.82 -47.22 -51.72
C PRO H 15 50.50 -46.25 -50.78
N GLY H 16 50.12 -44.99 -50.89
CA GLY H 16 50.68 -43.89 -50.12
C GLY H 16 50.76 -42.63 -50.95
N GLU H 17 50.80 -42.78 -52.29
CA GLU H 17 50.86 -41.68 -53.25
C GLU H 17 49.53 -40.90 -53.34
N GLY H 18 49.55 -39.79 -54.09
CA GLY H 18 48.39 -38.93 -54.28
C GLY H 18 47.76 -39.05 -55.66
N ALA H 19 46.49 -39.48 -55.71
CA ALA H 19 45.73 -39.64 -56.95
C ALA H 19 45.02 -38.34 -57.36
N THR H 20 45.00 -38.07 -58.69
CA THR H 20 44.37 -36.89 -59.31
C THR H 20 43.62 -37.36 -60.57
N LEU H 21 42.30 -37.36 -60.54
CA LEU H 21 41.47 -37.87 -61.63
C LEU H 21 40.67 -36.79 -62.36
N SER H 22 40.76 -36.76 -63.71
CA SER H 22 40.08 -35.80 -64.58
C SER H 22 38.85 -36.39 -65.27
N CYS H 23 37.85 -35.53 -65.53
CA CYS H 23 36.60 -35.86 -66.19
C CYS H 23 36.16 -34.64 -67.01
N ARG H 24 36.52 -34.62 -68.31
CA ARG H 24 36.18 -33.52 -69.21
C ARG H 24 34.91 -33.75 -70.00
N ALA H 25 33.92 -32.87 -69.80
CA ALA H 25 32.60 -32.91 -70.42
C ALA H 25 32.59 -32.31 -71.83
N SER H 26 31.69 -32.84 -72.70
CA SER H 26 31.45 -32.40 -74.08
C SER H 26 31.15 -30.90 -74.11
N GLN H 27 30.17 -30.47 -73.29
CA GLN H 27 29.75 -29.08 -73.12
C GLN H 27 29.80 -28.71 -71.62
N SER H 28 29.71 -27.41 -71.29
CA SER H 28 29.76 -26.96 -69.89
C SER H 28 28.51 -27.36 -69.13
N VAL H 29 28.70 -28.02 -67.96
CA VAL H 29 27.63 -28.49 -67.07
C VAL H 29 27.80 -27.84 -65.68
N ASP H 30 26.69 -27.74 -64.90
CA ASP H 30 26.69 -27.15 -63.55
C ASP H 30 27.57 -28.00 -62.62
N SER H 31 28.34 -27.33 -61.74
CA SER H 31 29.24 -27.97 -60.77
C SER H 31 28.45 -28.84 -59.81
N SER H 32 27.31 -28.31 -59.31
CA SER H 32 26.40 -28.99 -58.39
C SER H 32 25.70 -30.21 -59.00
N SER H 33 25.76 -30.37 -60.33
CA SER H 33 25.17 -31.52 -61.01
C SER H 33 26.17 -32.70 -61.15
N LEU H 34 27.47 -32.46 -60.86
CA LEU H 34 28.53 -33.46 -60.99
C LEU H 34 28.78 -34.31 -59.72
N ALA H 35 29.08 -35.61 -59.91
CA ALA H 35 29.34 -36.57 -58.84
C ALA H 35 30.41 -37.59 -59.20
N TRP H 36 31.17 -38.06 -58.19
CA TRP H 36 32.24 -39.08 -58.30
C TRP H 36 31.87 -40.37 -57.57
N TYR H 37 32.00 -41.51 -58.26
CA TYR H 37 31.66 -42.84 -57.75
C TYR H 37 32.86 -43.79 -57.77
N GLN H 38 32.91 -44.73 -56.81
CA GLN H 38 33.96 -45.74 -56.71
C GLN H 38 33.32 -47.12 -56.78
N GLN H 39 33.70 -47.93 -57.78
CA GLN H 39 33.19 -49.29 -57.92
C GLN H 39 34.31 -50.30 -57.70
N LYS H 40 34.12 -51.20 -56.75
CA LYS H 40 35.09 -52.24 -56.45
C LYS H 40 34.68 -53.51 -57.22
N PRO H 41 35.62 -54.42 -57.59
CA PRO H 41 35.21 -55.62 -58.36
C PRO H 41 34.19 -56.49 -57.62
N GLY H 42 33.08 -56.76 -58.30
CA GLY H 42 31.98 -57.56 -57.77
C GLY H 42 31.23 -56.87 -56.65
N GLN H 43 31.08 -55.54 -56.77
CA GLN H 43 30.42 -54.69 -55.78
C GLN H 43 29.63 -53.58 -56.47
N ALA H 44 28.53 -53.13 -55.82
CA ALA H 44 27.69 -52.02 -56.28
C ALA H 44 28.45 -50.68 -56.12
N PRO H 45 28.19 -49.64 -56.95
CA PRO H 45 28.95 -48.38 -56.79
C PRO H 45 28.73 -47.65 -55.46
N ARG H 46 29.67 -46.76 -55.13
CA ARG H 46 29.66 -45.96 -53.91
C ARG H 46 29.77 -44.50 -54.28
N LEU H 47 29.03 -43.63 -53.58
CA LEU H 47 29.09 -42.19 -53.81
C LEU H 47 30.21 -41.61 -52.94
N LEU H 48 31.15 -40.87 -53.55
CA LEU H 48 32.30 -40.26 -52.87
C LEU H 48 32.07 -38.75 -52.74
N ILE H 49 31.90 -38.10 -53.89
CA ILE H 49 31.66 -36.67 -53.96
C ILE H 49 30.36 -36.49 -54.73
N PHE H 50 29.47 -35.66 -54.18
CA PHE H 50 28.20 -35.27 -54.78
C PHE H 50 28.21 -33.75 -54.81
N ALA H 51 27.42 -33.13 -55.71
CA ALA H 51 27.34 -31.67 -55.89
C ALA H 51 28.68 -31.02 -56.32
N GLY H 52 29.58 -31.82 -56.89
CA GLY H 52 30.87 -31.38 -57.40
C GLY H 52 32.02 -31.32 -56.42
N SER H 53 31.78 -30.76 -55.20
CA SER H 53 32.81 -30.61 -54.17
C SER H 53 32.45 -31.16 -52.77
N SER H 54 31.14 -31.29 -52.45
CA SER H 54 30.62 -31.82 -51.17
C SER H 54 30.99 -33.31 -50.97
N ARG H 55 31.57 -33.63 -49.80
CA ARG H 55 31.98 -35.00 -49.46
C ARG H 55 30.76 -35.80 -48.99
N ALA H 56 30.61 -37.04 -49.49
CA ALA H 56 29.47 -37.90 -49.17
C ALA H 56 29.39 -38.36 -47.72
N THR H 57 28.24 -38.97 -47.38
CA THR H 57 27.86 -39.51 -46.07
C THR H 57 28.78 -40.70 -45.68
N GLY H 58 29.78 -40.41 -44.86
CA GLY H 58 30.73 -41.40 -44.37
C GLY H 58 31.86 -41.71 -45.34
N ILE H 59 32.62 -40.66 -45.72
CA ILE H 59 33.77 -40.73 -46.64
C ILE H 59 34.96 -40.00 -45.98
N PRO H 60 36.20 -40.59 -45.97
CA PRO H 60 37.33 -39.91 -45.30
C PRO H 60 37.79 -38.60 -45.94
N ASP H 61 38.52 -37.77 -45.15
CA ASP H 61 39.07 -36.46 -45.48
C ASP H 61 39.97 -36.42 -46.73
N ARG H 62 40.63 -37.55 -47.06
CA ARG H 62 41.53 -37.69 -48.21
C ARG H 62 40.84 -37.44 -49.55
N PHE H 63 39.59 -37.91 -49.71
CA PHE H 63 38.78 -37.74 -50.92
C PHE H 63 38.21 -36.33 -51.01
N SER H 64 38.53 -35.60 -52.10
CA SER H 64 38.06 -34.22 -52.33
C SER H 64 37.66 -33.95 -53.80
N GLY H 65 36.69 -33.08 -54.01
CA GLY H 65 36.20 -32.72 -55.33
C GLY H 65 36.48 -31.29 -55.73
N LYS H 66 36.95 -31.08 -56.97
CA LYS H 66 37.28 -29.76 -57.52
C LYS H 66 36.68 -29.60 -58.93
N THR H 67 36.36 -28.36 -59.35
CA THR H 67 35.83 -28.05 -60.68
C THR H 67 36.07 -26.59 -61.06
N SER H 68 36.53 -26.35 -62.31
CA SER H 68 36.78 -25.03 -62.88
C SER H 68 36.84 -25.13 -64.40
N GLY H 69 35.82 -24.58 -65.06
CA GLY H 69 35.69 -24.59 -66.51
C GLY H 69 34.97 -25.83 -67.02
N THR H 70 35.74 -26.88 -67.35
CA THR H 70 35.24 -28.17 -67.86
C THR H 70 36.13 -29.34 -67.39
N ASP H 71 37.11 -29.07 -66.50
CA ASP H 71 38.10 -30.03 -66.03
C ASP H 71 37.56 -31.12 -65.07
N PHE H 72 36.97 -30.74 -63.90
CA PHE H 72 36.40 -31.65 -62.87
C PHE H 72 37.39 -32.71 -62.32
N THR H 73 37.81 -32.54 -61.04
CA THR H 73 38.83 -33.34 -60.36
C THR H 73 38.40 -34.06 -59.07
N LEU H 74 38.95 -35.27 -58.88
CA LEU H 74 38.83 -36.13 -57.70
C LEU H 74 40.26 -36.36 -57.21
N THR H 75 40.63 -35.73 -56.08
CA THR H 75 41.97 -35.82 -55.51
C THR H 75 42.00 -36.58 -54.18
N ILE H 76 42.94 -37.53 -54.04
CA ILE H 76 43.16 -38.31 -52.82
C ILE H 76 44.59 -38.06 -52.34
N SER H 77 44.77 -37.69 -51.06
CA SER H 77 46.09 -37.41 -50.50
C SER H 77 46.90 -38.71 -50.27
N ARG H 78 46.37 -39.63 -49.44
CA ARG H 78 46.98 -40.92 -49.14
C ARG H 78 46.15 -42.05 -49.75
N LEU H 79 46.73 -42.81 -50.67
CA LEU H 79 46.03 -43.93 -51.30
C LEU H 79 46.16 -45.16 -50.42
N GLU H 80 45.08 -45.48 -49.70
CA GLU H 80 45.04 -46.65 -48.81
C GLU H 80 44.78 -47.91 -49.66
N PRO H 81 45.09 -49.15 -49.18
CA PRO H 81 44.84 -50.35 -50.02
C PRO H 81 43.40 -50.48 -50.51
N GLU H 82 42.46 -49.94 -49.73
CA GLU H 82 41.01 -49.93 -49.99
C GLU H 82 40.65 -49.04 -51.17
N ASP H 83 41.43 -47.95 -51.40
CA ASP H 83 41.24 -46.95 -52.46
C ASP H 83 41.48 -47.45 -53.88
N PHE H 84 42.19 -48.57 -54.04
CA PHE H 84 42.50 -49.12 -55.36
C PHE H 84 41.28 -49.76 -56.02
N ALA H 85 40.53 -48.96 -56.80
CA ALA H 85 39.30 -49.41 -57.48
C ALA H 85 39.05 -48.60 -58.76
N VAL H 86 37.87 -48.79 -59.39
CA VAL H 86 37.47 -48.10 -60.61
C VAL H 86 36.70 -46.84 -60.23
N TYR H 87 37.11 -45.70 -60.78
CA TYR H 87 36.51 -44.40 -60.47
C TYR H 87 35.71 -43.83 -61.63
N TYR H 88 34.44 -43.51 -61.36
CA TYR H 88 33.51 -42.97 -62.35
C TYR H 88 33.03 -41.57 -62.00
N CYS H 89 32.83 -40.73 -63.02
CA CYS H 89 32.24 -39.41 -62.84
C CYS H 89 30.84 -39.45 -63.46
N GLN H 90 29.95 -38.57 -63.02
CA GLN H 90 28.59 -38.52 -63.55
C GLN H 90 28.03 -37.11 -63.52
N GLN H 91 27.30 -36.72 -64.58
CA GLN H 91 26.64 -35.42 -64.67
C GLN H 91 25.13 -35.63 -64.51
N CYS H 92 24.45 -34.70 -63.81
CA CYS H 92 23.00 -34.81 -63.56
C CYS H 92 22.22 -33.59 -64.09
N GLY H 93 22.90 -32.77 -64.90
CA GLY H 93 22.37 -31.56 -65.55
C GLY H 93 21.46 -31.90 -66.71
N ASN H 94 21.95 -31.90 -67.95
CA ASN H 94 21.03 -32.20 -69.05
C ASN H 94 20.77 -33.70 -69.17
N SER H 95 19.48 -34.08 -69.14
CA SER H 95 19.04 -35.46 -69.28
C SER H 95 19.32 -35.88 -70.73
N PRO H 96 19.88 -37.09 -71.00
CA PRO H 96 20.19 -38.17 -70.04
C PRO H 96 21.43 -37.91 -69.22
N TRP H 97 21.43 -38.46 -68.00
CA TRP H 97 22.57 -38.38 -67.09
C TRP H 97 23.59 -39.35 -67.66
N THR H 98 24.80 -38.87 -67.86
CA THR H 98 25.84 -39.71 -68.45
C THR H 98 26.95 -39.99 -67.45
N PHE H 99 27.51 -41.20 -67.53
CA PHE H 99 28.61 -41.62 -66.68
C PHE H 99 29.87 -41.57 -67.52
N GLY H 100 30.98 -41.27 -66.86
CA GLY H 100 32.29 -41.20 -67.50
C GLY H 100 32.80 -42.56 -67.95
N GLN H 101 33.98 -42.55 -68.59
CA GLN H 101 34.62 -43.75 -69.12
C GLN H 101 35.06 -44.71 -68.01
N GLY H 102 35.68 -44.17 -66.96
CA GLY H 102 36.14 -44.93 -65.80
C GLY H 102 37.62 -45.21 -65.81
N THR H 103 38.32 -44.72 -64.76
CA THR H 103 39.76 -44.88 -64.54
C THR H 103 39.99 -45.89 -63.40
N LYS H 104 40.74 -46.97 -63.67
CA LYS H 104 41.06 -47.97 -62.65
C LYS H 104 42.35 -47.58 -61.96
N VAL H 105 42.31 -47.56 -60.63
CA VAL H 105 43.48 -47.21 -59.84
C VAL H 105 44.12 -48.54 -59.40
N GLU H 106 45.29 -48.87 -59.99
CA GLU H 106 46.04 -50.11 -59.73
C GLU H 106 47.30 -49.89 -58.88
N ILE H 107 47.68 -50.91 -58.12
CA ILE H 107 48.87 -50.89 -57.25
C ILE H 107 50.10 -50.94 -58.16
N LYS H 108 50.94 -49.91 -58.07
CA LYS H 108 52.16 -49.84 -58.87
C LYS H 108 53.15 -50.86 -58.35
N ARG H 109 53.78 -51.59 -59.28
CA ARG H 109 54.80 -52.58 -58.98
C ARG H 109 55.82 -52.75 -60.13
N THR H 110 56.88 -53.54 -59.90
CA THR H 110 57.91 -53.83 -60.89
C THR H 110 57.33 -54.62 -62.05
N VAL H 111 57.87 -54.39 -63.27
CA VAL H 111 57.44 -55.07 -64.50
C VAL H 111 57.64 -56.58 -64.32
N ALA H 112 56.56 -57.35 -64.44
CA ALA H 112 56.60 -58.79 -64.28
C ALA H 112 56.27 -59.51 -65.58
N ALA H 113 57.20 -60.35 -66.05
CA ALA H 113 57.03 -61.14 -67.27
C ALA H 113 56.07 -62.29 -66.98
N PRO H 114 55.16 -62.66 -67.90
CA PRO H 114 54.21 -63.74 -67.59
C PRO H 114 54.81 -65.14 -67.58
N SER H 115 54.18 -66.02 -66.80
CA SER H 115 54.53 -67.44 -66.69
C SER H 115 53.60 -68.13 -67.71
N VAL H 116 54.10 -68.26 -68.97
CA VAL H 116 53.34 -68.80 -70.11
C VAL H 116 53.37 -70.34 -70.14
N PHE H 117 52.17 -70.96 -70.21
CA PHE H 117 51.97 -72.41 -70.28
C PHE H 117 50.89 -72.79 -71.31
N ILE H 118 51.07 -73.92 -72.02
CA ILE H 118 50.12 -74.42 -73.00
C ILE H 118 49.53 -75.76 -72.51
N PHE H 119 48.19 -75.87 -72.51
CA PHE H 119 47.48 -77.06 -72.06
C PHE H 119 46.84 -77.84 -73.20
N PRO H 120 47.23 -79.13 -73.39
CA PRO H 120 46.62 -79.94 -74.46
C PRO H 120 45.17 -80.33 -74.11
N PRO H 121 44.29 -80.60 -75.11
CA PRO H 121 42.90 -80.97 -74.78
C PRO H 121 42.80 -82.32 -74.07
N SER H 122 41.82 -82.46 -73.16
CA SER H 122 41.59 -83.70 -72.44
C SER H 122 41.11 -84.79 -73.38
N ASP H 123 41.49 -86.05 -73.11
CA ASP H 123 41.09 -87.19 -73.93
C ASP H 123 39.60 -87.53 -73.77
N GLU H 124 38.95 -86.98 -72.73
CA GLU H 124 37.51 -87.08 -72.44
C GLU H 124 36.76 -86.13 -73.39
N GLN H 125 37.37 -84.97 -73.69
CA GLN H 125 36.87 -83.92 -74.58
C GLN H 125 36.95 -84.39 -76.04
N LEU H 126 37.93 -85.25 -76.36
CA LEU H 126 38.12 -85.83 -77.69
C LEU H 126 36.92 -86.69 -78.09
N LYS H 127 36.27 -87.34 -77.10
CA LYS H 127 35.09 -88.19 -77.27
C LYS H 127 33.86 -87.41 -77.74
N SER H 128 33.81 -86.09 -77.45
CA SER H 128 32.68 -85.23 -77.85
C SER H 128 32.72 -84.85 -79.34
N GLY H 129 33.90 -84.47 -79.84
CA GLY H 129 34.11 -84.07 -81.23
C GLY H 129 34.55 -82.63 -81.42
N THR H 130 34.71 -81.89 -80.31
CA THR H 130 35.15 -80.49 -80.26
C THR H 130 36.11 -80.37 -79.08
N ALA H 131 37.40 -80.11 -79.35
CA ALA H 131 38.45 -79.99 -78.33
C ALA H 131 39.13 -78.62 -78.33
N SER H 132 39.39 -78.07 -77.13
CA SER H 132 39.99 -76.75 -76.98
C SER H 132 41.38 -76.78 -76.33
N VAL H 133 42.27 -75.87 -76.77
CA VAL H 133 43.64 -75.72 -76.26
C VAL H 133 43.73 -74.37 -75.52
N VAL H 134 44.36 -74.34 -74.32
CA VAL H 134 44.49 -73.13 -73.48
C VAL H 134 45.95 -72.67 -73.34
N CYS H 135 46.17 -71.33 -73.46
CA CYS H 135 47.47 -70.67 -73.33
C CYS H 135 47.43 -69.75 -72.08
N LEU H 136 47.76 -70.33 -70.90
CA LEU H 136 47.76 -69.64 -69.61
C LEU H 136 48.96 -68.71 -69.44
N LEU H 137 48.70 -67.48 -68.99
CA LEU H 137 49.70 -66.44 -68.76
C LEU H 137 49.64 -66.06 -67.28
N ASN H 138 50.27 -66.90 -66.42
CA ASN H 138 50.21 -66.68 -64.97
C ASN H 138 51.13 -65.58 -64.44
N ASN H 139 50.55 -64.73 -63.56
CA ASN H 139 51.13 -63.63 -62.78
C ASN H 139 52.14 -62.73 -63.56
N PHE H 140 51.64 -61.59 -64.05
CA PHE H 140 52.39 -60.58 -64.80
C PHE H 140 51.90 -59.14 -64.54
N TYR H 141 52.71 -58.12 -64.92
CA TYR H 141 52.40 -56.70 -64.75
C TYR H 141 53.11 -55.87 -65.84
N PRO H 142 52.43 -54.94 -66.53
CA PRO H 142 51.01 -54.56 -66.38
C PRO H 142 50.03 -55.48 -67.13
N ARG H 143 48.70 -55.29 -66.93
CA ARG H 143 47.61 -56.07 -67.56
C ARG H 143 47.72 -56.07 -69.10
N GLU H 144 48.33 -55.01 -69.63
CA GLU H 144 48.57 -54.70 -71.03
C GLU H 144 49.50 -55.75 -71.69
N ALA H 145 48.88 -56.75 -72.37
CA ALA H 145 49.54 -57.86 -73.06
C ALA H 145 48.68 -58.40 -74.23
N LYS H 146 49.30 -59.18 -75.17
CA LYS H 146 48.58 -59.77 -76.32
C LYS H 146 49.07 -61.18 -76.68
N VAL H 147 48.10 -62.11 -76.90
CA VAL H 147 48.33 -63.51 -77.27
C VAL H 147 47.85 -63.75 -78.72
N GLN H 148 48.68 -64.43 -79.53
CA GLN H 148 48.39 -64.76 -80.93
C GLN H 148 48.53 -66.27 -81.16
N TRP H 149 47.39 -66.97 -81.36
CA TRP H 149 47.37 -68.43 -81.56
C TRP H 149 47.93 -68.81 -82.94
N LYS H 150 49.02 -69.59 -82.95
CA LYS H 150 49.69 -70.07 -84.16
C LYS H 150 49.52 -71.57 -84.35
N VAL H 151 48.69 -71.95 -85.33
CA VAL H 151 48.44 -73.35 -85.71
C VAL H 151 49.23 -73.62 -86.99
N ASP H 152 50.44 -74.20 -86.83
CA ASP H 152 51.39 -74.51 -87.90
C ASP H 152 51.73 -73.25 -88.74
N ASN H 153 52.37 -72.25 -88.07
CA ASN H 153 52.76 -70.91 -88.60
C ASN H 153 51.56 -70.00 -88.92
N ALA H 154 50.44 -70.59 -89.37
CA ALA H 154 49.20 -69.89 -89.72
C ALA H 154 48.50 -69.37 -88.45
N LEU H 155 48.55 -68.04 -88.29
CA LEU H 155 47.97 -67.32 -87.16
C LEU H 155 46.44 -67.40 -87.25
N GLN H 156 45.80 -67.99 -86.22
CA GLN H 156 44.35 -68.19 -86.15
C GLN H 156 43.63 -67.11 -85.35
N SER H 157 42.51 -66.64 -85.89
CA SER H 157 41.67 -65.60 -85.29
C SER H 157 40.19 -66.00 -85.39
N GLY H 158 39.41 -65.65 -84.36
CA GLY H 158 37.98 -65.93 -84.28
C GLY H 158 37.65 -67.08 -83.35
N ASN H 159 38.32 -68.23 -83.55
CA ASN H 159 38.19 -69.46 -82.76
C ASN H 159 38.63 -69.22 -81.31
N SER H 160 39.61 -68.31 -81.12
CA SER H 160 40.18 -67.94 -79.83
C SER H 160 39.25 -66.99 -79.06
N GLN H 161 39.17 -67.20 -77.74
CA GLN H 161 38.39 -66.38 -76.80
C GLN H 161 39.29 -66.06 -75.60
N GLU H 162 39.38 -64.78 -75.22
CA GLU H 162 40.26 -64.36 -74.12
C GLU H 162 39.50 -63.96 -72.84
N SER H 163 40.16 -64.17 -71.68
CA SER H 163 39.66 -63.84 -70.34
C SER H 163 40.81 -63.43 -69.43
N VAL H 164 40.55 -62.49 -68.49
CA VAL H 164 41.56 -61.97 -67.56
C VAL H 164 41.04 -61.81 -66.15
N THR H 165 41.91 -62.09 -65.16
CA THR H 165 41.59 -61.91 -63.74
C THR H 165 42.09 -60.54 -63.32
N GLU H 166 41.42 -59.93 -62.32
CA GLU H 166 41.78 -58.63 -61.75
C GLU H 166 43.13 -58.69 -61.01
N GLN H 167 43.66 -57.51 -60.62
CA GLN H 167 44.93 -57.37 -59.89
C GLN H 167 44.92 -58.25 -58.63
N ASP H 168 45.98 -59.04 -58.44
CA ASP H 168 46.12 -59.95 -57.31
C ASP H 168 46.25 -59.20 -55.98
N SER H 169 45.58 -59.71 -54.94
CA SER H 169 45.59 -59.13 -53.58
C SER H 169 46.96 -59.27 -52.91
N LYS H 170 47.67 -60.38 -53.20
CA LYS H 170 48.95 -60.67 -52.59
C LYS H 170 50.15 -60.09 -53.35
N ASP H 171 50.25 -60.31 -54.68
CA ASP H 171 51.41 -59.85 -55.45
C ASP H 171 51.13 -58.82 -56.58
N SER H 172 49.91 -58.24 -56.63
CA SER H 172 49.47 -57.22 -57.59
C SER H 172 49.77 -57.58 -59.07
N THR H 173 49.53 -58.86 -59.44
CA THR H 173 49.78 -59.35 -60.79
C THR H 173 48.53 -59.94 -61.46
N TYR H 174 48.37 -59.63 -62.74
CA TYR H 174 47.28 -60.09 -63.58
C TYR H 174 47.61 -61.43 -64.23
N SER H 175 46.59 -62.17 -64.68
CA SER H 175 46.72 -63.47 -65.34
C SER H 175 45.73 -63.58 -66.52
N LEU H 176 46.18 -64.17 -67.66
CA LEU H 176 45.36 -64.35 -68.87
C LEU H 176 45.13 -65.82 -69.21
N SER H 177 43.94 -66.13 -69.77
CA SER H 177 43.56 -67.46 -70.21
C SER H 177 42.88 -67.36 -71.58
N SER H 178 43.58 -67.78 -72.64
CA SER H 178 43.06 -67.77 -74.01
C SER H 178 42.63 -69.19 -74.40
N THR H 179 41.36 -69.36 -74.79
CA THR H 179 40.80 -70.67 -75.15
C THR H 179 40.61 -70.80 -76.67
N LEU H 180 41.25 -71.82 -77.28
CA LEU H 180 41.19 -72.10 -78.71
C LEU H 180 40.18 -73.20 -79.03
N THR H 181 38.89 -72.82 -79.19
CA THR H 181 37.79 -73.74 -79.50
C THR H 181 37.87 -74.21 -80.95
N LEU H 182 38.07 -75.54 -81.15
CA LEU H 182 38.20 -76.19 -82.47
C LEU H 182 37.53 -77.57 -82.55
N SER H 183 37.08 -77.97 -83.76
CA SER H 183 36.47 -79.27 -84.01
C SER H 183 37.54 -80.36 -84.10
N LYS H 184 37.17 -81.63 -83.83
CA LYS H 184 38.08 -82.78 -83.90
C LYS H 184 38.54 -83.06 -85.34
N ALA H 185 37.66 -82.79 -86.33
CA ALA H 185 37.92 -82.96 -87.77
C ALA H 185 39.08 -82.08 -88.25
N ASP H 186 39.10 -80.80 -87.83
CA ASP H 186 40.15 -79.84 -88.18
C ASP H 186 41.40 -80.05 -87.33
N TYR H 187 41.27 -80.72 -86.16
CA TYR H 187 42.35 -81.01 -85.22
C TYR H 187 43.31 -82.09 -85.74
N GLU H 188 42.78 -83.10 -86.46
CA GLU H 188 43.57 -84.20 -87.01
C GLU H 188 44.39 -83.79 -88.24
N LYS H 189 43.98 -82.70 -88.93
CA LYS H 189 44.66 -82.15 -90.12
C LYS H 189 46.03 -81.54 -89.78
N HIS H 190 46.12 -80.86 -88.62
CA HIS H 190 47.33 -80.19 -88.11
C HIS H 190 47.99 -81.01 -86.99
N LYS H 191 49.21 -80.61 -86.55
CA LYS H 191 49.93 -81.36 -85.51
C LYS H 191 50.58 -80.51 -84.40
N VAL H 192 51.17 -79.35 -84.76
CA VAL H 192 51.84 -78.48 -83.79
C VAL H 192 51.05 -77.17 -83.55
N TYR H 193 50.69 -76.92 -82.27
CA TYR H 193 49.92 -75.73 -81.85
C TYR H 193 50.73 -74.86 -80.89
N ALA H 194 50.79 -73.54 -81.16
CA ALA H 194 51.54 -72.57 -80.37
C ALA H 194 50.76 -71.27 -80.09
N CYS H 195 51.27 -70.44 -79.16
CA CYS H 195 50.70 -69.13 -78.81
C CYS H 195 51.81 -68.09 -78.59
N GLU H 196 51.83 -67.04 -79.44
CA GLU H 196 52.83 -65.96 -79.36
C GLU H 196 52.40 -64.93 -78.33
N VAL H 197 53.22 -64.75 -77.27
CA VAL H 197 52.96 -63.81 -76.17
C VAL H 197 53.83 -62.57 -76.33
N THR H 198 53.19 -61.39 -76.36
CA THR H 198 53.84 -60.08 -76.52
C THR H 198 53.55 -59.22 -75.28
N HIS H 199 54.59 -58.95 -74.46
CA HIS H 199 54.46 -58.18 -73.21
C HIS H 199 55.69 -57.27 -72.93
N GLN H 200 55.51 -56.26 -72.03
CA GLN H 200 56.55 -55.31 -71.61
C GLN H 200 57.64 -56.00 -70.76
N GLY H 201 57.24 -56.98 -69.96
CA GLY H 201 58.14 -57.76 -69.11
C GLY H 201 59.08 -58.68 -69.87
N LEU H 202 58.70 -59.04 -71.12
CA LEU H 202 59.47 -59.90 -72.01
C LEU H 202 60.48 -59.13 -72.86
N SER H 203 61.72 -59.67 -72.94
CA SER H 203 62.81 -59.13 -73.74
C SER H 203 62.56 -59.39 -75.23
N SER H 204 62.06 -60.60 -75.52
CA SER H 204 61.73 -61.06 -76.87
C SER H 204 60.33 -61.70 -76.85
N PRO H 205 59.47 -61.47 -77.88
CA PRO H 205 58.14 -62.10 -77.89
C PRO H 205 58.22 -63.62 -78.08
N VAL H 206 58.35 -64.35 -76.97
CA VAL H 206 58.50 -65.80 -76.95
C VAL H 206 57.18 -66.50 -77.29
N THR H 207 57.28 -67.69 -77.92
CA THR H 207 56.17 -68.52 -78.34
C THR H 207 56.34 -69.91 -77.71
N LYS H 208 55.24 -70.53 -77.24
CA LYS H 208 55.28 -71.86 -76.62
C LYS H 208 54.38 -72.86 -77.34
N SER H 209 55.01 -73.88 -77.96
CA SER H 209 54.39 -74.91 -78.78
C SER H 209 54.27 -76.31 -78.13
N PHE H 210 53.38 -77.16 -78.68
CA PHE H 210 53.16 -78.54 -78.24
C PHE H 210 52.89 -79.48 -79.42
N ASN H 211 53.56 -80.66 -79.42
CA ASN H 211 53.43 -81.69 -80.46
C ASN H 211 52.29 -82.67 -80.10
N ARG H 212 51.39 -82.92 -81.08
CA ARG H 212 50.22 -83.80 -80.93
C ARG H 212 50.59 -85.23 -80.52
N GLY H 213 49.89 -85.74 -79.51
CA GLY H 213 50.05 -87.08 -78.98
C GLY H 213 51.36 -87.39 -78.28
N GLU H 214 52.45 -87.49 -79.07
CA GLU H 214 53.81 -87.81 -78.62
C GLU H 214 54.35 -86.77 -77.62
N CYS H 215 55.08 -87.25 -76.59
CA CYS H 215 55.65 -86.44 -75.52
C CYS H 215 56.86 -85.64 -75.98
C1 NAG I . -19.85 7.79 -35.56
C2 NAG I . -18.78 8.73 -36.15
C3 NAG I . -19.32 9.22 -37.49
C4 NAG I . -19.70 8.05 -38.40
C5 NAG I . -20.69 7.11 -37.71
C6 NAG I . -20.98 5.84 -38.48
C7 NAG I . -17.52 9.86 -34.33
C8 NAG I . -17.46 11.09 -33.48
N2 NAG I . -18.50 9.84 -35.26
O3 NAG I . -18.33 10.02 -38.13
O4 NAG I . -20.27 8.56 -39.60
O5 NAG I . -20.16 6.70 -36.43
O6 NAG I . -21.84 4.96 -37.77
O7 NAG I . -16.74 8.93 -34.18
C1 NAG J . -29.58 14.35 6.17
C2 NAG J . -29.76 15.63 5.35
C3 NAG J . -28.87 16.63 6.10
C4 NAG J . -29.41 16.86 7.51
C5 NAG J . -29.69 15.56 8.26
C6 NAG J . -30.62 15.74 9.44
C7 NAG J . -30.22 15.77 2.92
C8 NAG J . -29.74 15.32 1.58
N2 NAG J . -29.38 15.54 3.95
O3 NAG J . -28.80 17.86 5.39
O4 NAG J . -28.47 17.62 8.27
O5 NAG J . -30.29 14.57 7.40
O6 NAG J . -31.00 14.50 10.03
O7 NAG J . -31.33 16.29 3.09
C1 NAG K . 26.46 -0.54 21.87
C2 NAG K . 27.16 -1.72 22.57
C3 NAG K . 28.65 -1.72 22.28
C4 NAG K . 28.93 -1.64 20.77
C5 NAG K . 28.17 -0.47 20.15
C6 NAG K . 28.28 -0.38 18.64
C7 NAG K . 25.88 -2.26 24.60
C8 NAG K . 25.76 -2.03 26.08
N2 NAG K . 26.91 -1.65 24.00
O3 NAG K . 29.26 -2.89 22.82
O4 NAG K . 30.33 -1.50 20.55
O5 NAG K . 26.75 -0.56 20.47
O6 NAG K . 27.47 -1.33 17.96
O7 NAG K . 25.07 -2.95 23.99
C1 NAG L . 28.38 6.52 30.11
C2 NAG L . 28.79 7.96 29.78
C3 NAG L . 29.91 8.32 30.75
C4 NAG L . 29.44 8.19 32.20
C5 NAG L . 28.89 6.78 32.47
C6 NAG L . 28.18 6.68 33.81
C7 NAG L . 28.48 8.50 27.37
C8 NAG L . 29.18 8.67 26.05
N2 NAG L . 29.26 8.10 28.40
O3 NAG L . 30.37 9.64 30.50
O4 NAG L . 30.51 8.46 33.08
O5 NAG L . 27.92 6.41 31.47
O6 NAG L . 27.56 5.42 33.99
O7 NAG L . 27.27 8.68 27.48
C1 NAG M . -2.96 14.32 44.12
C2 NAG M . -3.00 12.96 44.81
C3 NAG M . -4.34 13.12 45.56
C4 NAG M . -4.26 14.24 46.60
C5 NAG M . -3.73 15.56 46.01
C6 NAG M . -3.18 16.52 47.03
C7 NAG M . -2.00 11.11 43.52
C8 NAG M . -2.20 10.20 42.34
N2 NAG M . -3.06 11.87 43.86
O3 NAG M . -4.73 11.89 46.17
O4 NAG M . -5.55 14.47 47.14
O5 NAG M . -2.66 15.32 45.08
O6 NAG M . -2.58 17.64 46.40
O7 NAG M . -0.94 11.17 44.12
C1 NAG N . 24.88 -20.43 -4.27
C2 NAG N . 26.36 -20.29 -4.66
C3 NAG N . 26.51 -19.83 -6.11
C4 NAG N . 25.60 -20.62 -7.05
C5 NAG N . 24.16 -20.53 -6.57
C6 NAG N . 23.15 -21.26 -7.43
C7 NAG N . 28.07 -19.39 -3.10
C8 NAG N . 28.30 -18.42 -1.99
N2 NAG N . 26.90 -19.28 -3.75
O3 NAG N . 27.86 -19.96 -6.52
O4 NAG N . 25.73 -20.13 -8.38
O5 NAG N . 24.07 -21.10 -5.25
O6 NAG N . 22.89 -20.58 -8.65
O7 NAG N . 28.90 -20.24 -3.40
C1 NAG O . 9.05 -18.51 6.53
C2 NAG O . 10.07 -19.60 6.87
C3 NAG O . 9.69 -20.54 8.02
C4 NAG O . 8.92 -19.78 9.10
C5 NAG O . 7.64 -19.20 8.48
C6 NAG O . 6.77 -18.47 9.48
C7 NAG O . 11.57 -20.91 5.37
C8 NAG O . 11.66 -21.64 4.06
N2 NAG O . 10.37 -20.37 5.66
O3 NAG O . 10.86 -21.14 8.58
O4 NAG O . 8.61 -20.66 10.18
O5 NAG O . 7.98 -18.23 7.46
O6 NAG O . 5.59 -17.95 8.87
O7 NAG O . 12.54 -20.80 6.12
#